data_5K1G
# 
_entry.id   5K1G 
# 
_audit_conform.dict_name       mmcif_pdbx.dic 
_audit_conform.dict_version    5.380 
_audit_conform.dict_location   http://mmcif.pdb.org/dictionaries/ascii/mmcif_pdbx.dic 
# 
loop_
_database_2.database_id 
_database_2.database_code 
_database_2.pdbx_database_accession 
_database_2.pdbx_DOI 
PDB   5K1G         pdb_00005k1g 10.2210/pdb5k1g/pdb 
WWPDB D_1000221570 ?            ?                   
# 
loop_
_pdbx_database_related.db_name 
_pdbx_database_related.details 
_pdbx_database_related.db_id 
_pdbx_database_related.content_type 
PDB . 5K2I unspecified 
PDB . 5K2J unspecified 
# 
_pdbx_database_status.status_code                     REL 
_pdbx_database_status.status_code_sf                  REL 
_pdbx_database_status.status_code_mr                  ? 
_pdbx_database_status.entry_id                        5K1G 
_pdbx_database_status.recvd_initial_deposition_date   2016-05-18 
_pdbx_database_status.SG_entry                        N 
_pdbx_database_status.deposit_site                    RCSB 
_pdbx_database_status.process_site                    PDBJ 
_pdbx_database_status.status_code_cs                  ? 
_pdbx_database_status.methods_development_category    ? 
_pdbx_database_status.pdb_format_compatible           Y 
_pdbx_database_status.status_code_nmr_data            ? 
# 
loop_
_audit_author.name 
_audit_author.pdbx_ordinal 
'Ahn, J.'   1 
'Ha, N.-C.' 2 
# 
_citation.abstract                  ? 
_citation.abstract_id_CAS           ? 
_citation.book_id_ISBN              ? 
_citation.book_publisher            ? 
_citation.book_publisher_city       ? 
_citation.book_title                ? 
_citation.coordinate_linkage        ? 
_citation.country                   UK 
_citation.database_id_Medline       ? 
_citation.details                   ? 
_citation.id                        primary 
_citation.journal_abbrev            IUCrJ 
_citation.journal_id_ASTM           ? 
_citation.journal_id_CSD            ? 
_citation.journal_id_ISSN           2052-2525 
_citation.journal_full              ? 
_citation.journal_issue             ? 
_citation.journal_volume            5 
_citation.language                  ? 
_citation.page_first                82 
_citation.page_last                 92 
_citation.title                     
'Crystal structure of peroxiredoxin 3 fromVibrio vulnificusand its implications for scavenging peroxides and nitric oxide.' 
_citation.year                      2018 
_citation.database_id_CSD           ? 
_citation.pdbx_database_id_DOI      10.1107/S205225251701750X 
_citation.pdbx_database_id_PubMed   29354274 
_citation.unpublished_flag          ? 
# 
loop_
_citation_author.citation_id 
_citation_author.name 
_citation_author.ordinal 
_citation_author.identifier_ORCID 
primary 'Ahn, J.'      1 ?                   
primary 'Jang, K.K.'   2 ?                   
primary 'Jo, I.'       3 0000-0002-7964-4751 
primary 'Nurhasni, H.' 4 ?                   
primary 'Lim, J.G.'    5 ?                   
primary 'Yoo, J.W.'    6 ?                   
primary 'Choi, S.H.'   7 ?                   
primary 'Ha, N.C.'     8 0000-0003-4813-748X 
# 
_cell.entry_id           5K1G 
_cell.length_a           73.871 
_cell.length_b           73.871 
_cell.length_c           62.254 
_cell.angle_alpha        90.00 
_cell.angle_beta         90.00 
_cell.angle_gamma        120.00 
_cell.Z_PDB              6 
_cell.pdbx_unique_axis   ? 
# 
_symmetry.entry_id                         5K1G 
_symmetry.space_group_name_H-M             'P 32 2 1' 
_symmetry.pdbx_full_space_group_name_H-M   ? 
_symmetry.cell_setting                     ? 
_symmetry.Int_Tables_number                154 
# 
loop_
_entity.id 
_entity.type 
_entity.src_method 
_entity.pdbx_description 
_entity.formula_weight 
_entity.pdbx_number_of_molecules 
_entity.pdbx_ec 
_entity.pdbx_mutation 
_entity.pdbx_fragment 
_entity.details 
1 polymer man '1-Cys peroxiredoxin' 17545.971 1  ? 'C48D, C73S' ? ? 
2 water   nat water                 18.015    37 ? ?            ? ? 
# 
_entity_poly.entity_id                      1 
_entity_poly.type                           'polypeptide(L)' 
_entity_poly.nstd_linkage                   no 
_entity_poly.nstd_monomer                   no 
_entity_poly.pdbx_seq_one_letter_code       
;MIAQGQTLPNATLSQLTKEGMVHHPVLELFAGKKVVLFAVPGAFTPTDSEAHLPGYIVLADQLKAKGVDLIASVSVNDAF
VMKAWGEAQNAEEILMLADGDASFTKALGLEMDTAGFGGLRSQRYAMIIDNGVVTTLNVEAPKSFEVSNAETILAALEHH
HHHH
;
_entity_poly.pdbx_seq_one_letter_code_can   
;MIAQGQTLPNATLSQLTKEGMVHHPVLELFAGKKVVLFAVPGAFTPTDSEAHLPGYIVLADQLKAKGVDLIASVSVNDAF
VMKAWGEAQNAEEILMLADGDASFTKALGLEMDTAGFGGLRSQRYAMIIDNGVVTTLNVEAPKSFEVSNAETILAALEHH
HHHH
;
_entity_poly.pdbx_strand_id                 A 
_entity_poly.pdbx_target_identifier         ? 
# 
loop_
_entity_poly_seq.entity_id 
_entity_poly_seq.num 
_entity_poly_seq.mon_id 
_entity_poly_seq.hetero 
1 1   MET n 
1 2   ILE n 
1 3   ALA n 
1 4   GLN n 
1 5   GLY n 
1 6   GLN n 
1 7   THR n 
1 8   LEU n 
1 9   PRO n 
1 10  ASN n 
1 11  ALA n 
1 12  THR n 
1 13  LEU n 
1 14  SER n 
1 15  GLN n 
1 16  LEU n 
1 17  THR n 
1 18  LYS n 
1 19  GLU n 
1 20  GLY n 
1 21  MET n 
1 22  VAL n 
1 23  HIS n 
1 24  HIS n 
1 25  PRO n 
1 26  VAL n 
1 27  LEU n 
1 28  GLU n 
1 29  LEU n 
1 30  PHE n 
1 31  ALA n 
1 32  GLY n 
1 33  LYS n 
1 34  LYS n 
1 35  VAL n 
1 36  VAL n 
1 37  LEU n 
1 38  PHE n 
1 39  ALA n 
1 40  VAL n 
1 41  PRO n 
1 42  GLY n 
1 43  ALA n 
1 44  PHE n 
1 45  THR n 
1 46  PRO n 
1 47  THR n 
1 48  ASP n 
1 49  SER n 
1 50  GLU n 
1 51  ALA n 
1 52  HIS n 
1 53  LEU n 
1 54  PRO n 
1 55  GLY n 
1 56  TYR n 
1 57  ILE n 
1 58  VAL n 
1 59  LEU n 
1 60  ALA n 
1 61  ASP n 
1 62  GLN n 
1 63  LEU n 
1 64  LYS n 
1 65  ALA n 
1 66  LYS n 
1 67  GLY n 
1 68  VAL n 
1 69  ASP n 
1 70  LEU n 
1 71  ILE n 
1 72  ALA n 
1 73  SER n 
1 74  VAL n 
1 75  SER n 
1 76  VAL n 
1 77  ASN n 
1 78  ASP n 
1 79  ALA n 
1 80  PHE n 
1 81  VAL n 
1 82  MET n 
1 83  LYS n 
1 84  ALA n 
1 85  TRP n 
1 86  GLY n 
1 87  GLU n 
1 88  ALA n 
1 89  GLN n 
1 90  ASN n 
1 91  ALA n 
1 92  GLU n 
1 93  GLU n 
1 94  ILE n 
1 95  LEU n 
1 96  MET n 
1 97  LEU n 
1 98  ALA n 
1 99  ASP n 
1 100 GLY n 
1 101 ASP n 
1 102 ALA n 
1 103 SER n 
1 104 PHE n 
1 105 THR n 
1 106 LYS n 
1 107 ALA n 
1 108 LEU n 
1 109 GLY n 
1 110 LEU n 
1 111 GLU n 
1 112 MET n 
1 113 ASP n 
1 114 THR n 
1 115 ALA n 
1 116 GLY n 
1 117 PHE n 
1 118 GLY n 
1 119 GLY n 
1 120 LEU n 
1 121 ARG n 
1 122 SER n 
1 123 GLN n 
1 124 ARG n 
1 125 TYR n 
1 126 ALA n 
1 127 MET n 
1 128 ILE n 
1 129 ILE n 
1 130 ASP n 
1 131 ASN n 
1 132 GLY n 
1 133 VAL n 
1 134 VAL n 
1 135 THR n 
1 136 THR n 
1 137 LEU n 
1 138 ASN n 
1 139 VAL n 
1 140 GLU n 
1 141 ALA n 
1 142 PRO n 
1 143 LYS n 
1 144 SER n 
1 145 PHE n 
1 146 GLU n 
1 147 VAL n 
1 148 SER n 
1 149 ASN n 
1 150 ALA n 
1 151 GLU n 
1 152 THR n 
1 153 ILE n 
1 154 LEU n 
1 155 ALA n 
1 156 ALA n 
1 157 LEU n 
1 158 GLU n 
1 159 HIS n 
1 160 HIS n 
1 161 HIS n 
1 162 HIS n 
1 163 HIS n 
1 164 HIS n 
# 
_entity_src_gen.entity_id                          1 
_entity_src_gen.pdbx_src_id                        1 
_entity_src_gen.pdbx_alt_source_flag               sample 
_entity_src_gen.pdbx_seq_type                      'Biological sequence' 
_entity_src_gen.pdbx_beg_seq_num                   1 
_entity_src_gen.pdbx_end_seq_num                   164 
_entity_src_gen.gene_src_common_name               ? 
_entity_src_gen.gene_src_genus                     ? 
_entity_src_gen.pdbx_gene_src_gene                 ? 
_entity_src_gen.gene_src_species                   ? 
_entity_src_gen.gene_src_strain                    MO6-24/O 
_entity_src_gen.gene_src_tissue                    ? 
_entity_src_gen.gene_src_tissue_fraction           ? 
_entity_src_gen.gene_src_details                   ? 
_entity_src_gen.pdbx_gene_src_fragment             ? 
_entity_src_gen.pdbx_gene_src_scientific_name      'Vibrio vulnificus MO6-24/O' 
_entity_src_gen.pdbx_gene_src_ncbi_taxonomy_id     914127 
_entity_src_gen.pdbx_gene_src_variant              ? 
_entity_src_gen.pdbx_gene_src_cell_line            ? 
_entity_src_gen.pdbx_gene_src_atcc                 ? 
_entity_src_gen.pdbx_gene_src_organ                ? 
_entity_src_gen.pdbx_gene_src_organelle            ? 
_entity_src_gen.pdbx_gene_src_cell                 ? 
_entity_src_gen.pdbx_gene_src_cellular_location    ? 
_entity_src_gen.host_org_common_name               ? 
_entity_src_gen.pdbx_host_org_scientific_name      'Escherichia coli' 
_entity_src_gen.pdbx_host_org_ncbi_taxonomy_id     562 
_entity_src_gen.host_org_genus                     ? 
_entity_src_gen.pdbx_host_org_gene                 ? 
_entity_src_gen.pdbx_host_org_organ                ? 
_entity_src_gen.host_org_species                   ? 
_entity_src_gen.pdbx_host_org_tissue               ? 
_entity_src_gen.pdbx_host_org_tissue_fraction      ? 
_entity_src_gen.pdbx_host_org_strain               ? 
_entity_src_gen.pdbx_host_org_variant              ? 
_entity_src_gen.pdbx_host_org_cell_line            ? 
_entity_src_gen.pdbx_host_org_atcc                 ? 
_entity_src_gen.pdbx_host_org_culture_collection   ? 
_entity_src_gen.pdbx_host_org_cell                 ? 
_entity_src_gen.pdbx_host_org_organelle            ? 
_entity_src_gen.pdbx_host_org_cellular_location    ? 
_entity_src_gen.pdbx_host_org_vector_type          ? 
_entity_src_gen.pdbx_host_org_vector               ? 
_entity_src_gen.host_org_details                   ? 
_entity_src_gen.expression_system_id               ? 
_entity_src_gen.plasmid_name                       ? 
_entity_src_gen.plasmid_details                    ? 
_entity_src_gen.pdbx_description                   ? 
# 
_struct_ref.id                         1 
_struct_ref.db_name                    PDB 
_struct_ref.db_code                    5K1G 
_struct_ref.pdbx_db_accession          5K1G 
_struct_ref.pdbx_db_isoform            ? 
_struct_ref.entity_id                  1 
_struct_ref.pdbx_seq_one_letter_code   ? 
_struct_ref.pdbx_align_begin           1 
# 
_struct_ref_seq.align_id                      1 
_struct_ref_seq.ref_id                        1 
_struct_ref_seq.pdbx_PDB_id_code              5K1G 
_struct_ref_seq.pdbx_strand_id                A 
_struct_ref_seq.seq_align_beg                 1 
_struct_ref_seq.pdbx_seq_align_beg_ins_code   ? 
_struct_ref_seq.seq_align_end                 164 
_struct_ref_seq.pdbx_seq_align_end_ins_code   ? 
_struct_ref_seq.pdbx_db_accession             5K1G 
_struct_ref_seq.db_align_beg                  1 
_struct_ref_seq.pdbx_db_align_beg_ins_code    ? 
_struct_ref_seq.db_align_end                  164 
_struct_ref_seq.pdbx_db_align_end_ins_code    ? 
_struct_ref_seq.pdbx_auth_seq_align_beg       1 
_struct_ref_seq.pdbx_auth_seq_align_end       164 
# 
loop_
_chem_comp.id 
_chem_comp.type 
_chem_comp.mon_nstd_flag 
_chem_comp.name 
_chem_comp.pdbx_synonyms 
_chem_comp.formula 
_chem_comp.formula_weight 
ALA 'L-peptide linking' y ALANINE         ? 'C3 H7 N O2'     89.093  
ARG 'L-peptide linking' y ARGININE        ? 'C6 H15 N4 O2 1' 175.209 
ASN 'L-peptide linking' y ASPARAGINE      ? 'C4 H8 N2 O3'    132.118 
ASP 'L-peptide linking' y 'ASPARTIC ACID' ? 'C4 H7 N O4'     133.103 
GLN 'L-peptide linking' y GLUTAMINE       ? 'C5 H10 N2 O3'   146.144 
GLU 'L-peptide linking' y 'GLUTAMIC ACID' ? 'C5 H9 N O4'     147.129 
GLY 'peptide linking'   y GLYCINE         ? 'C2 H5 N O2'     75.067  
HIS 'L-peptide linking' y HISTIDINE       ? 'C6 H10 N3 O2 1' 156.162 
HOH non-polymer         . WATER           ? 'H2 O'           18.015  
ILE 'L-peptide linking' y ISOLEUCINE      ? 'C6 H13 N O2'    131.173 
LEU 'L-peptide linking' y LEUCINE         ? 'C6 H13 N O2'    131.173 
LYS 'L-peptide linking' y LYSINE          ? 'C6 H15 N2 O2 1' 147.195 
MET 'L-peptide linking' y METHIONINE      ? 'C5 H11 N O2 S'  149.211 
PHE 'L-peptide linking' y PHENYLALANINE   ? 'C9 H11 N O2'    165.189 
PRO 'L-peptide linking' y PROLINE         ? 'C5 H9 N O2'     115.130 
SER 'L-peptide linking' y SERINE          ? 'C3 H7 N O3'     105.093 
THR 'L-peptide linking' y THREONINE       ? 'C4 H9 N O3'     119.119 
TRP 'L-peptide linking' y TRYPTOPHAN      ? 'C11 H12 N2 O2'  204.225 
TYR 'L-peptide linking' y TYROSINE        ? 'C9 H11 N O3'    181.189 
VAL 'L-peptide linking' y VALINE          ? 'C5 H11 N O2'    117.146 
# 
_exptl.absorpt_coefficient_mu     ? 
_exptl.absorpt_correction_T_max   ? 
_exptl.absorpt_correction_T_min   ? 
_exptl.absorpt_correction_type    ? 
_exptl.absorpt_process_details    ? 
_exptl.entry_id                   5K1G 
_exptl.crystals_number            1 
_exptl.details                    ? 
_exptl.method                     'X-RAY DIFFRACTION' 
_exptl.method_details             ? 
# 
_exptl_crystal.colour                      ? 
_exptl_crystal.density_diffrn              ? 
_exptl_crystal.density_Matthews            2.79 
_exptl_crystal.density_method              ? 
_exptl_crystal.density_percent_sol         55.99 
_exptl_crystal.description                 ? 
_exptl_crystal.F_000                       ? 
_exptl_crystal.id                          1 
_exptl_crystal.preparation                 ? 
_exptl_crystal.size_max                    ? 
_exptl_crystal.size_mid                    ? 
_exptl_crystal.size_min                    ? 
_exptl_crystal.size_rad                    ? 
_exptl_crystal.colour_lustre               ? 
_exptl_crystal.colour_modifier             ? 
_exptl_crystal.colour_primary              ? 
_exptl_crystal.density_meas                ? 
_exptl_crystal.density_meas_esd            ? 
_exptl_crystal.density_meas_gt             ? 
_exptl_crystal.density_meas_lt             ? 
_exptl_crystal.density_meas_temp           ? 
_exptl_crystal.density_meas_temp_esd       ? 
_exptl_crystal.density_meas_temp_gt        ? 
_exptl_crystal.density_meas_temp_lt        ? 
_exptl_crystal.pdbx_crystal_image_url      ? 
_exptl_crystal.pdbx_crystal_image_format   ? 
_exptl_crystal.pdbx_mosaicity              ? 
_exptl_crystal.pdbx_mosaicity_esd          ? 
# 
_exptl_crystal_grow.apparatus       ? 
_exptl_crystal_grow.atmosphere      ? 
_exptl_crystal_grow.crystal_id      1 
_exptl_crystal_grow.details         ? 
_exptl_crystal_grow.method          'VAPOR DIFFUSION, HANGING DROP' 
_exptl_crystal_grow.method_ref      ? 
_exptl_crystal_grow.pH              6.5 
_exptl_crystal_grow.pressure        ? 
_exptl_crystal_grow.pressure_esd    ? 
_exptl_crystal_grow.seeding         ? 
_exptl_crystal_grow.seeding_ref     ? 
_exptl_crystal_grow.temp            287.15 
_exptl_crystal_grow.temp_details    ? 
_exptl_crystal_grow.temp_esd        ? 
_exptl_crystal_grow.time            ? 
_exptl_crystal_grow.pdbx_details    '0.8 M sodium acetate, 0.1 M Tris-HCl, 0.2M sodium chloride' 
_exptl_crystal_grow.pdbx_pH_range   6.0-6.8 
# 
_diffrn.ambient_environment    ? 
_diffrn.ambient_temp           100.15 
_diffrn.ambient_temp_details   ? 
_diffrn.ambient_temp_esd       ? 
_diffrn.crystal_id             1 
_diffrn.crystal_support        ? 
_diffrn.crystal_treatment      ? 
_diffrn.details                ? 
_diffrn.id                     1 
_diffrn.ambient_pressure       ? 
_diffrn.ambient_pressure_esd   ? 
_diffrn.ambient_pressure_gt    ? 
_diffrn.ambient_pressure_lt    ? 
_diffrn.ambient_temp_gt        ? 
_diffrn.ambient_temp_lt        ? 
# 
_diffrn_detector.details                      ? 
_diffrn_detector.detector                     CCD 
_diffrn_detector.diffrn_id                    1 
_diffrn_detector.type                         'ADSC QUANTUM 315r' 
_diffrn_detector.area_resol_mean              ? 
_diffrn_detector.dtime                        ? 
_diffrn_detector.pdbx_frames_total            ? 
_diffrn_detector.pdbx_collection_time_total   ? 
_diffrn_detector.pdbx_collection_date         2015-06-08 
# 
_diffrn_radiation.collimation                      ? 
_diffrn_radiation.diffrn_id                        1 
_diffrn_radiation.filter_edge                      ? 
_diffrn_radiation.inhomogeneity                    ? 
_diffrn_radiation.monochromator                    'Double mirrors' 
_diffrn_radiation.polarisn_norm                    ? 
_diffrn_radiation.polarisn_ratio                   ? 
_diffrn_radiation.probe                            ? 
_diffrn_radiation.type                             ? 
_diffrn_radiation.xray_symbol                      ? 
_diffrn_radiation.wavelength_id                    1 
_diffrn_radiation.pdbx_monochromatic_or_laue_m_l   M 
_diffrn_radiation.pdbx_wavelength_list             ? 
_diffrn_radiation.pdbx_wavelength                  ? 
_diffrn_radiation.pdbx_diffrn_protocol             'SINGLE WAVELENGTH' 
_diffrn_radiation.pdbx_analyzer                    ? 
_diffrn_radiation.pdbx_scattering_type             x-ray 
# 
_diffrn_radiation_wavelength.id           1 
_diffrn_radiation_wavelength.wavelength   0.97960 
_diffrn_radiation_wavelength.wt           1.0 
# 
_diffrn_source.current                     ? 
_diffrn_source.details                     ? 
_diffrn_source.diffrn_id                   1 
_diffrn_source.power                       ? 
_diffrn_source.size                        ? 
_diffrn_source.source                      SYNCHROTRON 
_diffrn_source.target                      ? 
_diffrn_source.type                        'PAL/PLS BEAMLINE 5C (4A)' 
_diffrn_source.voltage                     ? 
_diffrn_source.take-off_angle              ? 
_diffrn_source.pdbx_wavelength_list        0.97960 
_diffrn_source.pdbx_wavelength             ? 
_diffrn_source.pdbx_synchrotron_beamline   '5C (4A)' 
_diffrn_source.pdbx_synchrotron_site       PAL/PLS 
# 
_reflns.B_iso_Wilson_estimate            ? 
_reflns.entry_id                         5K1G 
_reflns.data_reduction_details           ? 
_reflns.data_reduction_method            ? 
_reflns.d_resolution_high                1.899 
_reflns.d_resolution_low                 50 
_reflns.details                          ? 
_reflns.limit_h_max                      ? 
_reflns.limit_h_min                      ? 
_reflns.limit_k_max                      ? 
_reflns.limit_k_min                      ? 
_reflns.limit_l_max                      ? 
_reflns.limit_l_min                      ? 
_reflns.number_all                       ? 
_reflns.number_obs                       15873 
_reflns.observed_criterion               ? 
_reflns.observed_criterion_F_max         ? 
_reflns.observed_criterion_F_min         ? 
_reflns.observed_criterion_I_max         ? 
_reflns.observed_criterion_I_min         ? 
_reflns.observed_criterion_sigma_F       ? 
_reflns.observed_criterion_sigma_I       ? 
_reflns.percent_possible_obs             99.3 
_reflns.R_free_details                   ? 
_reflns.Rmerge_F_all                     ? 
_reflns.Rmerge_F_obs                     ? 
_reflns.Friedel_coverage                 ? 
_reflns.number_gt                        ? 
_reflns.threshold_expression             ? 
_reflns.pdbx_redundancy                  13.3 
_reflns.pdbx_Rmerge_I_obs                0.058 
_reflns.pdbx_Rmerge_I_all                ? 
_reflns.pdbx_Rsym_value                  ? 
_reflns.pdbx_netI_over_av_sigmaI         ? 
_reflns.pdbx_netI_over_sigmaI            4.57 
_reflns.pdbx_res_netI_over_av_sigmaI_2   ? 
_reflns.pdbx_res_netI_over_sigmaI_2      ? 
_reflns.pdbx_chi_squared                 ? 
_reflns.pdbx_scaling_rejects             ? 
_reflns.pdbx_d_res_high_opt              ? 
_reflns.pdbx_d_res_low_opt               ? 
_reflns.pdbx_d_res_opt_method            ? 
_reflns.phase_calculation_details        ? 
_reflns.pdbx_Rrim_I_all                  ? 
_reflns.pdbx_Rpim_I_all                  ? 
_reflns.pdbx_d_opt                       ? 
_reflns.pdbx_number_measured_all         ? 
_reflns.pdbx_diffrn_id                   1 
_reflns.pdbx_ordinal                     1 
_reflns.pdbx_CC_half                     ? 
_reflns.pdbx_R_split                     ? 
# 
_reflns_shell.d_res_high                  1.90 
_reflns_shell.d_res_low                   1.93 
_reflns_shell.meanI_over_sigI_all         ? 
_reflns_shell.meanI_over_sigI_obs         ? 
_reflns_shell.number_measured_all         ? 
_reflns_shell.number_measured_obs         ? 
_reflns_shell.number_possible             ? 
_reflns_shell.number_unique_all           ? 
_reflns_shell.number_unique_obs           ? 
_reflns_shell.percent_possible_all        ? 
_reflns_shell.percent_possible_obs        ? 
_reflns_shell.Rmerge_F_all                ? 
_reflns_shell.Rmerge_F_obs                ? 
_reflns_shell.Rmerge_I_all                ? 
_reflns_shell.Rmerge_I_obs                ? 
_reflns_shell.meanI_over_sigI_gt          ? 
_reflns_shell.meanI_over_uI_all           ? 
_reflns_shell.meanI_over_uI_gt            ? 
_reflns_shell.number_measured_gt          ? 
_reflns_shell.number_unique_gt            ? 
_reflns_shell.percent_possible_gt         ? 
_reflns_shell.Rmerge_F_gt                 ? 
_reflns_shell.Rmerge_I_gt                 ? 
_reflns_shell.pdbx_redundancy             ? 
_reflns_shell.pdbx_Rsym_value             ? 
_reflns_shell.pdbx_chi_squared            ? 
_reflns_shell.pdbx_netI_over_sigmaI_all   ? 
_reflns_shell.pdbx_netI_over_sigmaI_obs   ? 
_reflns_shell.pdbx_Rrim_I_all             ? 
_reflns_shell.pdbx_Rpim_I_all             ? 
_reflns_shell.pdbx_rejects                ? 
_reflns_shell.pdbx_ordinal                1 
_reflns_shell.pdbx_diffrn_id              1 
_reflns_shell.pdbx_CC_half                ? 
_reflns_shell.pdbx_R_split                ? 
# 
_refine.pdbx_refine_id                           'X-RAY DIFFRACTION' 
_refine.entry_id                                 5K1G 
_refine.pdbx_diffrn_id                           1 
_refine.pdbx_TLS_residual_ADP_flag               ? 
_refine.ls_number_reflns_obs                     14790 
_refine.ls_number_reflns_all                     ? 
_refine.pdbx_ls_sigma_I                          ? 
_refine.pdbx_ls_sigma_F                          1.55 
_refine.pdbx_data_cutoff_high_absF               ? 
_refine.pdbx_data_cutoff_low_absF                ? 
_refine.pdbx_data_cutoff_high_rms_absF           ? 
_refine.ls_d_res_low                             31.987 
_refine.ls_d_res_high                            1.899 
_refine.ls_percent_reflns_obs                    93.28 
_refine.ls_R_factor_obs                          0.2240 
_refine.ls_R_factor_all                          ? 
_refine.ls_R_factor_R_work                       0.2202 
_refine.ls_R_factor_R_free                       0.2579 
_refine.ls_R_factor_R_free_error                 ? 
_refine.ls_R_factor_R_free_error_details         ? 
_refine.ls_percent_reflns_R_free                 9.95 
_refine.ls_number_reflns_R_free                  1471 
_refine.ls_number_parameters                     ? 
_refine.ls_number_restraints                     ? 
_refine.occupancy_min                            ? 
_refine.occupancy_max                            ? 
_refine.correlation_coeff_Fo_to_Fc               ? 
_refine.correlation_coeff_Fo_to_Fc_free          ? 
_refine.B_iso_mean                               ? 
_refine.aniso_B[1][1]                            ? 
_refine.aniso_B[2][2]                            ? 
_refine.aniso_B[3][3]                            ? 
_refine.aniso_B[1][2]                            ? 
_refine.aniso_B[1][3]                            ? 
_refine.aniso_B[2][3]                            ? 
_refine.solvent_model_details                    'FLAT BULK SOLVENT MODEL' 
_refine.solvent_model_param_ksol                 ? 
_refine.solvent_model_param_bsol                 ? 
_refine.pdbx_solvent_vdw_probe_radii             1.11 
_refine.pdbx_solvent_ion_probe_radii             ? 
_refine.pdbx_solvent_shrinkage_radii             0.90 
_refine.pdbx_ls_cross_valid_method               'FREE R-VALUE' 
_refine.details                                  ? 
_refine.pdbx_starting_model                      4F82 
_refine.pdbx_method_to_determine_struct          'MOLECULAR REPLACEMENT' 
_refine.pdbx_isotropic_thermal_model             ? 
_refine.pdbx_stereochemistry_target_values       ML 
_refine.pdbx_stereochem_target_val_spec_case     ? 
_refine.pdbx_R_Free_selection_details            ? 
_refine.pdbx_overall_ESU_R                       ? 
_refine.pdbx_overall_ESU_R_Free                  ? 
_refine.overall_SU_ML                            0.24 
_refine.pdbx_overall_phase_error                 24.61 
_refine.overall_SU_B                             ? 
_refine.overall_SU_R_Cruickshank_DPI             ? 
_refine.pdbx_overall_SU_R_free_Cruickshank_DPI   ? 
_refine.pdbx_overall_SU_R_Blow_DPI               ? 
_refine.pdbx_overall_SU_R_free_Blow_DPI          ? 
# 
_refine_hist.pdbx_refine_id                   'X-RAY DIFFRACTION' 
_refine_hist.cycle_id                         LAST 
_refine_hist.pdbx_number_atoms_protein        1152 
_refine_hist.pdbx_number_atoms_nucleic_acid   0 
_refine_hist.pdbx_number_atoms_ligand         0 
_refine_hist.number_atoms_solvent             37 
_refine_hist.number_atoms_total               1189 
_refine_hist.d_res_high                       1.899 
_refine_hist.d_res_low                        31.987 
# 
loop_
_refine_ls_restr.type 
_refine_ls_restr.dev_ideal 
_refine_ls_restr.dev_ideal_target 
_refine_ls_restr.weight 
_refine_ls_restr.number 
_refine_ls_restr.pdbx_refine_id 
_refine_ls_restr.pdbx_restraint_function 
f_bond_d           0.002  ? ? 1171 'X-RAY DIFFRACTION' ? 
f_angle_d          0.574  ? ? 1591 'X-RAY DIFFRACTION' ? 
f_dihedral_angle_d 12.856 ? ? 698  'X-RAY DIFFRACTION' ? 
f_chiral_restr     0.044  ? ? 192  'X-RAY DIFFRACTION' ? 
f_plane_restr      0.004  ? ? 205  'X-RAY DIFFRACTION' ? 
# 
loop_
_refine_ls_shell.pdbx_refine_id 
_refine_ls_shell.pdbx_total_number_of_bins_used 
_refine_ls_shell.d_res_high 
_refine_ls_shell.d_res_low 
_refine_ls_shell.number_reflns_R_work 
_refine_ls_shell.R_factor_R_work 
_refine_ls_shell.percent_reflns_obs 
_refine_ls_shell.R_factor_R_free 
_refine_ls_shell.R_factor_R_free_error 
_refine_ls_shell.percent_reflns_R_free 
_refine_ls_shell.number_reflns_R_free 
_refine_ls_shell.number_reflns_all 
_refine_ls_shell.R_factor_all 
_refine_ls_shell.R_factor_obs 
_refine_ls_shell.number_reflns_obs 
'X-RAY DIFFRACTION' . 1.8988 1.9601  713  0.2478 56.00  0.3122 . . 71  . . . . 
'X-RAY DIFFRACTION' . 1.9601 2.0301  1028 0.2869 80.00  0.3784 . . 110 . . . . 
'X-RAY DIFFRACTION' . 2.0301 2.1114  1201 0.2559 94.00  0.2802 . . 134 . . . . 
'X-RAY DIFFRACTION' . 2.1114 2.2075  1253 0.2537 99.00  0.2979 . . 142 . . . . 
'X-RAY DIFFRACTION' . 2.2075 2.3238  1283 0.2433 100.00 0.2900 . . 142 . . . . 
'X-RAY DIFFRACTION' . 2.3238 2.4693  1282 0.2422 100.00 0.3215 . . 147 . . . . 
'X-RAY DIFFRACTION' . 2.4693 2.6599  1286 0.2326 100.00 0.2598 . . 141 . . . . 
'X-RAY DIFFRACTION' . 2.6599 2.9274  1307 0.2358 100.00 0.2780 . . 143 . . . . 
'X-RAY DIFFRACTION' . 2.9274 3.3506  1298 0.2243 100.00 0.2574 . . 146 . . . . 
'X-RAY DIFFRACTION' . 3.3506 4.2199  1316 0.1934 100.00 0.2086 . . 143 . . . . 
'X-RAY DIFFRACTION' . 4.2199 31.9916 1352 0.1717 98.00  0.2036 . . 152 . . . . 
# 
_struct.entry_id                     5K1G 
_struct.title                        'Crystal structure of reduced Prx3 from Vibrio vulnificus' 
_struct.pdbx_model_details           ? 
_struct.pdbx_formula_weight          ? 
_struct.pdbx_formula_weight_method   ? 
_struct.pdbx_model_type_details      ? 
_struct.pdbx_CASP_flag               N 
# 
_struct_keywords.entry_id        5K1G 
_struct_keywords.text            '1-Cys Prx, Vibrio vulnificus, hydrogen peroxide, nitric oxide, OXIDOREDUCTASE' 
_struct_keywords.pdbx_keywords   OXIDOREDUCTASE 
# 
loop_
_struct_asym.id 
_struct_asym.pdbx_blank_PDB_chainid_flag 
_struct_asym.pdbx_modified 
_struct_asym.entity_id 
_struct_asym.details 
A N N 1 ? 
B N N 2 ? 
# 
loop_
_struct_conf.conf_type_id 
_struct_conf.id 
_struct_conf.pdbx_PDB_helix_id 
_struct_conf.beg_label_comp_id 
_struct_conf.beg_label_asym_id 
_struct_conf.beg_label_seq_id 
_struct_conf.pdbx_beg_PDB_ins_code 
_struct_conf.end_label_comp_id 
_struct_conf.end_label_asym_id 
_struct_conf.end_label_seq_id 
_struct_conf.pdbx_end_PDB_ins_code 
_struct_conf.beg_auth_comp_id 
_struct_conf.beg_auth_asym_id 
_struct_conf.beg_auth_seq_id 
_struct_conf.end_auth_comp_id 
_struct_conf.end_auth_asym_id 
_struct_conf.end_auth_seq_id 
_struct_conf.pdbx_PDB_helix_class 
_struct_conf.details 
_struct_conf.pdbx_PDB_helix_length 
HELX_P HELX_P1 AA1 VAL A 26  ? PHE A 30  ? VAL A 26  PHE A 30  1 ? 5  
HELX_P HELX_P2 AA2 THR A 45  ? ALA A 51  ? THR A 45  ALA A 51  1 ? 7  
HELX_P HELX_P3 AA3 ALA A 51  ? LEU A 59  ? ALA A 51  LEU A 59  1 ? 9  
HELX_P HELX_P4 AA4 LEU A 59  ? LYS A 66  ? LEU A 59  LYS A 66  1 ? 8  
HELX_P HELX_P5 AA5 ASP A 78  ? ASN A 90  ? ASP A 78  ASN A 90  1 ? 13 
HELX_P HELX_P6 AA6 ALA A 102 ? GLY A 109 ? ALA A 102 GLY A 109 1 ? 8  
HELX_P HELX_P7 AA7 ALA A 115 ? GLY A 118 ? ALA A 115 GLY A 118 5 ? 4  
HELX_P HELX_P8 AA8 ASN A 149 ? HIS A 159 ? ASN A 149 HIS A 159 1 ? 11 
# 
_struct_conf_type.id          HELX_P 
_struct_conf_type.criteria    ? 
_struct_conf_type.reference   ? 
# 
loop_
_struct_sheet.id 
_struct_sheet.type 
_struct_sheet.number_strands 
_struct_sheet.details 
AA1 ? 2 ? 
AA2 ? 5 ? 
AA3 ? 2 ? 
# 
loop_
_struct_sheet_order.sheet_id 
_struct_sheet_order.range_id_1 
_struct_sheet_order.range_id_2 
_struct_sheet_order.offset 
_struct_sheet_order.sense 
AA1 1 2 ? anti-parallel 
AA2 1 2 ? parallel      
AA2 2 3 ? parallel      
AA2 3 4 ? anti-parallel 
AA2 4 5 ? anti-parallel 
AA3 1 2 ? anti-parallel 
# 
loop_
_struct_sheet_range.sheet_id 
_struct_sheet_range.id 
_struct_sheet_range.beg_label_comp_id 
_struct_sheet_range.beg_label_asym_id 
_struct_sheet_range.beg_label_seq_id 
_struct_sheet_range.pdbx_beg_PDB_ins_code 
_struct_sheet_range.end_label_comp_id 
_struct_sheet_range.end_label_asym_id 
_struct_sheet_range.end_label_seq_id 
_struct_sheet_range.pdbx_end_PDB_ins_code 
_struct_sheet_range.beg_auth_comp_id 
_struct_sheet_range.beg_auth_asym_id 
_struct_sheet_range.beg_auth_seq_id 
_struct_sheet_range.end_auth_comp_id 
_struct_sheet_range.end_auth_asym_id 
_struct_sheet_range.end_auth_seq_id 
AA1 1 THR A 12  ? SER A 14  ? THR A 12  SER A 14  
AA1 2 HIS A 23  ? PRO A 25  ? HIS A 23  PRO A 25  
AA2 1 LEU A 95  ? ALA A 98  ? LEU A 95  ALA A 98  
AA2 2 LEU A 70  ? SER A 75  ? LEU A 70  SER A 75  
AA2 3 LYS A 34  ? ALA A 39  ? LYS A 34  ALA A 39  
AA2 4 TYR A 125 ? ASP A 130 ? TYR A 125 ASP A 130 
AA2 5 VAL A 133 ? VAL A 139 ? VAL A 133 VAL A 139 
AA3 1 GLU A 111 ? ASP A 113 ? GLU A 111 ASP A 113 
AA3 2 LEU A 120 ? SER A 122 ? LEU A 120 SER A 122 
# 
loop_
_pdbx_struct_sheet_hbond.sheet_id 
_pdbx_struct_sheet_hbond.range_id_1 
_pdbx_struct_sheet_hbond.range_id_2 
_pdbx_struct_sheet_hbond.range_1_label_atom_id 
_pdbx_struct_sheet_hbond.range_1_label_comp_id 
_pdbx_struct_sheet_hbond.range_1_label_asym_id 
_pdbx_struct_sheet_hbond.range_1_label_seq_id 
_pdbx_struct_sheet_hbond.range_1_PDB_ins_code 
_pdbx_struct_sheet_hbond.range_1_auth_atom_id 
_pdbx_struct_sheet_hbond.range_1_auth_comp_id 
_pdbx_struct_sheet_hbond.range_1_auth_asym_id 
_pdbx_struct_sheet_hbond.range_1_auth_seq_id 
_pdbx_struct_sheet_hbond.range_2_label_atom_id 
_pdbx_struct_sheet_hbond.range_2_label_comp_id 
_pdbx_struct_sheet_hbond.range_2_label_asym_id 
_pdbx_struct_sheet_hbond.range_2_label_seq_id 
_pdbx_struct_sheet_hbond.range_2_PDB_ins_code 
_pdbx_struct_sheet_hbond.range_2_auth_atom_id 
_pdbx_struct_sheet_hbond.range_2_auth_comp_id 
_pdbx_struct_sheet_hbond.range_2_auth_asym_id 
_pdbx_struct_sheet_hbond.range_2_auth_seq_id 
AA1 1 2 N LEU A 13  ? N LEU A 13  O HIS A 24  ? O HIS A 24  
AA2 1 2 O LEU A 97  ? O LEU A 97  N SER A 73  ? N SER A 73  
AA2 2 3 O ALA A 72  ? O ALA A 72  N VAL A 36  ? N VAL A 36  
AA2 3 4 N LEU A 37  ? N LEU A 37  O MET A 127 ? O MET A 127 
AA2 4 5 N ALA A 126 ? N ALA A 126 O ASN A 138 ? O ASN A 138 
AA3 1 2 N MET A 112 ? N MET A 112 O ARG A 121 ? O ARG A 121 
# 
_atom_sites.entry_id                    5K1G 
_atom_sites.fract_transf_matrix[1][1]   0.00569804 
_atom_sites.fract_transf_matrix[1][2]   0.01418858 
_atom_sites.fract_transf_matrix[1][3]   -0.00324911 
_atom_sites.fract_transf_matrix[2][1]   0.00963682 
_atom_sites.fract_transf_matrix[2][2]   0.00705041 
_atom_sites.fract_transf_matrix[2][3]   0.01008720 
_atom_sites.fract_transf_matrix[3][1]   0.01260392 
_atom_sites.fract_transf_matrix[3][2]   -0.00674021 
_atom_sites.fract_transf_matrix[3][3]   -0.00733013 
_atom_sites.fract_transf_vector[1]      1.117456 
_atom_sites.fract_transf_vector[2]      0.494920 
_atom_sites.fract_transf_vector[3]      1.057719 
# 
loop_
_atom_type.symbol 
C 
N 
O 
S 
# 
loop_
_atom_site.group_PDB 
_atom_site.id 
_atom_site.type_symbol 
_atom_site.label_atom_id 
_atom_site.label_alt_id 
_atom_site.label_comp_id 
_atom_site.label_asym_id 
_atom_site.label_entity_id 
_atom_site.label_seq_id 
_atom_site.pdbx_PDB_ins_code 
_atom_site.Cartn_x 
_atom_site.Cartn_y 
_atom_site.Cartn_z 
_atom_site.occupancy 
_atom_site.B_iso_or_equiv 
_atom_site.pdbx_formal_charge 
_atom_site.auth_seq_id 
_atom_site.auth_comp_id 
_atom_site.auth_asym_id 
_atom_site.auth_atom_id 
_atom_site.pdbx_PDB_model_num 
ATOM   1    N N   . MET A 1 1   ? 9.783   3.384   13.366  1.00 29.63 ? 1   MET A N   1 
ATOM   2    C CA  . MET A 1 1   ? 9.356   3.493   11.976  1.00 18.79 ? 1   MET A CA  1 
ATOM   3    C C   . MET A 1 1   ? 10.377  2.849   11.042  1.00 31.47 ? 1   MET A C   1 
ATOM   4    O O   . MET A 1 1   ? 11.577  3.100   11.152  1.00 30.54 ? 1   MET A O   1 
ATOM   5    C CB  . MET A 1 1   ? 9.135   4.958   11.599  1.00 31.06 ? 1   MET A CB  1 
ATOM   6    C CG  . MET A 1 1   ? 8.704   5.169   10.160  1.00 28.00 ? 1   MET A CG  1 
ATOM   7    S SD  . MET A 1 1   ? 8.389   6.901   9.767   1.00 50.89 ? 1   MET A SD  1 
ATOM   8    C CE  . MET A 1 1   ? 7.110   7.296   10.959  1.00 33.59 ? 1   MET A CE  1 
ATOM   9    N N   . ILE A 1 2   ? 9.889   2.010   10.123  1.00 24.84 ? 2   ILE A N   1 
ATOM   10   C CA  . ILE A 1 2   ? 10.779  1.337   9.189   1.00 20.71 ? 2   ILE A CA  1 
ATOM   11   C C   . ILE A 1 2   ? 11.451  2.372   8.289   1.00 15.90 ? 2   ILE A C   1 
ATOM   12   O O   . ILE A 1 2   ? 10.933  3.476   8.071   1.00 14.72 ? 2   ILE A O   1 
ATOM   13   C CB  . ILE A 1 2   ? 10.007  0.296   8.359   1.00 21.49 ? 2   ILE A CB  1 
ATOM   14   C CG1 . ILE A 1 2   ? 10.970  -0.660  7.648   1.00 17.24 ? 2   ILE A CG1 1 
ATOM   15   C CG2 . ILE A 1 2   ? 9.087   0.987   7.361   1.00 14.83 ? 2   ILE A CG2 1 
ATOM   16   C CD1 . ILE A 1 2   ? 10.298  -1.607  6.686   1.00 18.91 ? 2   ILE A CD1 1 
ATOM   17   N N   . ALA A 1 3   ? 12.625  2.018   7.774   1.00 21.13 ? 3   ALA A N   1 
ATOM   18   C CA  . ALA A 1 3   ? 13.397  2.903   6.918   1.00 21.51 ? 3   ALA A CA  1 
ATOM   19   C C   . ALA A 1 3   ? 13.855  2.149   5.680   1.00 17.55 ? 3   ALA A C   1 
ATOM   20   O O   . ALA A 1 3   ? 13.889  0.916   5.655   1.00 13.34 ? 3   ALA A O   1 
ATOM   21   C CB  . ALA A 1 3   ? 14.612  3.481   7.653   1.00 25.02 ? 3   ALA A CB  1 
ATOM   22   N N   . GLN A 1 4   ? 14.207  2.916   4.648   1.00 15.55 ? 4   GLN A N   1 
ATOM   23   C CA  . GLN A 1 4   ? 14.778  2.339   3.439   1.00 20.96 ? 4   GLN A CA  1 
ATOM   24   C C   . GLN A 1 4   ? 15.984  1.476   3.786   1.00 15.23 ? 4   GLN A C   1 
ATOM   25   O O   . GLN A 1 4   ? 16.752  1.790   4.698   1.00 18.08 ? 4   GLN A O   1 
ATOM   26   C CB  . GLN A 1 4   ? 15.189  3.447   2.463   1.00 15.72 ? 4   GLN A CB  1 
ATOM   27   C CG  . GLN A 1 4   ? 14.174  4.574   2.305   1.00 34.58 ? 4   GLN A CG  1 
ATOM   28   C CD  . GLN A 1 4   ? 14.298  5.631   3.388   1.00 32.23 ? 4   GLN A CD  1 
ATOM   29   O OE1 . GLN A 1 4   ? 15.352  5.780   4.006   1.00 43.53 ? 4   GLN A OE1 1 
ATOM   30   N NE2 . GLN A 1 4   ? 13.219  6.373   3.621   1.00 41.58 ? 4   GLN A NE2 1 
ATOM   31   N N   . GLY A 1 5   ? 16.140  0.374   3.060   1.00 12.22 ? 5   GLY A N   1 
ATOM   32   C CA  . GLY A 1 5   ? 17.224  -0.553  3.282   1.00 14.89 ? 5   GLY A CA  1 
ATOM   33   C C   . GLY A 1 5   ? 16.881  -1.727  4.173   1.00 14.42 ? 5   GLY A C   1 
ATOM   34   O O   . GLY A 1 5   ? 17.547  -2.764  4.091   1.00 28.21 ? 5   GLY A O   1 
ATOM   35   N N   . GLN A 1 6   ? 15.866  -1.591  5.019   1.00 17.92 ? 6   GLN A N   1 
ATOM   36   C CA  . GLN A 1 6   ? 15.435  -2.696  5.858   1.00 15.44 ? 6   GLN A CA  1 
ATOM   37   C C   . GLN A 1 6   ? 14.523  -3.631  5.077   1.00 21.47 ? 6   GLN A C   1 
ATOM   38   O O   . GLN A 1 6   ? 13.850  -3.227  4.123   1.00 16.05 ? 6   GLN A O   1 
ATOM   39   C CB  . GLN A 1 6   ? 14.705  -2.181  7.097   1.00 19.11 ? 6   GLN A CB  1 
ATOM   40   C CG  . GLN A 1 6   ? 15.569  -1.356  8.032   1.00 19.71 ? 6   GLN A CG  1 
ATOM   41   C CD  . GLN A 1 6   ? 14.813  -0.889  9.260   1.00 22.24 ? 6   GLN A CD  1 
ATOM   42   O OE1 . GLN A 1 6   ? 14.159  0.154   9.242   1.00 28.06 ? 6   GLN A OE1 1 
ATOM   43   N NE2 . GLN A 1 6   ? 14.899  -1.662  10.337  1.00 19.42 ? 6   GLN A NE2 1 
ATOM   44   N N   . THR A 1 7   ? 14.514  -4.894  5.482   1.00 20.04 ? 7   THR A N   1 
ATOM   45   C CA  . THR A 1 7   ? 13.523  -5.834  4.988   1.00 24.54 ? 7   THR A CA  1 
ATOM   46   C C   . THR A 1 7   ? 12.258  -5.712  5.828   1.00 19.90 ? 7   THR A C   1 
ATOM   47   O O   . THR A 1 7   ? 12.309  -5.376  7.015   1.00 15.60 ? 7   THR A O   1 
ATOM   48   C CB  . THR A 1 7   ? 14.048  -7.269  5.032   1.00 25.12 ? 7   THR A CB  1 
ATOM   49   O OG1 . THR A 1 7   ? 14.335  -7.634  6.386   1.00 32.16 ? 7   THR A OG1 1 
ATOM   50   C CG2 . THR A 1 7   ? 15.313  -7.400  4.196   1.00 21.55 ? 7   THR A CG2 1 
ATOM   51   N N   . LEU A 1 8   ? 11.117  -5.971  5.192   1.00 21.62 ? 8   LEU A N   1 
ATOM   52   C CA  . LEU A 1 8   ? 9.841   -5.868  5.878   1.00 18.21 ? 8   LEU A CA  1 
ATOM   53   C C   . LEU A 1 8   ? 9.785   -6.858  7.041   1.00 19.54 ? 8   LEU A C   1 
ATOM   54   O O   . LEU A 1 8   ? 10.466  -7.887  7.029   1.00 19.11 ? 8   LEU A O   1 
ATOM   55   C CB  . LEU A 1 8   ? 8.698   -6.134  4.901   1.00 14.14 ? 8   LEU A CB  1 
ATOM   56   C CG  . LEU A 1 8   ? 8.590   -5.175  3.715   1.00 15.91 ? 8   LEU A CG  1 
ATOM   57   C CD1 . LEU A 1 8   ? 7.709   -5.770  2.632   1.00 23.06 ? 8   LEU A CD1 1 
ATOM   58   C CD2 . LEU A 1 8   ? 8.047   -3.827  4.162   1.00 15.03 ? 8   LEU A CD2 1 
ATOM   59   N N   . PRO A 1 9   ? 8.995   -6.556  8.069   1.00 22.83 ? 9   PRO A N   1 
ATOM   60   C CA  . PRO A 1 9   ? 8.761   -7.549  9.121   1.00 22.89 ? 9   PRO A CA  1 
ATOM   61   C C   . PRO A 1 9   ? 8.033   -8.756  8.556   1.00 25.10 ? 9   PRO A C   1 
ATOM   62   O O   . PRO A 1 9   ? 7.213   -8.642  7.641   1.00 22.24 ? 9   PRO A O   1 
ATOM   63   C CB  . PRO A 1 9   ? 7.889   -6.798  10.135  1.00 23.85 ? 9   PRO A CB  1 
ATOM   64   C CG  . PRO A 1 9   ? 7.238   -5.706  9.339   1.00 28.47 ? 9   PRO A CG  1 
ATOM   65   C CD  . PRO A 1 9   ? 8.260   -5.304  8.314   1.00 21.33 ? 9   PRO A CD  1 
ATOM   66   N N   . ASN A 1 10  ? 8.347   -9.929  9.108   1.00 29.91 ? 10  ASN A N   1 
ATOM   67   C CA  . ASN A 1 10  ? 7.698   -11.164 8.669   1.00 30.66 ? 10  ASN A CA  1 
ATOM   68   C C   . ASN A 1 10  ? 6.285   -11.190 9.249   1.00 27.66 ? 10  ASN A C   1 
ATOM   69   O O   . ASN A 1 10  ? 5.976   -11.903 10.205  1.00 35.20 ? 10  ASN A O   1 
ATOM   70   C CB  . ASN A 1 10  ? 8.503   -12.393 9.080   1.00 38.19 ? 10  ASN A CB  1 
ATOM   71   C CG  . ASN A 1 10  ? 7.940   -13.677 8.505   1.00 37.73 ? 10  ASN A CG  1 
ATOM   72   O OD1 . ASN A 1 10  ? 7.656   -13.761 7.316   1.00 34.22 ? 10  ASN A OD1 1 
ATOM   73   N ND2 . ASN A 1 10  ? 7.783   -14.687 9.348   1.00 44.26 ? 10  ASN A ND2 1 
ATOM   74   N N   . ALA A 1 11  ? 5.414   -10.385 8.654   1.00 28.80 ? 11  ALA A N   1 
ATOM   75   C CA  . ALA A 1 11  ? 4.021   -10.314 9.053   1.00 25.98 ? 11  ALA A CA  1 
ATOM   76   C C   . ALA A 1 11  ? 3.148   -10.861 7.935   1.00 26.33 ? 11  ALA A C   1 
ATOM   77   O O   . ALA A 1 11  ? 3.629   -11.249 6.865   1.00 23.82 ? 11  ALA A O   1 
ATOM   78   C CB  . ALA A 1 11  ? 3.617   -8.878  9.402   1.00 24.35 ? 11  ALA A CB  1 
ATOM   79   N N   . THR A 1 12  ? 1.849   -10.889 8.197   1.00 29.57 ? 12  THR A N   1 
ATOM   80   C CA  . THR A 1 12  ? 0.879   -11.459 7.278   1.00 20.84 ? 12  THR A CA  1 
ATOM   81   C C   . THR A 1 12  ? -0.122  -10.398 6.847   1.00 17.96 ? 12  THR A C   1 
ATOM   82   O O   . THR A 1 12  ? -0.514  -9.537  7.640   1.00 23.81 ? 12  THR A O   1 
ATOM   83   C CB  . THR A 1 12  ? 0.141   -12.636 7.918   1.00 27.02 ? 12  THR A CB  1 
ATOM   84   O OG1 . THR A 1 12  ? -0.915  -13.065 7.051   1.00 36.92 ? 12  THR A OG1 1 
ATOM   85   C CG2 . THR A 1 12  ? -0.447  -12.215 9.244   1.00 17.45 ? 12  THR A CG2 1 
ATOM   86   N N   . LEU A 1 13  ? -0.524  -10.462 5.580   1.00 11.87 ? 13  LEU A N   1 
ATOM   87   C CA  . LEU A 1 13  ? -1.582  -9.626  5.037   1.00 16.15 ? 13  LEU A CA  1 
ATOM   88   C C   . LEU A 1 13  ? -2.601  -10.522 4.351   1.00 19.24 ? 13  LEU A C   1 
ATOM   89   O O   . LEU A 1 13  ? -2.235  -11.426 3.593   1.00 17.61 ? 13  LEU A O   1 
ATOM   90   C CB  . LEU A 1 13  ? -1.029  -8.587  4.052   1.00 10.67 ? 13  LEU A CB  1 
ATOM   91   C CG  . LEU A 1 13  ? -0.150  -7.493  4.664   1.00 10.65 ? 13  LEU A CG  1 
ATOM   92   C CD1 . LEU A 1 13  ? 0.359   -6.546  3.589   1.00 8.29  ? 13  LEU A CD1 1 
ATOM   93   C CD2 . LEU A 1 13  ? -0.929  -6.731  5.727   1.00 17.78 ? 13  LEU A CD2 1 
ATOM   94   N N   . SER A 1 14  ? -3.877  -10.269 4.619   1.00 13.94 ? 14  SER A N   1 
ATOM   95   C CA  . SER A 1 14  ? -4.948  -11.160 4.202   1.00 17.49 ? 14  SER A CA  1 
ATOM   96   C C   . SER A 1 14  ? -5.614  -10.675 2.920   1.00 15.27 ? 14  SER A C   1 
ATOM   97   O O   . SER A 1 14  ? -5.640  -9.480  2.618   1.00 15.28 ? 14  SER A O   1 
ATOM   98   C CB  . SER A 1 14  ? -5.992  -11.301 5.312   1.00 26.10 ? 14  SER A CB  1 
ATOM   99   O OG  . SER A 1 14  ? -5.381  -11.713 6.524   1.00 26.44 ? 14  SER A OG  1 
ATOM   100  N N   . GLN A 1 15  ? -6.148  -11.632 2.165   1.00 14.87 ? 15  GLN A N   1 
ATOM   101  C CA  . GLN A 1 15  ? -6.868  -11.361 0.931   1.00 13.02 ? 15  GLN A CA  1 
ATOM   102  C C   . GLN A 1 15  ? -7.988  -12.380 0.806   1.00 28.64 ? 15  GLN A C   1 
ATOM   103  O O   . GLN A 1 15  ? -7.826  -13.541 1.196   1.00 26.69 ? 15  GLN A O   1 
ATOM   104  C CB  . GLN A 1 15  ? -5.946  -11.433 -0.293  1.00 22.85 ? 15  GLN A CB  1 
ATOM   105  C CG  . GLN A 1 15  ? -6.633  -11.083 -1.603  1.00 22.58 ? 15  GLN A CG  1 
ATOM   106  C CD  . GLN A 1 15  ? -5.796  -11.433 -2.814  1.00 31.78 ? 15  GLN A CD  1 
ATOM   107  O OE1 . GLN A 1 15  ? -4.755  -12.083 -2.698  1.00 28.80 ? 15  GLN A OE1 1 
ATOM   108  N NE2 . GLN A 1 15  ? -6.250  -11.011 -3.987  1.00 26.64 ? 15  GLN A NE2 1 
ATOM   109  N N   . LEU A 1 16  ? -9.123  -11.941 0.269   1.00 22.99 ? 16  LEU A N   1 
ATOM   110  C CA  . LEU A 1 16  ? -10.302 -12.788 0.151   1.00 32.33 ? 16  LEU A CA  1 
ATOM   111  C C   . LEU A 1 16  ? -10.333 -13.436 -1.227  1.00 34.98 ? 16  LEU A C   1 
ATOM   112  O O   . LEU A 1 16  ? -10.379 -12.738 -2.248  1.00 29.49 ? 16  LEU A O   1 
ATOM   113  C CB  . LEU A 1 16  ? -11.572 -11.976 0.395   1.00 33.09 ? 16  LEU A CB  1 
ATOM   114  C CG  . LEU A 1 16  ? -12.863 -12.788 0.475   1.00 29.99 ? 16  LEU A CG  1 
ATOM   115  C CD1 . LEU A 1 16  ? -12.780 -13.799 1.606   1.00 30.69 ? 16  LEU A CD1 1 
ATOM   116  C CD2 . LEU A 1 16  ? -14.045 -11.862 0.671   1.00 24.07 ? 16  LEU A CD2 1 
ATOM   117  N N   . THR A 1 17  ? -10.315 -14.765 -1.253  1.00 46.94 ? 17  THR A N   1 
ATOM   118  C CA  . THR A 1 17  ? -10.378 -15.513 -2.501  1.00 52.51 ? 17  THR A CA  1 
ATOM   119  C C   . THR A 1 17  ? -11.051 -16.873 -2.301  1.00 49.06 ? 17  THR A C   1 
ATOM   120  O O   . THR A 1 17  ? -11.622 -17.150 -1.244  1.00 37.20 ? 17  THR A O   1 
ATOM   121  C CB  . THR A 1 17  ? -8.977  -15.728 -3.098  1.00 47.25 ? 17  THR A CB  1 
ATOM   122  O OG1 . THR A 1 17  ? -9.098  -16.124 -4.469  1.00 54.70 ? 17  THR A OG1 1 
ATOM   123  C CG2 . THR A 1 17  ? -8.225  -16.805 -2.324  1.00 43.16 ? 17  THR A CG2 1 
ATOM   124  N N   . VAL A 1 22  ? -6.733  -16.163 2.558   1.00 29.71 ? 22  VAL A N   1 
ATOM   125  C CA  . VAL A 1 22  ? -5.293  -16.380 2.483   1.00 33.65 ? 22  VAL A CA  1 
ATOM   126  C C   . VAL A 1 22  ? -4.552  -15.345 3.315   1.00 29.21 ? 22  VAL A C   1 
ATOM   127  O O   . VAL A 1 22  ? -4.750  -14.144 3.144   1.00 30.52 ? 22  VAL A O   1 
ATOM   128  C CB  . VAL A 1 22  ? -4.797  -16.350 1.032   1.00 29.27 ? 22  VAL A CB  1 
ATOM   129  C CG1 . VAL A 1 22  ? -3.301  -16.612 0.981   1.00 34.04 ? 22  VAL A CG1 1 
ATOM   130  C CG2 . VAL A 1 22  ? -5.553  -17.367 0.192   1.00 34.47 ? 22  VAL A CG2 1 
ATOM   131  N N   . HIS A 1 23  ? -3.695  -15.818 4.214   1.00 23.61 ? 23  HIS A N   1 
ATOM   132  C CA  . HIS A 1 23  ? -2.878  -14.951 5.057   1.00 28.78 ? 23  HIS A CA  1 
ATOM   133  C C   . HIS A 1 23  ? -1.473  -14.935 4.461   1.00 33.03 ? 23  HIS A C   1 
ATOM   134  O O   . HIS A 1 23  ? -0.605  -15.720 4.845   1.00 33.80 ? 23  HIS A O   1 
ATOM   135  C CB  . HIS A 1 23  ? -2.889  -15.435 6.501   1.00 34.95 ? 23  HIS A CB  1 
ATOM   136  C CG  . HIS A 1 23  ? -4.262  -15.710 7.035   1.00 46.62 ? 23  HIS A CG  1 
ATOM   137  N ND1 . HIS A 1 23  ? -5.251  -14.750 7.079   1.00 39.29 ? 23  HIS A ND1 1 
ATOM   138  C CD2 . HIS A 1 23  ? -4.808  -16.836 7.550   1.00 47.35 ? 23  HIS A CD2 1 
ATOM   139  C CE1 . HIS A 1 23  ? -6.348  -15.275 7.596   1.00 46.30 ? 23  HIS A CE1 1 
ATOM   140  N NE2 . HIS A 1 23  ? -6.106  -16.540 7.890   1.00 48.47 ? 23  HIS A NE2 1 
ATOM   141  N N   . HIS A 1 24  ? -1.258  -14.035 3.506   1.00 22.69 ? 24  HIS A N   1 
ATOM   142  C CA  . HIS A 1 24  ? 0.024   -13.940 2.809   1.00 21.69 ? 24  HIS A CA  1 
ATOM   143  C C   . HIS A 1 24  ? 1.137   -13.540 3.766   1.00 26.12 ? 24  HIS A C   1 
ATOM   144  O O   . HIS A 1 24  ? 1.054   -12.470 4.379   1.00 27.26 ? 24  HIS A O   1 
ATOM   145  C CB  . HIS A 1 24  ? -0.036  -12.902 1.691   1.00 25.96 ? 24  HIS A CB  1 
ATOM   146  C CG  . HIS A 1 24  ? -0.983  -13.234 0.580   1.00 25.41 ? 24  HIS A CG  1 
ATOM   147  N ND1 . HIS A 1 24  ? -0.880  -14.382 -0.174  1.00 28.03 ? 24  HIS A ND1 1 
ATOM   148  C CD2 . HIS A 1 24  ? -2.025  -12.538 0.067   1.00 29.00 ? 24  HIS A CD2 1 
ATOM   149  C CE1 . HIS A 1 24  ? -1.831  -14.390 -1.091  1.00 31.59 ? 24  HIS A CE1 1 
ATOM   150  N NE2 . HIS A 1 24  ? -2.541  -13.284 -0.965  1.00 32.37 ? 24  HIS A NE2 1 
ATOM   151  N N   . PRO A 1 25  ? 2.195   -14.337 3.916   1.00 26.53 ? 25  PRO A N   1 
ATOM   152  C CA  . PRO A 1 25  ? 3.435   -13.796 4.494   1.00 26.44 ? 25  PRO A CA  1 
ATOM   153  C C   . PRO A 1 25  ? 4.068   -12.853 3.485   1.00 24.58 ? 25  PRO A C   1 
ATOM   154  O O   . PRO A 1 25  ? 4.381   -13.254 2.361   1.00 18.70 ? 25  PRO A O   1 
ATOM   155  C CB  . PRO A 1 25  ? 4.299   -15.043 4.733   1.00 28.83 ? 25  PRO A CB  1 
ATOM   156  C CG  . PRO A 1 25  ? 3.386   -16.227 4.510   1.00 23.07 ? 25  PRO A CG  1 
ATOM   157  C CD  . PRO A 1 25  ? 2.320   -15.762 3.574   1.00 30.56 ? 25  PRO A CD  1 
ATOM   158  N N   . VAL A 1 26  ? 4.232   -11.584 3.871   1.00 24.84 ? 26  VAL A N   1 
ATOM   159  C CA  . VAL A 1 26  ? 4.691   -10.592 2.903   1.00 20.99 ? 26  VAL A CA  1 
ATOM   160  C C   . VAL A 1 26  ? 6.110   -10.897 2.439   1.00 13.28 ? 26  VAL A C   1 
ATOM   161  O O   . VAL A 1 26  ? 6.495   -10.525 1.324   1.00 19.55 ? 26  VAL A O   1 
ATOM   162  C CB  . VAL A 1 26  ? 4.578   -9.167  3.480   1.00 15.91 ? 26  VAL A CB  1 
ATOM   163  C CG1 . VAL A 1 26  ? 3.177   -8.920  4.020   1.00 14.68 ? 26  VAL A CG1 1 
ATOM   164  C CG2 . VAL A 1 26  ? 5.620   -8.930  4.556   1.00 14.50 ? 26  VAL A CG2 1 
ATOM   165  N N   . LEU A 1 27  ? 6.905   -11.585 3.263   1.00 20.05 ? 27  LEU A N   1 
ATOM   166  C CA  . LEU A 1 27  ? 8.256   -11.942 2.838   1.00 22.46 ? 27  LEU A CA  1 
ATOM   167  C C   . LEU A 1 27  ? 8.239   -12.971 1.718   1.00 21.17 ? 27  LEU A C   1 
ATOM   168  O O   . LEU A 1 27  ? 9.195   -13.051 0.938   1.00 26.59 ? 27  LEU A O   1 
ATOM   169  C CB  . LEU A 1 27  ? 9.070   -12.463 4.021   1.00 23.96 ? 27  LEU A CB  1 
ATOM   170  C CG  . LEU A 1 27  ? 9.457   -11.419 5.069   1.00 28.36 ? 27  LEU A CG  1 
ATOM   171  C CD1 . LEU A 1 27  ? 10.401  -12.027 6.094   1.00 35.58 ? 27  LEU A CD1 1 
ATOM   172  C CD2 . LEU A 1 27  ? 10.081  -10.198 4.408   1.00 27.65 ? 27  LEU A CD2 1 
ATOM   173  N N   . GLU A 1 28  ? 7.174   -13.763 1.618   1.00 21.59 ? 28  GLU A N   1 
ATOM   174  C CA  . GLU A 1 28  ? 7.035   -14.717 0.526   1.00 23.29 ? 28  GLU A CA  1 
ATOM   175  C C   . GLU A 1 28  ? 6.286   -14.123 -0.662  1.00 18.69 ? 28  GLU A C   1 
ATOM   176  O O   . GLU A 1 28  ? 6.627   -14.407 -1.814  1.00 17.32 ? 28  GLU A O   1 
ATOM   177  C CB  . GLU A 1 28  ? 6.325   -15.983 1.019   1.00 23.66 ? 28  GLU A CB  1 
ATOM   178  C CG  . GLU A 1 28  ? 7.149   -16.795 2.010   1.00 36.00 ? 28  GLU A CG  1 
ATOM   179  C CD  . GLU A 1 28  ? 6.338   -17.865 2.716   1.00 52.70 ? 28  GLU A CD  1 
ATOM   180  O OE1 . GLU A 1 28  ? 5.413   -18.429 2.091   1.00 47.28 ? 28  GLU A OE1 1 
ATOM   181  O OE2 . GLU A 1 28  ? 6.626   -18.143 3.900   1.00 50.85 ? 28  GLU A OE2 1 
ATOM   182  N N   . LEU A 1 29  ? 5.282   -13.282 -0.400  1.00 15.70 ? 29  LEU A N   1 
ATOM   183  C CA  . LEU A 1 29  ? 4.499   -12.694 -1.483  1.00 16.47 ? 29  LEU A CA  1 
ATOM   184  C C   . LEU A 1 29  ? 5.334   -11.726 -2.316  1.00 17.30 ? 29  LEU A C   1 
ATOM   185  O O   . LEU A 1 29  ? 5.161   -11.636 -3.536  1.00 15.56 ? 29  LEU A O   1 
ATOM   186  C CB  . LEU A 1 29  ? 3.269   -11.987 -0.910  1.00 15.91 ? 29  LEU A CB  1 
ATOM   187  C CG  . LEU A 1 29  ? 2.333   -11.271 -1.883  1.00 23.61 ? 29  LEU A CG  1 
ATOM   188  C CD1 . LEU A 1 29  ? 1.615   -12.267 -2.787  1.00 21.08 ? 29  LEU A CD1 1 
ATOM   189  C CD2 . LEU A 1 29  ? 1.334   -10.400 -1.125  1.00 18.74 ? 29  LEU A CD2 1 
ATOM   190  N N   . PHE A 1 30  ? 6.249   -10.996 -1.676  1.00 14.18 ? 30  PHE A N   1 
ATOM   191  C CA  . PHE A 1 30  ? 7.031   -9.975  -2.360  1.00 16.05 ? 30  PHE A CA  1 
ATOM   192  C C   . PHE A 1 30  ? 8.404   -10.462 -2.802  1.00 17.34 ? 30  PHE A C   1 
ATOM   193  O O   . PHE A 1 30  ? 9.133   -9.701  -3.449  1.00 14.53 ? 30  PHE A O   1 
ATOM   194  C CB  . PHE A 1 30  ? 7.196   -8.742  -1.460  1.00 14.48 ? 30  PHE A CB  1 
ATOM   195  C CG  . PHE A 1 30  ? 5.906   -8.028  -1.162  1.00 11.95 ? 30  PHE A CG  1 
ATOM   196  C CD1 . PHE A 1 30  ? 4.784   -8.235  -1.946  1.00 14.73 ? 30  PHE A CD1 1 
ATOM   197  C CD2 . PHE A 1 30  ? 5.818   -7.147  -0.096  1.00 11.43 ? 30  PHE A CD2 1 
ATOM   198  C CE1 . PHE A 1 30  ? 3.597   -7.579  -1.673  1.00 13.52 ? 30  PHE A CE1 1 
ATOM   199  C CE2 . PHE A 1 30  ? 4.634   -6.487  0.183   1.00 12.37 ? 30  PHE A CE2 1 
ATOM   200  C CZ  . PHE A 1 30  ? 3.522   -6.704  -0.606  1.00 14.18 ? 30  PHE A CZ  1 
ATOM   201  N N   . ALA A 1 31  ? 8.766   -11.702 -2.481  1.00 17.18 ? 31  ALA A N   1 
ATOM   202  C CA  . ALA A 1 31  ? 10.094  -12.203 -2.810  1.00 20.01 ? 31  ALA A CA  1 
ATOM   203  C C   . ALA A 1 31  ? 10.304  -12.240 -4.319  1.00 15.37 ? 31  ALA A C   1 
ATOM   204  O O   . ALA A 1 31  ? 9.389   -12.557 -5.085  1.00 16.16 ? 31  ALA A O   1 
ATOM   205  C CB  . ALA A 1 31  ? 10.292  -13.597 -2.212  1.00 16.60 ? 31  ALA A CB  1 
ATOM   206  N N   . GLY A 1 32  ? 11.519  -11.895 -4.742  1.00 19.00 ? 32  GLY A N   1 
ATOM   207  C CA  . GLY A 1 32  ? 11.897  -11.955 -6.140  1.00 16.15 ? 32  GLY A CA  1 
ATOM   208  C C   . GLY A 1 32  ? 11.223  -10.952 -7.046  1.00 27.03 ? 32  GLY A C   1 
ATOM   209  O O   . GLY A 1 32  ? 11.338  -11.073 -8.269  1.00 19.41 ? 32  GLY A O   1 
ATOM   210  N N   . LYS A 1 33  ? 10.533  -9.960  -6.491  1.00 16.86 ? 33  LYS A N   1 
ATOM   211  C CA  . LYS A 1 33  ? 9.762   -9.012  -7.281  1.00 14.21 ? 33  LYS A CA  1 
ATOM   212  C C   . LYS A 1 33  ? 10.170  -7.588  -6.940  1.00 16.77 ? 33  LYS A C   1 
ATOM   213  O O   . LYS A 1 33  ? 10.647  -7.307  -5.836  1.00 13.04 ? 33  LYS A O   1 
ATOM   214  C CB  . LYS A 1 33  ? 8.254   -9.162  -7.034  1.00 17.74 ? 33  LYS A CB  1 
ATOM   215  C CG  . LYS A 1 33  ? 7.688   -10.543 -7.300  1.00 19.99 ? 33  LYS A CG  1 
ATOM   216  C CD  . LYS A 1 33  ? 6.251   -10.629 -6.808  1.00 21.19 ? 33  LYS A CD  1 
ATOM   217  C CE  . LYS A 1 33  ? 5.558   -11.870 -7.333  1.00 27.02 ? 33  LYS A CE  1 
ATOM   218  N NZ  . LYS A 1 33  ? 5.435   -11.830 -8.816  1.00 36.39 ? 33  LYS A NZ  1 
ATOM   219  N N   . LYS A 1 34  ? 9.979   -6.691  -7.905  1.00 12.01 ? 34  LYS A N   1 
ATOM   220  C CA  . LYS A 1 34  ? 9.947   -5.258  -7.633  1.00 17.86 ? 34  LYS A CA  1 
ATOM   221  C C   . LYS A 1 34  ? 8.493   -4.884  -7.387  1.00 19.58 ? 34  LYS A C   1 
ATOM   222  O O   . LYS A 1 34  ? 7.669   -4.929  -8.307  1.00 18.30 ? 34  LYS A O   1 
ATOM   223  C CB  . LYS A 1 34  ? 10.537  -4.447  -8.783  1.00 13.35 ? 34  LYS A CB  1 
ATOM   224  C CG  . LYS A 1 34  ? 10.506  -2.941  -8.521  1.00 16.49 ? 34  LYS A CG  1 
ATOM   225  C CD  . LYS A 1 34  ? 11.003  -2.133  -9.710  1.00 25.42 ? 34  LYS A CD  1 
ATOM   226  C CE  . LYS A 1 34  ? 12.511  -2.237  -9.858  1.00 37.01 ? 34  LYS A CE  1 
ATOM   227  N NZ  . LYS A 1 34  ? 13.227  -1.643  -8.693  1.00 39.66 ? 34  LYS A NZ  1 
ATOM   228  N N   . VAL A 1 35  ? 8.174   -4.529  -6.149  1.00 11.39 ? 35  VAL A N   1 
ATOM   229  C CA  . VAL A 1 35  ? 6.800   -4.302  -5.725  1.00 8.29  ? 35  VAL A CA  1 
ATOM   230  C C   . VAL A 1 35  ? 6.625   -2.832  -5.376  1.00 11.09 ? 35  VAL A C   1 
ATOM   231  O O   . VAL A 1 35  ? 7.453   -2.256  -4.659  1.00 9.12  ? 35  VAL A O   1 
ATOM   232  C CB  . VAL A 1 35  ? 6.435   -5.194  -4.527  1.00 11.43 ? 35  VAL A CB  1 
ATOM   233  C CG1 . VAL A 1 35  ? 5.052   -4.837  -3.994  1.00 10.11 ? 35  VAL A CG1 1 
ATOM   234  C CG2 . VAL A 1 35  ? 6.519   -6.667  -4.922  1.00 11.84 ? 35  VAL A CG2 1 
ATOM   235  N N   . VAL A 1 36  ? 5.556   -2.227  -5.886  1.00 13.10 ? 36  VAL A N   1 
ATOM   236  C CA  . VAL A 1 36  ? 5.078   -0.933  -5.414  1.00 6.77  ? 36  VAL A CA  1 
ATOM   237  C C   . VAL A 1 36  ? 3.935   -1.192  -4.446  1.00 9.74  ? 36  VAL A C   1 
ATOM   238  O O   . VAL A 1 36  ? 2.917   -1.789  -4.818  1.00 12.16 ? 36  VAL A O   1 
ATOM   239  C CB  . VAL A 1 36  ? 4.630   -0.033  -6.575  1.00 11.10 ? 36  VAL A CB  1 
ATOM   240  C CG1 . VAL A 1 36  ? 3.842   1.164   -6.050  1.00 8.74  ? 36  VAL A CG1 1 
ATOM   241  C CG2 . VAL A 1 36  ? 5.834   0.438   -7.375  1.00 9.49  ? 36  VAL A CG2 1 
ATOM   242  N N   . LEU A 1 37  ? 4.108   -0.763  -3.198  1.00 7.35  ? 37  LEU A N   1 
ATOM   243  C CA  . LEU A 1 37  ? 3.091   -0.900  -2.164  1.00 9.07  ? 37  LEU A CA  1 
ATOM   244  C C   . LEU A 1 37  ? 2.731   0.487   -1.663  1.00 9.46  ? 37  LEU A C   1 
ATOM   245  O O   . LEU A 1 37  ? 3.612   1.238   -1.236  1.00 8.34  ? 37  LEU A O   1 
ATOM   246  C CB  . LEU A 1 37  ? 3.594   -1.772  -1.011  1.00 8.42  ? 37  LEU A CB  1 
ATOM   247  C CG  . LEU A 1 37  ? 2.703   -1.803  0.236   1.00 11.59 ? 37  LEU A CG  1 
ATOM   248  C CD1 . LEU A 1 37  ? 1.384   -2.512  -0.045  1.00 14.01 ? 37  LEU A CD1 1 
ATOM   249  C CD2 . LEU A 1 37  ? 3.419   -2.453  1.402   1.00 8.98  ? 37  LEU A CD2 1 
ATOM   250  N N   . PHE A 1 38  ? 1.450   0.838   -1.730  1.00 6.27  ? 38  PHE A N   1 
ATOM   251  C CA  . PHE A 1 38  ? 0.977   2.096   -1.172  1.00 7.54  ? 38  PHE A CA  1 
ATOM   252  C C   . PHE A 1 38  ? -0.113  1.810   -0.152  1.00 10.99 ? 38  PHE A C   1 
ATOM   253  O O   . PHE A 1 38  ? -0.905  0.876   -0.316  1.00 7.40  ? 38  PHE A O   1 
ATOM   254  C CB  . PHE A 1 38  ? 0.475   3.069   -2.261  1.00 8.28  ? 38  PHE A CB  1 
ATOM   255  C CG  . PHE A 1 38  ? -0.784  2.630   -2.970  1.00 7.99  ? 38  PHE A CG  1 
ATOM   256  C CD1 . PHE A 1 38  ? -0.726  1.740   -4.031  1.00 12.49 ? 38  PHE A CD1 1 
ATOM   257  C CD2 . PHE A 1 38  ? -2.018  3.147   -2.605  1.00 8.71  ? 38  PHE A CD2 1 
ATOM   258  C CE1 . PHE A 1 38  ? -1.879  1.352   -4.695  1.00 9.18  ? 38  PHE A CE1 1 
ATOM   259  C CE2 . PHE A 1 38  ? -3.175  2.760   -3.264  1.00 8.15  ? 38  PHE A CE2 1 
ATOM   260  C CZ  . PHE A 1 38  ? -3.103  1.863   -4.311  1.00 8.07  ? 38  PHE A CZ  1 
ATOM   261  N N   . ALA A 1 39  ? -0.127  2.599   0.915   1.00 5.59  ? 39  ALA A N   1 
ATOM   262  C CA  . ALA A 1 39  ? -1.052  2.397   2.017   1.00 10.58 ? 39  ALA A CA  1 
ATOM   263  C C   . ALA A 1 39  ? -2.009  3.574   2.123   1.00 7.64  ? 39  ALA A C   1 
ATOM   264  O O   . ALA A 1 39  ? -1.616  4.727   1.923   1.00 7.05  ? 39  ALA A O   1 
ATOM   265  C CB  . ALA A 1 39  ? -0.306  2.220   3.337   1.00 6.13  ? 39  ALA A CB  1 
ATOM   266  N N   . VAL A 1 40  ? -3.260  3.273   2.449   1.00 7.71  ? 40  VAL A N   1 
ATOM   267  C CA  . VAL A 1 40  ? -4.294  4.293   2.595   1.00 9.44  ? 40  VAL A CA  1 
ATOM   268  C C   . VAL A 1 40  ? -4.856  4.241   4.012   1.00 11.28 ? 40  VAL A C   1 
ATOM   269  O O   . VAL A 1 40  ? -4.803  3.184   4.660   1.00 6.85  ? 40  VAL A O   1 
ATOM   270  C CB  . VAL A 1 40  ? -5.397  4.105   1.544   1.00 12.31 ? 40  VAL A CB  1 
ATOM   271  C CG1 . VAL A 1 40  ? -4.829  4.318   0.144   1.00 11.57 ? 40  VAL A CG1 1 
ATOM   272  C CG2 . VAL A 1 40  ? -6.014  2.722   1.670   1.00 9.83  ? 40  VAL A CG2 1 
ATOM   273  N N   . PRO A 1 41  ? -5.375  5.352   4.545   1.00 12.14 ? 41  PRO A N   1 
ATOM   274  C CA  . PRO A 1 41  ? -5.975  5.298   5.888   1.00 9.32  ? 41  PRO A CA  1 
ATOM   275  C C   . PRO A 1 41  ? -7.267  4.503   5.943   1.00 9.70  ? 41  PRO A C   1 
ATOM   276  O O   . PRO A 1 41  ? -7.605  3.972   7.008   1.00 7.01  ? 41  PRO A O   1 
ATOM   277  C CB  . PRO A 1 41  ? -6.207  6.778   6.231   1.00 11.26 ? 41  PRO A CB  1 
ATOM   278  C CG  . PRO A 1 41  ? -5.271  7.534   5.333   1.00 17.56 ? 41  PRO A CG  1 
ATOM   279  C CD  . PRO A 1 41  ? -5.215  6.734   4.066   1.00 13.71 ? 41  PRO A CD  1 
ATOM   280  N N   . GLY A 1 42  ? -8.003  4.399   4.842   1.00 5.65  ? 42  GLY A N   1 
ATOM   281  C CA  . GLY A 1 42  ? -9.248  3.661   4.888   1.00 12.81 ? 42  GLY A CA  1 
ATOM   282  C C   . GLY A 1 42  ? -9.928  3.451   3.554   1.00 12.70 ? 42  GLY A C   1 
ATOM   283  O O   . GLY A 1 42  ? -10.066 4.384   2.758   1.00 14.05 ? 42  GLY A O   1 
ATOM   284  N N   . ALA A 1 43  ? -10.364 2.220   3.304   1.00 12.10 ? 43  ALA A N   1 
ATOM   285  C CA  . ALA A 1 43  ? -11.190 1.942   2.141   1.00 10.44 ? 43  ALA A CA  1 
ATOM   286  C C   . ALA A 1 43  ? -12.445 2.806   2.171   1.00 8.33  ? 43  ALA A C   1 
ATOM   287  O O   . ALA A 1 43  ? -12.991 3.094   3.238   1.00 11.88 ? 43  ALA A O   1 
ATOM   288  C CB  . ALA A 1 43  ? -11.566 0.457   2.107   1.00 7.46  ? 43  ALA A CB  1 
ATOM   289  N N   . PHE A 1 44  ? -12.883 3.241   0.987   1.00 13.11 ? 44  PHE A N   1 
ATOM   290  C CA  . PHE A 1 44  ? -14.101 4.011   0.740   1.00 12.01 ? 44  PHE A CA  1 
ATOM   291  C C   . PHE A 1 44  ? -14.028 5.457   1.227   1.00 19.03 ? 44  PHE A C   1 
ATOM   292  O O   . PHE A 1 44  ? -15.035 6.172   1.134   1.00 19.31 ? 44  PHE A O   1 
ATOM   293  C CB  . PHE A 1 44  ? -15.348 3.350   1.351   1.00 10.80 ? 44  PHE A CB  1 
ATOM   294  C CG  . PHE A 1 44  ? -15.761 2.079   0.663   1.00 14.94 ? 44  PHE A CG  1 
ATOM   295  C CD1 . PHE A 1 44  ? -16.506 2.123   -0.505  1.00 14.13 ? 44  PHE A CD1 1 
ATOM   296  C CD2 . PHE A 1 44  ? -15.412 0.842   1.182   1.00 19.72 ? 44  PHE A CD2 1 
ATOM   297  C CE1 . PHE A 1 44  ? -16.893 0.960   -1.142  1.00 17.35 ? 44  PHE A CE1 1 
ATOM   298  C CE2 . PHE A 1 44  ? -15.796 -0.326  0.547   1.00 17.87 ? 44  PHE A CE2 1 
ATOM   299  C CZ  . PHE A 1 44  ? -16.540 -0.266  -0.616  1.00 18.89 ? 44  PHE A CZ  1 
ATOM   300  N N   . THR A 1 45  ? -12.886 5.917   1.736   1.00 11.02 ? 45  THR A N   1 
ATOM   301  C CA  . THR A 1 45  ? -12.741 7.310   2.133   1.00 14.86 ? 45  THR A CA  1 
ATOM   302  C C   . THR A 1 45  ? -12.404 8.173   0.914   1.00 17.40 ? 45  THR A C   1 
ATOM   303  O O   . THR A 1 45  ? -11.966 7.654   -0.116  1.00 21.26 ? 45  THR A O   1 
ATOM   304  C CB  . THR A 1 45  ? -11.667 7.434   3.212   1.00 12.60 ? 45  THR A CB  1 
ATOM   305  O OG1 . THR A 1 45  ? -10.398 7.029   2.684   1.00 21.35 ? 45  THR A OG1 1 
ATOM   306  C CG2 . THR A 1 45  ? -12.024 6.571   4.420   1.00 15.17 ? 45  THR A CG2 1 
ATOM   307  N N   . PRO A 1 46  ? -12.613 9.512   0.996   1.00 20.61 ? 46  PRO A N   1 
ATOM   308  C CA  . PRO A 1 46  ? -12.557 10.343  -0.221  1.00 20.40 ? 46  PRO A CA  1 
ATOM   309  C C   . PRO A 1 46  ? -11.213 10.359  -0.940  1.00 16.07 ? 46  PRO A C   1 
ATOM   310  O O   . PRO A 1 46  ? -11.151 10.023  -2.127  1.00 13.19 ? 46  PRO A O   1 
ATOM   311  C CB  . PRO A 1 46  ? -12.918 11.743  0.294   1.00 18.78 ? 46  PRO A CB  1 
ATOM   312  C CG  . PRO A 1 46  ? -13.667 11.511  1.553   1.00 19.97 ? 46  PRO A CG  1 
ATOM   313  C CD  . PRO A 1 46  ? -13.043 10.299  2.168   1.00 15.88 ? 46  PRO A CD  1 
ATOM   314  N N   . THR A 1 47  ? -10.140 10.765  -0.253  1.00 12.50 ? 47  THR A N   1 
ATOM   315  C CA  . THR A 1 47  ? -8.836  10.846  -0.910  1.00 19.59 ? 47  THR A CA  1 
ATOM   316  C C   . THR A 1 47  ? -8.412  9.492   -1.466  1.00 18.86 ? 47  THR A C   1 
ATOM   317  O O   . THR A 1 47  ? -7.890  9.408   -2.586  1.00 19.45 ? 47  THR A O   1 
ATOM   318  C CB  . THR A 1 47  ? -7.783  11.376  0.064   1.00 13.68 ? 47  THR A CB  1 
ATOM   319  O OG1 . THR A 1 47  ? -8.083  12.736  0.406   1.00 18.31 ? 47  THR A OG1 1 
ATOM   320  C CG2 . THR A 1 47  ? -6.394  11.307  -0.557  1.00 14.46 ? 47  THR A CG2 1 
ATOM   321  N N   . ASP A 1 48  ? -8.645  8.420   -0.708  1.00 13.51 ? 48  ASP A N   1 
ATOM   322  C CA  . ASP A 1 48  ? -8.243  7.089   -1.152  1.00 12.72 ? 48  ASP A CA  1 
ATOM   323  C C   . ASP A 1 48  ? -9.066  6.629   -2.350  1.00 15.95 ? 48  ASP A C   1 
ATOM   324  O O   . ASP A 1 48  ? -8.540  5.977   -3.258  1.00 12.68 ? 48  ASP A O   1 
ATOM   325  C CB  . ASP A 1 48  ? -8.373  6.098   0.004   1.00 15.09 ? 48  ASP A CB  1 
ATOM   326  C CG  . ASP A 1 48  ? -7.656  6.570   1.253   1.00 23.48 ? 48  ASP A CG  1 
ATOM   327  O OD1 . ASP A 1 48  ? -6.760  7.426   1.127   1.00 24.45 ? 48  ASP A OD1 1 
ATOM   328  O OD2 . ASP A 1 48  ? -7.978  6.086   2.359   1.00 21.89 ? 48  ASP A OD2 1 
ATOM   329  N N   . SER A 1 49  ? -10.354 6.964   -2.372  1.00 19.23 ? 49  SER A N   1 
ATOM   330  C CA  . SER A 1 49  ? -11.243 6.496   -3.428  1.00 19.90 ? 49  SER A CA  1 
ATOM   331  C C   . SER A 1 49  ? -11.271 7.404   -4.647  1.00 21.84 ? 49  SER A C   1 
ATOM   332  O O   . SER A 1 49  ? -11.610 6.937   -5.739  1.00 24.26 ? 49  SER A O   1 
ATOM   333  C CB  . SER A 1 49  ? -12.668 6.345   -2.889  1.00 18.58 ? 49  SER A CB  1 
ATOM   334  O OG  . SER A 1 49  ? -12.673 5.574   -1.701  1.00 22.35 ? 49  SER A OG  1 
ATOM   335  N N   . GLU A 1 50  ? -10.926 8.685   -4.495  1.00 19.98 ? 50  GLU A N   1 
ATOM   336  C CA  . GLU A 1 50  ? -10.999 9.625   -5.604  1.00 22.05 ? 50  GLU A CA  1 
ATOM   337  C C   . GLU A 1 50  ? -9.645  10.057  -6.144  1.00 21.55 ? 50  GLU A C   1 
ATOM   338  O O   . GLU A 1 50  ? -9.590  10.599  -7.252  1.00 28.67 ? 50  GLU A O   1 
ATOM   339  C CB  . GLU A 1 50  ? -11.785 10.879  -5.193  1.00 22.81 ? 50  GLU A CB  1 
ATOM   340  C CG  . GLU A 1 50  ? -13.203 10.600  -4.723  1.00 31.51 ? 50  GLU A CG  1 
ATOM   341  C CD  . GLU A 1 50  ? -14.033 9.870   -5.766  1.00 32.37 ? 50  GLU A CD  1 
ATOM   342  O OE1 . GLU A 1 50  ? -14.692 8.872   -5.410  1.00 33.69 ? 50  GLU A OE1 1 
ATOM   343  O OE2 . GLU A 1 50  ? -14.019 10.292  -6.942  1.00 39.04 ? 50  GLU A OE2 1 
ATOM   344  N N   . ALA A 1 51  ? -8.558  9.834   -5.407  1.00 15.93 ? 51  ALA A N   1 
ATOM   345  C CA  . ALA A 1 51  ? -7.252  10.290  -5.864  1.00 16.98 ? 51  ALA A CA  1 
ATOM   346  C C   . ALA A 1 51  ? -6.191  9.198   -5.788  1.00 21.99 ? 51  ALA A C   1 
ATOM   347  O O   . ALA A 1 51  ? -5.560  8.875   -6.798  1.00 17.90 ? 51  ALA A O   1 
ATOM   348  C CB  . ALA A 1 51  ? -6.802  11.510  -5.056  1.00 18.60 ? 51  ALA A CB  1 
ATOM   349  N N   . HIS A 1 52  ? -5.986  8.623   -4.602  1.00 18.30 ? 52  HIS A N   1 
ATOM   350  C CA  . HIS A 1 52  ? -4.841  7.747   -4.378  1.00 17.97 ? 52  HIS A CA  1 
ATOM   351  C C   . HIS A 1 52  ? -4.938  6.457   -5.185  1.00 19.43 ? 52  HIS A C   1 
ATOM   352  O O   . HIS A 1 52  ? -4.111  6.215   -6.070  1.00 16.44 ? 52  HIS A O   1 
ATOM   353  C CB  . HIS A 1 52  ? -4.691  7.423   -2.892  1.00 13.55 ? 52  HIS A CB  1 
ATOM   354  C CG  . HIS A 1 52  ? -3.284  7.103   -2.490  1.00 12.77 ? 52  HIS A CG  1 
ATOM   355  N ND1 . HIS A 1 52  ? -2.920  6.829   -1.189  1.00 11.29 ? 52  HIS A ND1 1 
ATOM   356  C CD2 . HIS A 1 52  ? -2.147  7.021   -3.222  1.00 18.36 ? 52  HIS A CD2 1 
ATOM   357  C CE1 . HIS A 1 52  ? -1.622  6.590   -1.137  1.00 16.15 ? 52  HIS A CE1 1 
ATOM   358  N NE2 . HIS A 1 52  ? -1.129  6.699   -2.358  1.00 11.29 ? 52  HIS A NE2 1 
ATOM   359  N N   . LEU A 1 53  ? -5.932  5.622   -4.881  1.00 12.45 ? 53  LEU A N   1 
ATOM   360  C CA  . LEU A 1 53  ? -6.109  4.380   -5.631  1.00 15.82 ? 53  LEU A CA  1 
ATOM   361  C C   . LEU A 1 53  ? -6.334  4.615   -7.122  1.00 25.17 ? 53  LEU A C   1 
ATOM   362  O O   . LEU A 1 53  ? -5.702  3.916   -7.933  1.00 22.07 ? 53  LEU A O   1 
ATOM   363  C CB  . LEU A 1 53  ? -7.246  3.558   -5.015  1.00 14.27 ? 53  LEU A CB  1 
ATOM   364  C CG  . LEU A 1 53  ? -7.645  2.265   -5.730  1.00 18.62 ? 53  LEU A CG  1 
ATOM   365  C CD1 . LEU A 1 53  ? -6.478  1.286   -5.792  1.00 18.55 ? 53  LEU A CD1 1 
ATOM   366  C CD2 . LEU A 1 53  ? -8.841  1.626   -5.046  1.00 13.25 ? 53  LEU A CD2 1 
ATOM   367  N N   . PRO A 1 54  ? -7.193  5.551   -7.556  1.00 19.15 ? 54  PRO A N   1 
ATOM   368  C CA  . PRO A 1 54  ? -7.338  5.767   -9.008  1.00 19.06 ? 54  PRO A CA  1 
ATOM   369  C C   . PRO A 1 54  ? -6.037  6.130   -9.700  1.00 19.32 ? 54  PRO A C   1 
ATOM   370  O O   . PRO A 1 54  ? -5.829  5.744   -10.858 1.00 24.25 ? 54  PRO A O   1 
ATOM   371  C CB  . PRO A 1 54  ? -8.359  6.910   -9.088  1.00 17.10 ? 54  PRO A CB  1 
ATOM   372  C CG  . PRO A 1 54  ? -9.141  6.799   -7.841  1.00 20.39 ? 54  PRO A CG  1 
ATOM   373  C CD  . PRO A 1 54  ? -8.167  6.356   -6.793  1.00 15.89 ? 54  PRO A CD  1 
ATOM   374  N N   . GLY A 1 55  ? -5.150  6.863   -9.023  1.00 22.68 ? 55  GLY A N   1 
ATOM   375  C CA  . GLY A 1 55  ? -3.886  7.229   -9.640  1.00 22.45 ? 55  GLY A CA  1 
ATOM   376  C C   . GLY A 1 55  ? -3.035  6.023   -9.995  1.00 23.44 ? 55  GLY A C   1 
ATOM   377  O O   . GLY A 1 55  ? -2.356  6.014   -11.025 1.00 25.85 ? 55  GLY A O   1 
ATOM   378  N N   . TYR A 1 56  ? -3.061  4.988   -9.149  1.00 23.04 ? 56  TYR A N   1 
ATOM   379  C CA  . TYR A 1 56  ? -2.285  3.785   -9.434  1.00 20.26 ? 56  TYR A CA  1 
ATOM   380  C C   . TYR A 1 56  ? -2.965  2.910   -10.477 1.00 25.51 ? 56  TYR A C   1 
ATOM   381  O O   . TYR A 1 56  ? -2.280  2.242   -11.261 1.00 21.43 ? 56  TYR A O   1 
ATOM   382  C CB  . TYR A 1 56  ? -2.031  2.997   -8.148  1.00 13.90 ? 56  TYR A CB  1 
ATOM   383  C CG  . TYR A 1 56  ? -0.908  3.577   -7.321  1.00 14.55 ? 56  TYR A CG  1 
ATOM   384  C CD1 . TYR A 1 56  ? 0.416   3.268   -7.608  1.00 11.35 ? 56  TYR A CD1 1 
ATOM   385  C CD2 . TYR A 1 56  ? -1.166  4.446   -6.270  1.00 11.96 ? 56  TYR A CD2 1 
ATOM   386  C CE1 . TYR A 1 56  ? 1.452   3.802   -6.871  1.00 9.33  ? 56  TYR A CE1 1 
ATOM   387  C CE2 . TYR A 1 56  ? -0.132  4.986   -5.521  1.00 10.49 ? 56  TYR A CE2 1 
ATOM   388  C CZ  . TYR A 1 56  ? 1.174   4.661   -5.830  1.00 8.37  ? 56  TYR A CZ  1 
ATOM   389  O OH  . TYR A 1 56  ? 2.213   5.185   -5.101  1.00 12.67 ? 56  TYR A OH  1 
ATOM   390  N N   . ILE A 1 57  ? -4.299  2.900   -10.505 1.00 19.81 ? 57  ILE A N   1 
ATOM   391  C CA  . ILE A 1 57  ? -5.014  2.169   -11.549 1.00 22.17 ? 57  ILE A CA  1 
ATOM   392  C C   . ILE A 1 57  ? -4.688  2.748   -12.919 1.00 29.40 ? 57  ILE A C   1 
ATOM   393  O O   . ILE A 1 57  ? -4.460  2.009   -13.886 1.00 26.85 ? 57  ILE A O   1 
ATOM   394  C CB  . ILE A 1 57  ? -6.529  2.195   -11.277 1.00 24.70 ? 57  ILE A CB  1 
ATOM   395  C CG1 . ILE A 1 57  ? -6.865  1.410   -10.008 1.00 23.70 ? 57  ILE A CG1 1 
ATOM   396  C CG2 . ILE A 1 57  ? -7.293  1.640   -12.468 1.00 20.56 ? 57  ILE A CG2 1 
ATOM   397  C CD1 . ILE A 1 57  ? -8.317  1.522   -9.596  1.00 23.39 ? 57  ILE A CD1 1 
ATOM   398  N N   . VAL A 1 58  ? -4.643  4.078   -13.019 1.00 24.33 ? 58  VAL A N   1 
ATOM   399  C CA  . VAL A 1 58  ? -4.452  4.728   -14.311 1.00 25.82 ? 58  VAL A CA  1 
ATOM   400  C C   . VAL A 1 58  ? -3.024  4.530   -14.812 1.00 31.24 ? 58  VAL A C   1 
ATOM   401  O O   . VAL A 1 58  ? -2.793  4.365   -16.016 1.00 35.55 ? 58  VAL A O   1 
ATOM   402  C CB  . VAL A 1 58  ? -4.826  6.219   -14.206 1.00 22.14 ? 58  VAL A CB  1 
ATOM   403  C CG1 . VAL A 1 58  ? -4.279  7.001   -15.388 1.00 32.40 ? 58  VAL A CG1 1 
ATOM   404  C CG2 . VAL A 1 58  ? -6.337  6.376   -14.120 1.00 25.61 ? 58  VAL A CG2 1 
ATOM   405  N N   . LEU A 1 59  ? -2.047  4.530   -13.904 1.00 27.54 ? 59  LEU A N   1 
ATOM   406  C CA  . LEU A 1 59  ? -0.639  4.418   -14.265 1.00 27.77 ? 59  LEU A CA  1 
ATOM   407  C C   . LEU A 1 59  ? -0.087  3.010   -14.065 1.00 25.59 ? 59  LEU A C   1 
ATOM   408  O O   . LEU A 1 59  ? 1.135   2.833   -14.020 1.00 28.95 ? 59  LEU A O   1 
ATOM   409  C CB  . LEU A 1 59  ? 0.193   5.423   -13.465 1.00 21.69 ? 59  LEU A CB  1 
ATOM   410  C CG  . LEU A 1 59  ? -0.129  6.898   -13.695 1.00 36.01 ? 59  LEU A CG  1 
ATOM   411  C CD1 . LEU A 1 59  ? 0.709   7.782   -12.784 1.00 29.41 ? 59  LEU A CD1 1 
ATOM   412  C CD2 . LEU A 1 59  ? 0.086   7.271   -15.156 1.00 34.62 ? 59  LEU A CD2 1 
ATOM   413  N N   . ALA A 1 60  ? -0.963  2.006   -13.952 1.00 26.00 ? 60  ALA A N   1 
ATOM   414  C CA  . ALA A 1 60  ? -0.510  0.657   -13.627 1.00 25.28 ? 60  ALA A CA  1 
ATOM   415  C C   . ALA A 1 60  ? 0.424   0.104   -14.694 1.00 33.16 ? 60  ALA A C   1 
ATOM   416  O O   . ALA A 1 60  ? 1.476   -0.462  -14.375 1.00 30.67 ? 60  ALA A O   1 
ATOM   417  C CB  . ALA A 1 60  ? -1.712  -0.267  -13.437 1.00 24.03 ? 60  ALA A CB  1 
ATOM   418  N N   . ASP A 1 61  ? 0.056   0.260   -15.969 1.00 32.50 ? 61  ASP A N   1 
ATOM   419  C CA  . ASP A 1 61  ? 0.869   -0.289  -17.049 1.00 30.36 ? 61  ASP A CA  1 
ATOM   420  C C   . ASP A 1 61  ? 2.157   0.502   -17.237 1.00 30.88 ? 61  ASP A C   1 
ATOM   421  O O   . ASP A 1 61  ? 3.194   -0.075  -17.585 1.00 34.82 ? 61  ASP A O   1 
ATOM   422  C CB  . ASP A 1 61  ? 0.062   -0.331  -18.344 1.00 43.56 ? 61  ASP A CB  1 
ATOM   423  C CG  . ASP A 1 61  ? -1.161  -1.215  -18.235 1.00 54.84 ? 61  ASP A CG  1 
ATOM   424  O OD1 . ASP A 1 61  ? -2.276  -0.722  -18.508 1.00 66.57 ? 61  ASP A OD1 1 
ATOM   425  O OD2 . ASP A 1 61  ? -1.009  -2.402  -17.875 1.00 47.17 ? 61  ASP A OD2 1 
ATOM   426  N N   . GLN A 1 62  ? 2.110   1.822   -17.039 1.00 27.40 ? 62  GLN A N   1 
ATOM   427  C CA  . GLN A 1 62  ? 3.339   2.610   -17.060 1.00 22.84 ? 62  GLN A CA  1 
ATOM   428  C C   . GLN A 1 62  ? 4.303   2.150   -15.976 1.00 33.85 ? 62  GLN A C   1 
ATOM   429  O O   . GLN A 1 62  ? 5.509   2.031   -16.219 1.00 29.94 ? 62  GLN A O   1 
ATOM   430  C CB  . GLN A 1 62  ? 3.028   4.100   -16.893 1.00 30.44 ? 62  GLN A CB  1 
ATOM   431  C CG  . GLN A 1 62  ? 2.709   4.837   -18.179 1.00 37.41 ? 62  GLN A CG  1 
ATOM   432  C CD  . GLN A 1 62  ? 3.371   6.202   -18.232 1.00 46.32 ? 62  GLN A CD  1 
ATOM   433  O OE1 . GLN A 1 62  ? 2.709   7.235   -18.126 1.00 42.75 ? 62  GLN A OE1 1 
ATOM   434  N NE2 . GLN A 1 62  ? 4.691   6.209   -18.386 1.00 45.81 ? 62  GLN A NE2 1 
ATOM   435  N N   . LEU A 1 63  ? 3.793   1.897   -14.766 1.00 28.22 ? 63  LEU A N   1 
ATOM   436  C CA  . LEU A 1 63  ? 4.642   1.391   -13.692 1.00 25.83 ? 63  LEU A CA  1 
ATOM   437  C C   . LEU A 1 63  ? 5.249   0.044   -14.064 1.00 24.30 ? 63  LEU A C   1 
ATOM   438  O O   . LEU A 1 63  ? 6.446   -0.190  -13.859 1.00 25.32 ? 63  LEU A O   1 
ATOM   439  C CB  . LEU A 1 63  ? 3.838   1.282   -12.394 1.00 21.25 ? 63  LEU A CB  1 
ATOM   440  C CG  . LEU A 1 63  ? 3.501   2.602   -11.701 1.00 25.84 ? 63  LEU A CG  1 
ATOM   441  C CD1 . LEU A 1 63  ? 2.359   2.426   -10.711 1.00 21.33 ? 63  LEU A CD1 1 
ATOM   442  C CD2 . LEU A 1 63  ? 4.733   3.151   -11.003 1.00 19.76 ? 63  LEU A CD2 1 
ATOM   443  N N   . LYS A 1 64  ? 4.434   -0.858  -14.615 1.00 23.63 ? 64  LYS A N   1 
ATOM   444  C CA  . LYS A 1 64  ? 4.947   -2.162  -15.017 1.00 29.20 ? 64  LYS A CA  1 
ATOM   445  C C   . LYS A 1 64  ? 5.873   -2.052  -16.221 1.00 31.74 ? 64  LYS A C   1 
ATOM   446  O O   . LYS A 1 64  ? 6.765   -2.891  -16.395 1.00 29.70 ? 64  LYS A O   1 
ATOM   447  C CB  . LYS A 1 64  ? 3.785   -3.114  -15.300 1.00 32.78 ? 64  LYS A CB  1 
ATOM   448  C CG  . LYS A 1 64  ? 3.130   -3.636  -14.030 1.00 36.21 ? 64  LYS A CG  1 
ATOM   449  C CD  . LYS A 1 64  ? 1.613   -3.697  -14.127 1.00 38.32 ? 64  LYS A CD  1 
ATOM   450  C CE  . LYS A 1 64  ? 1.150   -4.795  -15.064 1.00 44.42 ? 64  LYS A CE  1 
ATOM   451  N NZ  . LYS A 1 64  ? -0.233  -5.232  -14.726 1.00 50.62 ? 64  LYS A NZ  1 
ATOM   452  N N   . ALA A 1 65  ? 5.690   -1.025  -17.054 1.00 34.41 ? 65  ALA A N   1 
ATOM   453  C CA  . ALA A 1 65  ? 6.629   -0.787  -18.144 1.00 36.86 ? 65  ALA A CA  1 
ATOM   454  C C   . ALA A 1 65  ? 8.014   -0.439  -17.616 1.00 40.64 ? 65  ALA A C   1 
ATOM   455  O O   . ALA A 1 65  ? 9.016   -0.684  -18.296 1.00 40.41 ? 65  ALA A O   1 
ATOM   456  C CB  . ALA A 1 65  ? 6.112   0.329   -19.054 1.00 31.07 ? 65  ALA A CB  1 
ATOM   457  N N   . LYS A 1 66  ? 8.091   0.124   -16.410 1.00 33.09 ? 66  LYS A N   1 
ATOM   458  C CA  . LYS A 1 66  ? 9.358   0.498   -15.801 1.00 31.21 ? 66  LYS A CA  1 
ATOM   459  C C   . LYS A 1 66  ? 9.872   -0.556  -14.826 1.00 25.76 ? 66  LYS A C   1 
ATOM   460  O O   . LYS A 1 66  ? 10.747  -0.258  -14.005 1.00 30.70 ? 66  LYS A O   1 
ATOM   461  C CB  . LYS A 1 66  ? 9.232   1.856   -15.109 1.00 29.08 ? 66  LYS A CB  1 
ATOM   462  C CG  . LYS A 1 66  ? 8.644   2.941   -16.002 1.00 40.07 ? 66  LYS A CG  1 
ATOM   463  C CD  . LYS A 1 66  ? 9.220   4.312   -15.691 1.00 40.68 ? 66  LYS A CD  1 
ATOM   464  C CE  . LYS A 1 66  ? 10.200  4.744   -16.771 1.00 47.79 ? 66  LYS A CE  1 
ATOM   465  N NZ  . LYS A 1 66  ? 9.502   5.363   -17.933 1.00 56.78 ? 66  LYS A NZ  1 
ATOM   466  N N   . GLY A 1 67  ? 9.347   -1.778  -14.892 1.00 22.91 ? 67  GLY A N   1 
ATOM   467  C CA  . GLY A 1 67  ? 9.923   -2.894  -14.176 1.00 23.24 ? 67  GLY A CA  1 
ATOM   468  C C   . GLY A 1 67  ? 9.187   -3.353  -12.935 1.00 26.97 ? 67  GLY A C   1 
ATOM   469  O O   . GLY A 1 67  ? 9.675   -4.267  -12.259 1.00 24.86 ? 67  GLY A O   1 
ATOM   470  N N   . VAL A 1 68  ? 8.041   -2.762  -12.612 1.00 19.87 ? 68  VAL A N   1 
ATOM   471  C CA  . VAL A 1 68  ? 7.277   -3.191  -11.446 1.00 19.70 ? 68  VAL A CA  1 
ATOM   472  C C   . VAL A 1 68  ? 6.545   -4.482  -11.782 1.00 20.28 ? 68  VAL A C   1 
ATOM   473  O O   . VAL A 1 68  ? 5.856   -4.574  -12.804 1.00 25.96 ? 68  VAL A O   1 
ATOM   474  C CB  . VAL A 1 68  ? 6.297   -2.095  -10.998 1.00 19.53 ? 68  VAL A CB  1 
ATOM   475  C CG1 . VAL A 1 68  ? 5.502   -2.557  -9.781  1.00 16.10 ? 68  VAL A CG1 1 
ATOM   476  C CG2 . VAL A 1 68  ? 7.050   -0.820  -10.681 1.00 12.49 ? 68  VAL A CG2 1 
ATOM   477  N N   . ASP A 1 69  ? 6.701   -5.488  -10.925 1.00 18.56 ? 69  ASP A N   1 
ATOM   478  C CA  . ASP A 1 69  ? 6.042   -6.770  -11.124 1.00 19.80 ? 69  ASP A CA  1 
ATOM   479  C C   . ASP A 1 69  ? 4.699   -6.862  -10.417 1.00 28.52 ? 69  ASP A C   1 
ATOM   480  O O   . ASP A 1 69  ? 3.860   -7.681  -10.812 1.00 26.77 ? 69  ASP A O   1 
ATOM   481  C CB  . ASP A 1 69  ? 6.944   -7.908  -10.632 1.00 22.07 ? 69  ASP A CB  1 
ATOM   482  C CG  . ASP A 1 69  ? 8.342   -7.840  -11.219 1.00 27.05 ? 69  ASP A CG  1 
ATOM   483  O OD1 . ASP A 1 69  ? 8.466   -7.635  -12.445 1.00 30.71 ? 69  ASP A OD1 1 
ATOM   484  O OD2 . ASP A 1 69  ? 9.316   -7.983  -10.451 1.00 25.32 ? 69  ASP A OD2 1 
ATOM   485  N N   . LEU A 1 70  ? 4.472   -6.039  -9.395  1.00 22.08 ? 70  LEU A N   1 
ATOM   486  C CA  . LEU A 1 70  ? 3.277   -6.148  -8.570  1.00 13.47 ? 70  LEU A CA  1 
ATOM   487  C C   . LEU A 1 70  ? 2.998   -4.806  -7.911  1.00 16.78 ? 70  LEU A C   1 
ATOM   488  O O   . LEU A 1 70  ? 3.876   -4.240  -7.255  1.00 14.65 ? 70  LEU A O   1 
ATOM   489  C CB  . LEU A 1 70  ? 3.454   -7.238  -7.506  1.00 17.17 ? 70  LEU A CB  1 
ATOM   490  C CG  . LEU A 1 70  ? 2.362   -7.403  -6.449  1.00 14.05 ? 70  LEU A CG  1 
ATOM   491  C CD1 . LEU A 1 70  ? 1.042   -7.819  -7.081  1.00 17.45 ? 70  LEU A CD1 1 
ATOM   492  C CD2 . LEU A 1 70  ? 2.797   -8.406  -5.391  1.00 19.97 ? 70  LEU A CD2 1 
ATOM   493  N N   . ILE A 1 71  ? 1.783   -4.297  -8.099  1.00 19.18 ? 71  ILE A N   1 
ATOM   494  C CA  . ILE A 1 71  ? 1.298   -3.116  -7.394  1.00 14.59 ? 71  ILE A CA  1 
ATOM   495  C C   . ILE A 1 71  ? 0.287   -3.582  -6.359  1.00 15.99 ? 71  ILE A C   1 
ATOM   496  O O   . ILE A 1 71  ? -0.656  -4.313  -6.690  1.00 16.00 ? 71  ILE A O   1 
ATOM   497  C CB  . ILE A 1 71  ? 0.670   -2.088  -8.351  1.00 17.65 ? 71  ILE A CB  1 
ATOM   498  C CG1 . ILE A 1 71  ? 1.627   -1.770  -9.500  1.00 21.12 ? 71  ILE A CG1 1 
ATOM   499  C CG2 . ILE A 1 71  ? 0.303   -0.818  -7.593  1.00 13.49 ? 71  ILE A CG2 1 
ATOM   500  C CD1 . ILE A 1 71  ? 0.996   -0.946  -10.599 1.00 26.63 ? 71  ILE A CD1 1 
ATOM   501  N N   . ALA A 1 72  ? 0.484   -3.171  -5.110  1.00 12.28 ? 72  ALA A N   1 
ATOM   502  C CA  . ALA A 1 72  ? -0.357  -3.616  -4.012  1.00 10.99 ? 72  ALA A CA  1 
ATOM   503  C C   . ALA A 1 72  ? -0.778  -2.429  -3.164  1.00 12.84 ? 72  ALA A C   1 
ATOM   504  O O   . ALA A 1 72  ? 0.003   -1.498  -2.950  1.00 11.04 ? 72  ALA A O   1 
ATOM   505  C CB  . ALA A 1 72  ? 0.368   -4.642  -3.132  1.00 12.69 ? 72  ALA A CB  1 
ATOM   506  N N   . SER A 1 73  ? -2.016  -2.472  -2.683  1.00 12.97 ? 73  SER A N   1 
ATOM   507  C CA  . SER A 1 73  ? -2.535  -1.502  -1.733  1.00 13.24 ? 73  SER A CA  1 
ATOM   508  C C   . SER A 1 73  ? -2.856  -2.210  -0.427  1.00 13.70 ? 73  SER A C   1 
ATOM   509  O O   . SER A 1 73  ? -3.441  -3.296  -0.427  1.00 18.26 ? 73  SER A O   1 
ATOM   510  C CB  . SER A 1 73  ? -3.792  -0.803  -2.268  1.00 11.45 ? 73  SER A CB  1 
ATOM   511  O OG  . SER A 1 73  ? -4.926  -1.648  -2.188  1.00 21.31 ? 73  SER A OG  1 
ATOM   512  N N   . VAL A 1 74  ? -2.467  -1.595  0.685   1.00 8.62  ? 74  VAL A N   1 
ATOM   513  C CA  . VAL A 1 74  ? -2.759  -2.132  2.005   1.00 7.76  ? 74  VAL A CA  1 
ATOM   514  C C   . VAL A 1 74  ? -3.534  -1.082  2.788   1.00 13.31 ? 74  VAL A C   1 
ATOM   515  O O   . VAL A 1 74  ? -3.342  0.126   2.610   1.00 5.77  ? 74  VAL A O   1 
ATOM   516  C CB  . VAL A 1 74  ? -1.474  -2.558  2.752   1.00 9.55  ? 74  VAL A CB  1 
ATOM   517  C CG1 . VAL A 1 74  ? -0.559  -1.362  2.987   1.00 4.59  ? 74  VAL A CG1 1 
ATOM   518  C CG2 . VAL A 1 74  ? -1.812  -3.256  4.064   1.00 12.75 ? 74  VAL A CG2 1 
ATOM   519  N N   . SER A 1 75  ? -4.445  -1.552  3.635   1.00 8.16  ? 75  SER A N   1 
ATOM   520  C CA  . SER A 1 75  ? -5.197  -0.664  4.506   1.00 8.68  ? 75  SER A CA  1 
ATOM   521  C C   . SER A 1 75  ? -5.534  -1.411  5.782   1.00 10.57 ? 75  SER A C   1 
ATOM   522  O O   . SER A 1 75  ? -5.624  -2.641  5.799   1.00 9.66  ? 75  SER A O   1 
ATOM   523  C CB  . SER A 1 75  ? -6.477  -0.154  3.837   1.00 7.31  ? 75  SER A CB  1 
ATOM   524  O OG  . SER A 1 75  ? -7.128  0.792   4.668   1.00 16.99 ? 75  SER A OG  1 
ATOM   525  N N   . VAL A 1 76  ? -5.707  -0.651  6.861   1.00 6.30  ? 76  VAL A N   1 
ATOM   526  C CA  . VAL A 1 76  ? -6.226  -1.226  8.094   1.00 6.90  ? 76  VAL A CA  1 
ATOM   527  C C   . VAL A 1 76  ? -7.733  -1.339  7.921   1.00 8.55  ? 76  VAL A C   1 
ATOM   528  O O   . VAL A 1 76  ? -8.502  -0.519  8.436   1.00 9.73  ? 76  VAL A O   1 
ATOM   529  C CB  . VAL A 1 76  ? -5.834  -0.399  9.330   1.00 8.65  ? 76  VAL A CB  1 
ATOM   530  C CG1 . VAL A 1 76  ? -6.353  -1.056  10.604  1.00 4.99  ? 76  VAL A CG1 1 
ATOM   531  C CG2 . VAL A 1 76  ? -4.324  -0.254  9.399   1.00 9.33  ? 76  VAL A CG2 1 
ATOM   532  N N   . ASN A 1 77  ? -8.147  -2.324  7.130   1.00 7.28  ? 77  ASN A N   1 
ATOM   533  C CA  . ASN A 1 77  ? -9.534  -2.721  6.960   1.00 5.64  ? 77  ASN A CA  1 
ATOM   534  C C   . ASN A 1 77  ? -9.559  -4.240  6.905   1.00 12.08 ? 77  ASN A C   1 
ATOM   535  O O   . ASN A 1 77  ? -8.521  -4.883  6.739   1.00 10.53 ? 77  ASN A O   1 
ATOM   536  C CB  . ASN A 1 77  ? -10.154 -2.142  5.677   1.00 11.12 ? 77  ASN A CB  1 
ATOM   537  C CG  . ASN A 1 77  ? -10.408 -0.649  5.763   1.00 10.12 ? 77  ASN A CG  1 
ATOM   538  O OD1 . ASN A 1 77  ? -9.602  0.154   5.294   1.00 13.10 ? 77  ASN A OD1 1 
ATOM   539  N ND2 . ASN A 1 77  ? -11.542 -0.271  6.340   1.00 8.25  ? 77  ASN A ND2 1 
ATOM   540  N N   . ASP A 1 78  ? -10.750 -4.816  7.031   1.00 10.63 ? 78  ASP A N   1 
ATOM   541  C CA  . ASP A 1 78  ? -10.855 -6.259  6.888   1.00 10.87 ? 78  ASP A CA  1 
ATOM   542  C C   . ASP A 1 78  ? -10.923 -6.638  5.407   1.00 14.84 ? 78  ASP A C   1 
ATOM   543  O O   . ASP A 1 78  ? -11.123 -5.796  4.528   1.00 10.65 ? 78  ASP A O   1 
ATOM   544  C CB  . ASP A 1 78  ? -12.071 -6.792  7.640   1.00 13.34 ? 78  ASP A CB  1 
ATOM   545  C CG  . ASP A 1 78  ? -13.371 -6.231  7.110   1.00 11.66 ? 78  ASP A CG  1 
ATOM   546  O OD1 . ASP A 1 78  ? -13.907 -6.799  6.135   1.00 12.21 ? 78  ASP A OD1 1 
ATOM   547  O OD2 . ASP A 1 78  ? -13.852 -5.224  7.668   1.00 14.06 ? 78  ASP A OD2 1 
ATOM   548  N N   . ALA A 1 79  ? -10.761 -7.936  5.138   1.00 13.97 ? 79  ALA A N   1 
ATOM   549  C CA  . ALA A 1 79  ? -10.648 -8.397  3.757   1.00 9.49  ? 79  ALA A CA  1 
ATOM   550  C C   . ALA A 1 79  ? -11.963 -8.274  2.998   1.00 12.42 ? 79  ALA A C   1 
ATOM   551  O O   . ALA A 1 79  ? -11.952 -8.132  1.769   1.00 18.52 ? 79  ALA A O   1 
ATOM   552  C CB  . ALA A 1 79  ? -10.152 -9.843  3.725   1.00 17.47 ? 79  ALA A CB  1 
ATOM   553  N N   . PHE A 1 80  ? -13.100 -8.326  3.697   1.00 11.81 ? 80  PHE A N   1 
ATOM   554  C CA  . PHE A 1 80  ? -14.381 -8.168  3.015   1.00 10.91 ? 80  PHE A CA  1 
ATOM   555  C C   . PHE A 1 80  ? -14.579 -6.735  2.539   1.00 13.20 ? 80  PHE A C   1 
ATOM   556  O O   . PHE A 1 80  ? -15.077 -6.507  1.430   1.00 16.97 ? 80  PHE A O   1 
ATOM   557  C CB  . PHE A 1 80  ? -15.526 -8.599  3.931   1.00 15.97 ? 80  PHE A CB  1 
ATOM   558  C CG  . PHE A 1 80  ? -15.609 -10.084 4.137   1.00 13.86 ? 80  PHE A CG  1 
ATOM   559  C CD1 . PHE A 1 80  ? -16.170 -10.899 3.168   1.00 20.28 ? 80  PHE A CD1 1 
ATOM   560  C CD2 . PHE A 1 80  ? -15.125 -10.668 5.296   1.00 18.48 ? 80  PHE A CD2 1 
ATOM   561  C CE1 . PHE A 1 80  ? -16.245 -12.268 3.347   1.00 16.18 ? 80  PHE A CE1 1 
ATOM   562  C CE2 . PHE A 1 80  ? -15.199 -12.038 5.483   1.00 23.51 ? 80  PHE A CE2 1 
ATOM   563  C CZ  . PHE A 1 80  ? -15.759 -12.838 4.506   1.00 16.93 ? 80  PHE A CZ  1 
ATOM   564  N N   . VAL A 1 81  ? -14.195 -5.756  3.361   1.00 13.91 ? 81  VAL A N   1 
ATOM   565  C CA  . VAL A 1 81  ? -14.275 -4.361  2.941   1.00 10.46 ? 81  VAL A CA  1 
ATOM   566  C C   . VAL A 1 81  ? -13.289 -4.089  1.811   1.00 12.33 ? 81  VAL A C   1 
ATOM   567  O O   . VAL A 1 81  ? -13.613 -3.391  0.841   1.00 14.89 ? 81  VAL A O   1 
ATOM   568  C CB  . VAL A 1 81  ? -14.041 -3.427  4.144   1.00 11.33 ? 81  VAL A CB  1 
ATOM   569  C CG1 . VAL A 1 81  ? -13.827 -1.989  3.682   1.00 7.46  ? 81  VAL A CG1 1 
ATOM   570  C CG2 . VAL A 1 81  ? -15.215 -3.504  5.106   1.00 10.75 ? 81  VAL A CG2 1 
ATOM   571  N N   . MET A 1 82  ? -12.079 -4.645  1.908   1.00 12.66 ? 82  MET A N   1 
ATOM   572  C CA  . MET A 1 82  ? -11.088 -4.439  0.855   1.00 12.83 ? 82  MET A CA  1 
ATOM   573  C C   . MET A 1 82  ? -11.556 -5.034  -0.467  1.00 16.22 ? 82  MET A C   1 
ATOM   574  O O   . MET A 1 82  ? -11.373 -4.425  -1.527  1.00 21.03 ? 82  MET A O   1 
ATOM   575  C CB  . MET A 1 82  ? -9.743  -5.037  1.269   1.00 15.82 ? 82  MET A CB  1 
ATOM   576  C CG  . MET A 1 82  ? -9.061  -4.316  2.430   1.00 19.34 ? 82  MET A CG  1 
ATOM   577  S SD  . MET A 1 82  ? -8.707  -2.576  2.094   1.00 16.36 ? 82  MET A SD  1 
ATOM   578  C CE  . MET A 1 82  ? -7.339  -2.708  0.942   1.00 17.86 ? 82  MET A CE  1 
ATOM   579  N N   . LYS A 1 83  ? -12.168 -6.220  -0.430  1.00 19.59 ? 83  LYS A N   1 
ATOM   580  C CA  . LYS A 1 83  ? -12.658 -6.825  -1.665  1.00 22.31 ? 83  LYS A CA  1 
ATOM   581  C C   . LYS A 1 83  ? -13.778 -5.992  -2.273  1.00 17.81 ? 83  LYS A C   1 
ATOM   582  O O   . LYS A 1 83  ? -13.789 -5.732  -3.483  1.00 28.21 ? 83  LYS A O   1 
ATOM   583  C CB  . LYS A 1 83  ? -13.135 -8.256  -1.413  1.00 26.84 ? 83  LYS A CB  1 
ATOM   584  C CG  . LYS A 1 83  ? -13.438 -9.017  -2.701  1.00 30.34 ? 83  LYS A CG  1 
ATOM   585  C CD  . LYS A 1 83  ? -14.183 -10.320 -2.445  1.00 36.11 ? 83  LYS A CD  1 
ATOM   586  C CE  . LYS A 1 83  ? -15.692 -10.163 -2.574  1.00 40.56 ? 83  LYS A CE  1 
ATOM   587  N NZ  . LYS A 1 83  ? -16.105 -9.880  -3.978  1.00 46.44 ? 83  LYS A NZ  1 
ATOM   588  N N   . ALA A 1 84  ? -14.735 -5.567  -1.446  1.00 17.00 ? 84  ALA A N   1 
ATOM   589  C CA  . ALA A 1 84  ? -15.831 -4.747  -1.950  1.00 14.88 ? 84  ALA A CA  1 
ATOM   590  C C   . ALA A 1 84  ? -15.335 -3.405  -2.465  1.00 20.27 ? 84  ALA A C   1 
ATOM   591  O O   . ALA A 1 84  ? -15.892 -2.867  -3.429  1.00 20.44 ? 84  ALA A O   1 
ATOM   592  C CB  . ALA A 1 84  ? -16.880 -4.541  -0.858  1.00 15.85 ? 84  ALA A CB  1 
ATOM   593  N N   . TRP A 1 85  ? -14.293 -2.853  -1.840  1.00 20.32 ? 85  TRP A N   1 
ATOM   594  C CA  . TRP A 1 85  ? -13.726 -1.594  -2.311  1.00 17.27 ? 85  TRP A CA  1 
ATOM   595  C C   . TRP A 1 85  ? -13.074 -1.765  -3.676  1.00 20.99 ? 85  TRP A C   1 
ATOM   596  O O   . TRP A 1 85  ? -13.255 -0.926  -4.567  1.00 18.45 ? 85  TRP A O   1 
ATOM   597  C CB  . TRP A 1 85  ? -12.717 -1.069  -1.291  1.00 14.39 ? 85  TRP A CB  1 
ATOM   598  C CG  . TRP A 1 85  ? -12.233 0.322   -1.567  1.00 18.66 ? 85  TRP A CG  1 
ATOM   599  C CD1 . TRP A 1 85  ? -12.971 1.376   -2.022  1.00 16.21 ? 85  TRP A CD1 1 
ATOM   600  C CD2 . TRP A 1 85  ? -10.894 0.809   -1.411  1.00 12.59 ? 85  TRP A CD2 1 
ATOM   601  N NE1 . TRP A 1 85  ? -12.177 2.490   -2.151  1.00 16.54 ? 85  TRP A NE1 1 
ATOM   602  C CE2 . TRP A 1 85  ? -10.896 2.168   -1.782  1.00 11.81 ? 85  TRP A CE2 1 
ATOM   603  C CE3 . TRP A 1 85  ? -9.695  0.228   -0.988  1.00 9.66  ? 85  TRP A CE3 1 
ATOM   604  C CZ2 . TRP A 1 85  ? -9.746  2.954   -1.749  1.00 15.35 ? 85  TRP A CZ2 1 
ATOM   605  C CZ3 . TRP A 1 85  ? -8.555  1.009   -0.953  1.00 16.58 ? 85  TRP A CZ3 1 
ATOM   606  C CH2 . TRP A 1 85  ? -8.588  2.359   -1.331  1.00 17.87 ? 85  TRP A CH2 1 
ATOM   607  N N   . GLY A 1 86  ? -12.319 -2.850  -3.861  1.00 21.41 ? 86  GLY A N   1 
ATOM   608  C CA  . GLY A 1 86  ? -11.680 -3.084  -5.146  1.00 26.18 ? 86  GLY A CA  1 
ATOM   609  C C   . GLY A 1 86  ? -12.677 -3.248  -6.276  1.00 27.32 ? 86  GLY A C   1 
ATOM   610  O O   . GLY A 1 86  ? -12.445 -2.781  -7.394  1.00 33.77 ? 86  GLY A O   1 
ATOM   611  N N   . GLU A 1 87  ? -13.803 -3.908  -6.001  1.00 28.45 ? 87  GLU A N   1 
ATOM   612  C CA  . GLU A 1 87  ? -14.828 -4.063  -7.028  1.00 31.04 ? 87  GLU A CA  1 
ATOM   613  C C   . GLU A 1 87  ? -15.492 -2.731  -7.353  1.00 29.90 ? 87  GLU A C   1 
ATOM   614  O O   . GLU A 1 87  ? -15.751 -2.433  -8.525  1.00 32.15 ? 87  GLU A O   1 
ATOM   615  C CB  . GLU A 1 87  ? -15.871 -5.087  -6.585  1.00 29.43 ? 87  GLU A CB  1 
ATOM   616  C CG  . GLU A 1 87  ? -15.349 -6.516  -6.555  1.00 45.45 ? 87  GLU A CG  1 
ATOM   617  C CD  . GLU A 1 87  ? -15.029 -7.047  -7.942  1.00 71.74 ? 87  GLU A CD  1 
ATOM   618  O OE1 . GLU A 1 87  ? -14.100 -7.870  -8.051  1.00 73.81 ? 87  GLU A OE1 1 
ATOM   619  O OE2 . GLU A 1 87  ? -15.715 -6.645  -8.902  1.00 76.75 ? 87  GLU A OE2 1 
ATOM   620  N N   . ALA A 1 88  ? -15.777 -1.920  -6.331  1.00 30.02 ? 88  ALA A N   1 
ATOM   621  C CA  . ALA A 1 88  ? -16.369 -0.608  -6.569  1.00 21.67 ? 88  ALA A CA  1 
ATOM   622  C C   . ALA A 1 88  ? -15.461 0.272   -7.414  1.00 30.88 ? 88  ALA A C   1 
ATOM   623  O O   . ALA A 1 88  ? -15.948 1.104   -8.187  1.00 32.69 ? 88  ALA A O   1 
ATOM   624  C CB  . ALA A 1 88  ? -16.677 0.081   -5.238  1.00 25.63 ? 88  ALA A CB  1 
ATOM   625  N N   . GLN A 1 89  ? -14.145 0.100   -7.288  1.00 30.88 ? 89  GLN A N   1 
ATOM   626  C CA  . GLN A 1 89  ? -13.176 0.932   -7.985  1.00 34.85 ? 89  GLN A CA  1 
ATOM   627  C C   . GLN A 1 89  ? -12.660 0.311   -9.274  1.00 30.37 ? 89  GLN A C   1 
ATOM   628  O O   . GLN A 1 89  ? -11.924 0.980   -10.008 1.00 37.12 ? 89  GLN A O   1 
ATOM   629  C CB  . GLN A 1 89  ? -11.988 1.234   -7.064  1.00 30.76 ? 89  GLN A CB  1 
ATOM   630  C CG  . GLN A 1 89  ? -12.379 1.907   -5.764  1.00 25.03 ? 89  GLN A CG  1 
ATOM   631  C CD  . GLN A 1 89  ? -12.414 3.414   -5.881  1.00 31.77 ? 89  GLN A CD  1 
ATOM   632  O OE1 . GLN A 1 89  ? -11.654 4.007   -6.647  1.00 34.94 ? 89  GLN A OE1 1 
ATOM   633  N NE2 . GLN A 1 89  ? -13.305 4.044   -5.127  1.00 38.10 ? 89  GLN A NE2 1 
ATOM   634  N N   . ASN A 1 90  ? -13.025 -0.939  -9.565  1.00 36.36 ? 90  ASN A N   1 
ATOM   635  C CA  . ASN A 1 90  ? -12.497 -1.674  -10.715 1.00 41.01 ? 90  ASN A CA  1 
ATOM   636  C C   . ASN A 1 90  ? -10.970 -1.688  -10.691 1.00 35.38 ? 90  ASN A C   1 
ATOM   637  O O   . ASN A 1 90  ? -10.297 -1.309  -11.654 1.00 33.01 ? 90  ASN A O   1 
ATOM   638  C CB  . ASN A 1 90  ? -13.026 -1.095  -12.030 1.00 41.45 ? 90  ASN A CB  1 
ATOM   639  C CG  . ASN A 1 90  ? -14.543 -1.087  -12.096 1.00 47.57 ? 90  ASN A CG  1 
ATOM   640  O OD1 . ASN A 1 90  ? -15.164 -0.033  -12.242 1.00 49.30 ? 90  ASN A OD1 1 
ATOM   641  N ND2 . ASN A 1 90  ? -15.146 -2.266  -11.988 1.00 47.79 ? 90  ASN A ND2 1 
ATOM   642  N N   . ALA A 1 91  ? -10.421 -2.125  -9.561  1.00 32.42 ? 91  ALA A N   1 
ATOM   643  C CA  . ALA A 1 91  ? -8.975  -2.154  -9.347  1.00 27.73 ? 91  ALA A CA  1 
ATOM   644  C C   . ALA A 1 91  ? -8.422  -3.552  -9.619  1.00 27.26 ? 91  ALA A C   1 
ATOM   645  O O   . ALA A 1 91  ? -7.786  -4.181  -8.771  1.00 29.02 ? 91  ALA A O   1 
ATOM   646  C CB  . ALA A 1 91  ? -8.645  -1.692  -7.931  1.00 33.10 ? 91  ALA A CB  1 
ATOM   647  N N   . GLU A 1 92  ? -8.675  -4.031  -10.840 1.00 34.92 ? 92  GLU A N   1 
ATOM   648  C CA  . GLU A 1 92  ? -8.256  -5.380  -11.208 1.00 36.07 ? 92  GLU A CA  1 
ATOM   649  C C   . GLU A 1 92  ? -6.738  -5.504  -11.242 1.00 24.81 ? 92  GLU A C   1 
ATOM   650  O O   . GLU A 1 92  ? -6.189  -6.559  -10.900 1.00 32.03 ? 92  GLU A O   1 
ATOM   651  C CB  . GLU A 1 92  ? -8.860  -5.766  -12.559 1.00 35.81 ? 92  GLU A CB  1 
ATOM   652  C CG  . GLU A 1 92  ? -10.284 -6.296  -12.481 1.00 45.70 ? 92  GLU A CG  1 
ATOM   653  C CD  . GLU A 1 92  ? -11.285 -5.244  -12.040 1.00 56.94 ? 92  GLU A CD  1 
ATOM   654  O OE1 . GLU A 1 92  ? -11.309 -4.152  -12.646 1.00 53.71 ? 92  GLU A OE1 1 
ATOM   655  O OE2 . GLU A 1 92  ? -12.048 -5.507  -11.085 1.00 55.38 ? 92  GLU A OE2 1 
ATOM   656  N N   . GLU A 1 93  ? -6.042  -4.440  -11.644 1.00 22.85 ? 93  GLU A N   1 
ATOM   657  C CA  . GLU A 1 93  ? -4.587  -4.468  -11.708 1.00 25.19 ? 93  GLU A CA  1 
ATOM   658  C C   . GLU A 1 93  ? -3.925  -4.340  -10.342 1.00 31.64 ? 93  GLU A C   1 
ATOM   659  O O   . GLU A 1 93  ? -2.707  -4.521  -10.246 1.00 29.22 ? 93  GLU A O   1 
ATOM   660  C CB  . GLU A 1 93  ? -4.080  -3.347  -12.617 1.00 33.09 ? 93  GLU A CB  1 
ATOM   661  C CG  . GLU A 1 93  ? -4.720  -3.318  -13.995 1.00 46.17 ? 93  GLU A CG  1 
ATOM   662  C CD  . GLU A 1 93  ? -4.488  -2.002  -14.715 1.00 54.56 ? 93  GLU A CD  1 
ATOM   663  O OE1 . GLU A 1 93  ? -3.666  -1.972  -15.654 1.00 51.41 ? 93  GLU A OE1 1 
ATOM   664  O OE2 . GLU A 1 93  ? -5.125  -0.995  -14.335 1.00 41.30 ? 93  GLU A OE2 1 
ATOM   665  N N   . ILE A 1 94  ? -4.684  -4.043  -9.291  1.00 24.22 ? 94  ILE A N   1 
ATOM   666  C CA  . ILE A 1 94  ? -4.135  -3.751  -7.971  1.00 21.15 ? 94  ILE A CA  1 
ATOM   667  C C   . ILE A 1 94  ? -4.472  -4.898  -7.028  1.00 23.77 ? 94  ILE A C   1 
ATOM   668  O O   . ILE A 1 94  ? -5.622  -5.351  -6.976  1.00 21.38 ? 94  ILE A O   1 
ATOM   669  C CB  . ILE A 1 94  ? -4.676  -2.419  -7.421  1.00 20.95 ? 94  ILE A CB  1 
ATOM   670  C CG1 . ILE A 1 94  ? -4.559  -1.321  -8.480  1.00 20.09 ? 94  ILE A CG1 1 
ATOM   671  C CG2 . ILE A 1 94  ? -3.935  -2.029  -6.149  1.00 13.92 ? 94  ILE A CG2 1 
ATOM   672  C CD1 . ILE A 1 94  ? -3.144  -1.079  -8.959  1.00 20.25 ? 94  ILE A CD1 1 
ATOM   673  N N   . LEU A 1 95  ? -3.472  -5.356  -6.279  1.00 17.78 ? 95  LEU A N   1 
ATOM   674  C CA  . LEU A 1 95  ? -3.663  -6.371  -5.248  1.00 15.43 ? 95  LEU A CA  1 
ATOM   675  C C   . LEU A 1 95  ? -4.016  -5.667  -3.942  1.00 17.52 ? 95  LEU A C   1 
ATOM   676  O O   . LEU A 1 95  ? -3.195  -4.933  -3.384  1.00 14.90 ? 95  LEU A O   1 
ATOM   677  C CB  . LEU A 1 95  ? -2.406  -7.222  -5.095  1.00 15.01 ? 95  LEU A CB  1 
ATOM   678  C CG  . LEU A 1 95  ? -2.452  -8.336  -4.048  1.00 17.22 ? 95  LEU A CG  1 
ATOM   679  C CD1 . LEU A 1 95  ? -3.492  -9.371  -4.431  1.00 24.07 ? 95  LEU A CD1 1 
ATOM   680  C CD2 . LEU A 1 95  ? -1.082  -8.980  -3.876  1.00 19.76 ? 95  LEU A CD2 1 
ATOM   681  N N   . MET A 1 96  ? -5.237  -5.883  -3.458  1.00 15.59 ? 96  MET A N   1 
ATOM   682  C CA  . MET A 1 96  ? -5.705  -5.265  -2.223  1.00 16.53 ? 96  MET A CA  1 
ATOM   683  C C   . MET A 1 96  ? -5.408  -6.193  -1.051  1.00 18.16 ? 96  MET A C   1 
ATOM   684  O O   . MET A 1 96  ? -5.864  -7.340  -1.030  1.00 18.89 ? 96  MET A O   1 
ATOM   685  C CB  . MET A 1 96  ? -7.202  -4.961  -2.301  1.00 27.12 ? 96  MET A CB  1 
ATOM   686  C CG  . MET A 1 96  ? -7.722  -4.712  -3.708  1.00 26.93 ? 96  MET A CG  1 
ATOM   687  S SD  . MET A 1 96  ? -7.337  -3.071  -4.340  1.00 26.57 ? 96  MET A SD  1 
ATOM   688  C CE  . MET A 1 96  ? -8.518  -2.075  -3.436  1.00 22.76 ? 96  MET A CE  1 
ATOM   689  N N   . LEU A 1 97  ? -4.649  -5.697  -0.079  1.00 9.41  ? 97  LEU A N   1 
ATOM   690  C CA  . LEU A 1 97  ? -4.258  -6.465  1.093   1.00 10.53 ? 97  LEU A CA  1 
ATOM   691  C C   . LEU A 1 97  ? -4.865  -5.842  2.343   1.00 14.46 ? 97  LEU A C   1 
ATOM   692  O O   . LEU A 1 97  ? -4.944  -4.614  2.461   1.00 11.37 ? 97  LEU A O   1 
ATOM   693  C CB  . LEU A 1 97  ? -2.733  -6.528  1.216   1.00 7.12  ? 97  LEU A CB  1 
ATOM   694  C CG  . LEU A 1 97  ? -2.035  -7.156  0.008   1.00 8.77  ? 97  LEU A CG  1 
ATOM   695  C CD1 . LEU A 1 97  ? -0.532  -6.911  0.055   1.00 12.50 ? 97  LEU A CD1 1 
ATOM   696  C CD2 . LEU A 1 97  ? -2.336  -8.651  -0.083  1.00 12.56 ? 97  LEU A CD2 1 
ATOM   697  N N   . ALA A 1 98  ? -5.292  -6.690  3.272   1.00 8.46  ? 98  ALA A N   1 
ATOM   698  C CA  . ALA A 1 98  ? -5.988  -6.252  4.473   1.00 10.83 ? 98  ALA A CA  1 
ATOM   699  C C   . ALA A 1 98  ? -5.095  -6.434  5.692   1.00 14.07 ? 98  ALA A C   1 
ATOM   700  O O   . ALA A 1 98  ? -4.516  -7.507  5.893   1.00 12.60 ? 98  ALA A O   1 
ATOM   701  C CB  . ALA A 1 98  ? -7.296  -7.021  4.657   1.00 14.92 ? 98  ALA A CB  1 
ATOM   702  N N   . ASP A 1 99  ? -4.988  -5.385  6.498   1.00 9.77  ? 99  ASP A N   1 
ATOM   703  C CA  . ASP A 1 99  ? -4.270  -5.403  7.769   1.00 10.52 ? 99  ASP A CA  1 
ATOM   704  C C   . ASP A 1 99  ? -5.284  -5.135  8.882   1.00 11.03 ? 99  ASP A C   1 
ATOM   705  O O   . ASP A 1 99  ? -5.231  -4.099  9.549   1.00 8.81  ? 99  ASP A O   1 
ATOM   706  C CB  . ASP A 1 99  ? -3.131  -4.359  7.747   1.00 10.80 ? 99  ASP A CB  1 
ATOM   707  C CG  . ASP A 1 99  ? -2.225  -4.450  8.953   1.00 16.44 ? 99  ASP A CG  1 
ATOM   708  O OD1 . ASP A 1 99  ? -2.137  -5.542  9.554   1.00 14.43 ? 99  ASP A OD1 1 
ATOM   709  O OD2 . ASP A 1 99  ? -1.584  -3.429  9.292   1.00 15.14 ? 99  ASP A OD2 1 
ATOM   710  N N   . GLY A 1 100 ? -6.196  -6.092  9.084   1.00 10.70 ? 100 GLY A N   1 
ATOM   711  C CA  . GLY A 1 100 ? -7.422  -5.810  9.824   1.00 7.36  ? 100 GLY A CA  1 
ATOM   712  C C   . GLY A 1 100 ? -7.190  -5.309  11.237  1.00 10.58 ? 100 GLY A C   1 
ATOM   713  O O   . GLY A 1 100 ? -7.931  -4.453  11.730  1.00 13.20 ? 100 GLY A O   1 
ATOM   714  N N   . ASP A 1 101 ? -6.178  -5.839  11.914  1.00 11.44 ? 101 ASP A N   1 
ATOM   715  C CA  . ASP A 1 101 ? -5.855  -5.415  13.269  1.00 11.90 ? 101 ASP A CA  1 
ATOM   716  C C   . ASP A 1 101 ? -4.645  -4.494  13.320  1.00 11.03 ? 101 ASP A C   1 
ATOM   717  O O   . ASP A 1 101 ? -4.110  -4.251  14.408  1.00 13.50 ? 101 ASP A O   1 
ATOM   718  C CB  . ASP A 1 101 ? -5.631  -6.634  14.164  1.00 14.31 ? 101 ASP A CB  1 
ATOM   719  C CG  . ASP A 1 101 ? -4.461  -7.484  13.713  1.00 20.61 ? 101 ASP A CG  1 
ATOM   720  O OD1 . ASP A 1 101 ? -3.973  -7.288  12.578  1.00 18.29 ? 101 ASP A OD1 1 
ATOM   721  O OD2 . ASP A 1 101 ? -4.030  -8.355  14.498  1.00 21.00 ? 101 ASP A OD2 1 
ATOM   722  N N   . ALA A 1 102 ? -4.196  -3.992  12.167  1.00 10.98 ? 102 ALA A N   1 
ATOM   723  C CA  . ALA A 1 102 ? -3.082  -3.045  12.079  1.00 9.01  ? 102 ALA A CA  1 
ATOM   724  C C   . ALA A 1 102 ? -1.782  -3.631  12.621  1.00 11.64 ? 102 ALA A C   1 
ATOM   725  O O   . ALA A 1 102 ? -0.903  -2.895  13.072  1.00 14.56 ? 102 ALA A O   1 
ATOM   726  C CB  . ALA A 1 102 ? -3.410  -1.727  12.789  1.00 8.38  ? 102 ALA A CB  1 
ATOM   727  N N   . SER A 1 103 ? -1.636  -4.957  12.572  1.00 10.31 ? 103 SER A N   1 
ATOM   728  C CA  . SER A 1 103 ? -0.422  -5.584  13.087  1.00 9.74  ? 103 SER A CA  1 
ATOM   729  C C   . SER A 1 103 ? 0.761   -5.374  12.146  1.00 12.06 ? 103 SER A C   1 
ATOM   730  O O   . SER A 1 103 ? 1.880   -5.113  12.603  1.00 12.43 ? 103 SER A O   1 
ATOM   731  C CB  . SER A 1 103 ? -0.662  -7.074  13.325  1.00 15.20 ? 103 SER A CB  1 
ATOM   732  O OG  . SER A 1 103 ? -1.001  -7.731  12.119  1.00 22.56 ? 103 SER A OG  1 
ATOM   733  N N   . PHE A 1 104 ? 0.536   -5.493  10.837  1.00 9.94  ? 104 PHE A N   1 
ATOM   734  C CA  . PHE A 1 104 ? 1.576   -5.156  9.868   1.00 12.29 ? 104 PHE A CA  1 
ATOM   735  C C   . PHE A 1 104 ? 1.961   -3.686  9.979   1.00 11.08 ? 104 PHE A C   1 
ATOM   736  O O   . PHE A 1 104 ? 3.147   -3.344  10.043  1.00 13.88 ? 104 PHE A O   1 
ATOM   737  C CB  . PHE A 1 104 ? 1.087   -5.494  8.458   1.00 9.57  ? 104 PHE A CB  1 
ATOM   738  C CG  . PHE A 1 104 ? 2.010   -5.046  7.354   1.00 11.34 ? 104 PHE A CG  1 
ATOM   739  C CD1 . PHE A 1 104 ? 3.191   -5.722  7.098   1.00 12.04 ? 104 PHE A CD1 1 
ATOM   740  C CD2 . PHE A 1 104 ? 1.672   -3.971  6.543   1.00 13.15 ? 104 PHE A CD2 1 
ATOM   741  C CE1 . PHE A 1 104 ? 4.033   -5.321  6.073   1.00 10.85 ? 104 PHE A CE1 1 
ATOM   742  C CE2 . PHE A 1 104 ? 2.507   -3.568  5.513   1.00 9.63  ? 104 PHE A CE2 1 
ATOM   743  C CZ  . PHE A 1 104 ? 3.689   -4.243  5.280   1.00 5.86  ? 104 PHE A CZ  1 
ATOM   744  N N   . THR A 1 105 ? 0.960   -2.803  10.025  1.00 10.21 ? 105 THR A N   1 
ATOM   745  C CA  . THR A 1 105 ? 1.214   -1.367  10.094  1.00 7.68  ? 105 THR A CA  1 
ATOM   746  C C   . THR A 1 105 ? 1.989   -1.000  11.356  1.00 17.06 ? 105 THR A C   1 
ATOM   747  O O   . THR A 1 105 ? 2.946   -0.217  11.304  1.00 15.37 ? 105 THR A O   1 
ATOM   748  C CB  . THR A 1 105 ? -0.113  -0.608  10.036  1.00 9.11  ? 105 THR A CB  1 
ATOM   749  O OG1 . THR A 1 105 ? -0.771  -0.893  8.796   1.00 7.69  ? 105 THR A OG1 1 
ATOM   750  C CG2 . THR A 1 105 ? 0.114   0.888   10.148  1.00 13.42 ? 105 THR A CG2 1 
ATOM   751  N N   . LYS A 1 106 ? 1.588   -1.556  12.501  1.00 10.96 ? 106 LYS A N   1 
ATOM   752  C CA  . LYS A 1 106 ? 2.291   -1.266  13.748  1.00 14.23 ? 106 LYS A CA  1 
ATOM   753  C C   . LYS A 1 106 ? 3.715   -1.809  13.720  1.00 11.88 ? 106 LYS A C   1 
ATOM   754  O O   . LYS A 1 106 ? 4.635   -1.182  14.257  1.00 17.41 ? 106 LYS A O   1 
ATOM   755  C CB  . LYS A 1 106 ? 1.518   -1.836  14.938  1.00 15.72 ? 106 LYS A CB  1 
ATOM   756  C CG  . LYS A 1 106 ? 0.285   -1.027  15.310  1.00 16.14 ? 106 LYS A CG  1 
ATOM   757  C CD  . LYS A 1 106 ? -0.280  -1.432  16.666  1.00 19.21 ? 106 LYS A CD  1 
ATOM   758  C CE  . LYS A 1 106 ? -0.873  -2.830  16.635  1.00 25.87 ? 106 LYS A CE  1 
ATOM   759  N NZ  . LYS A 1 106 ? -1.678  -3.111  17.859  1.00 36.04 ? 106 LYS A NZ  1 
ATOM   760  N N   . ALA A 1 107 ? 3.919   -2.974  13.095  1.00 18.46 ? 107 ALA A N   1 
ATOM   761  C CA  . ALA A 1 107 ? 5.268   -3.518  12.963  1.00 16.21 ? 107 ALA A CA  1 
ATOM   762  C C   . ALA A 1 107 ? 6.157   -2.616  12.118  1.00 19.25 ? 107 ALA A C   1 
ATOM   763  O O   . ALA A 1 107 ? 7.384   -2.642  12.264  1.00 11.03 ? 107 ALA A O   1 
ATOM   764  C CB  . ALA A 1 107 ? 5.217   -4.921  12.358  1.00 13.09 ? 107 ALA A CB  1 
ATOM   765  N N   . LEU A 1 108 ? 5.562   -1.824  11.225  1.00 15.82 ? 108 LEU A N   1 
ATOM   766  C CA  . LEU A 1 108 ? 6.299   -0.833  10.454  1.00 16.67 ? 108 LEU A CA  1 
ATOM   767  C C   . LEU A 1 108 ? 6.496   0.476   11.204  1.00 21.92 ? 108 LEU A C   1 
ATOM   768  O O   . LEU A 1 108 ? 7.285   1.314   10.754  1.00 14.34 ? 108 LEU A O   1 
ATOM   769  C CB  . LEU A 1 108 ? 5.575   -0.536  9.139   1.00 12.74 ? 108 LEU A CB  1 
ATOM   770  C CG  . LEU A 1 108 ? 5.440   -1.677  8.138   1.00 13.32 ? 108 LEU A CG  1 
ATOM   771  C CD1 . LEU A 1 108 ? 4.605   -1.226  6.957   1.00 15.90 ? 108 LEU A CD1 1 
ATOM   772  C CD2 . LEU A 1 108 ? 6.810   -2.127  7.680   1.00 14.64 ? 108 LEU A CD2 1 
ATOM   773  N N   . GLY A 1 109 ? 5.804   0.673   12.324  1.00 12.74 ? 109 GLY A N   1 
ATOM   774  C CA  . GLY A 1 109 ? 5.818   1.965   12.975  1.00 11.05 ? 109 GLY A CA  1 
ATOM   775  C C   . GLY A 1 109 ? 5.119   3.047   12.191  1.00 14.38 ? 109 GLY A C   1 
ATOM   776  O O   . GLY A 1 109 ? 5.431   4.228   12.363  1.00 17.27 ? 109 GLY A O   1 
ATOM   777  N N   . LEU A 1 110 ? 4.178   2.675   11.326  1.00 9.99  ? 110 LEU A N   1 
ATOM   778  C CA  . LEU A 1 110 ? 3.507   3.622   10.446  1.00 9.04  ? 110 LEU A CA  1 
ATOM   779  C C   . LEU A 1 110 ? 2.020   3.741   10.761  1.00 9.67  ? 110 LEU A C   1 
ATOM   780  O O   . LEU A 1 110 ? 1.234   4.138   9.894   1.00 12.69 ? 110 LEU A O   1 
ATOM   781  C CB  . LEU A 1 110 ? 3.727   3.227   8.986   1.00 8.53  ? 110 LEU A CB  1 
ATOM   782  C CG  . LEU A 1 110 ? 5.147   3.523   8.498   1.00 10.87 ? 110 LEU A CG  1 
ATOM   783  C CD1 . LEU A 1 110 ? 5.406   2.913   7.130   1.00 11.93 ? 110 LEU A CD1 1 
ATOM   784  C CD2 . LEU A 1 110 ? 5.361   5.031   8.470   1.00 14.06 ? 110 LEU A CD2 1 
ATOM   785  N N   . GLU A 1 111 ? 1.619   3.412   11.984  1.00 11.26 ? 111 GLU A N   1 
ATOM   786  C CA  . GLU A 1 111 ? 0.233   3.590   12.378  1.00 11.73 ? 111 GLU A CA  1 
ATOM   787  C C   . GLU A 1 111 ? -0.029  5.042   12.766  1.00 14.57 ? 111 GLU A C   1 
ATOM   788  O O   . GLU A 1 111 ? 0.890   5.832   12.994  1.00 14.73 ? 111 GLU A O   1 
ATOM   789  C CB  . GLU A 1 111 ? -0.125  2.665   13.544  1.00 16.73 ? 111 GLU A CB  1 
ATOM   790  C CG  . GLU A 1 111 ? 0.444   3.093   14.890  1.00 23.60 ? 111 GLU A CG  1 
ATOM   791  C CD  . GLU A 1 111 ? 1.855   2.582   15.135  1.00 29.59 ? 111 GLU A CD  1 
ATOM   792  O OE1 . GLU A 1 111 ? 2.598   2.348   14.156  1.00 21.73 ? 111 GLU A OE1 1 
ATOM   793  O OE2 . GLU A 1 111 ? 2.218   2.407   16.317  1.00 31.35 ? 111 GLU A OE2 1 
ATOM   794  N N   . MET A 1 112 ? -1.311  5.390   12.825  1.00 12.73 ? 112 MET A N   1 
ATOM   795  C CA  . MET A 1 112 ? -1.732  6.685   13.335  1.00 15.69 ? 112 MET A CA  1 
ATOM   796  C C   . MET A 1 112 ? -3.109  6.534   13.958  1.00 15.44 ? 112 MET A C   1 
ATOM   797  O O   . MET A 1 112 ? -3.955  5.798   13.444  1.00 10.24 ? 112 MET A O   1 
ATOM   798  C CB  . MET A 1 112 ? -1.755  7.758   12.237  1.00 14.87 ? 112 MET A CB  1 
ATOM   799  C CG  . MET A 1 112 ? -2.702  7.472   11.089  1.00 12.08 ? 112 MET A CG  1 
ATOM   800  S SD  . MET A 1 112 ? -2.934  8.905   10.020  1.00 23.82 ? 112 MET A SD  1 
ATOM   801  C CE  . MET A 1 112 ? -4.226  8.301   8.937   1.00 13.95 ? 112 MET A CE  1 
ATOM   802  N N   . ASP A 1 113 ? -3.323  7.227   15.072  1.00 14.43 ? 113 ASP A N   1 
ATOM   803  C CA  . ASP A 1 113 ? -4.591  7.172   15.787  1.00 12.30 ? 113 ASP A CA  1 
ATOM   804  C C   . ASP A 1 113 ? -5.537  8.198   15.174  1.00 15.25 ? 113 ASP A C   1 
ATOM   805  O O   . ASP A 1 113 ? -5.332  9.406   15.322  1.00 21.44 ? 113 ASP A O   1 
ATOM   806  C CB  . ASP A 1 113 ? -4.376  7.435   17.274  1.00 20.96 ? 113 ASP A CB  1 
ATOM   807  C CG  . ASP A 1 113 ? -5.617  7.169   18.106  1.00 22.86 ? 113 ASP A CG  1 
ATOM   808  O OD1 . ASP A 1 113 ? -6.678  6.841   17.533  1.00 23.24 ? 113 ASP A OD1 1 
ATOM   809  O OD2 . ASP A 1 113 ? -5.529  7.301   19.344  1.00 27.66 ? 113 ASP A OD2 1 
ATOM   810  N N   . THR A 1 114 ? -6.566  7.720   14.478  1.00 11.06 ? 114 THR A N   1 
ATOM   811  C CA  . THR A 1 114 ? -7.619  8.590   13.976  1.00 11.04 ? 114 THR A CA  1 
ATOM   812  C C   . THR A 1 114 ? -8.727  8.799   14.999  1.00 13.76 ? 114 THR A C   1 
ATOM   813  O O   . THR A 1 114 ? -9.769  9.368   14.658  1.00 12.98 ? 114 THR A O   1 
ATOM   814  C CB  . THR A 1 114 ? -8.202  8.030   12.676  1.00 13.99 ? 114 THR A CB  1 
ATOM   815  O OG1 . THR A 1 114 ? -9.026  6.895   12.967  1.00 11.66 ? 114 THR A OG1 1 
ATOM   816  C CG2 . THR A 1 114 ? -7.083  7.617   11.722  1.00 15.49 ? 114 THR A CG2 1 
ATOM   817  N N   . ALA A 1 115 ? -8.522  8.340   16.236  1.00 13.32 ? 115 ALA A N   1 
ATOM   818  C CA  . ALA A 1 115 ? -9.435  8.536   17.372  1.00 18.82 ? 115 ALA A CA  1 
ATOM   819  C C   . ALA A 1 115 ? -10.843 8.123   16.943  1.00 18.28 ? 115 ALA A C   1 
ATOM   820  O O   . ALA A 1 115 ? -11.007 7.039   16.366  1.00 20.05 ? 115 ALA A O   1 
ATOM   821  C CB  . ALA A 1 115 ? -9.296  9.964   17.881  1.00 14.94 ? 115 ALA A CB  1 
ATOM   822  N N   . GLY A 1 116 ? -11.865 8.944   17.182  1.00 19.46 ? 116 GLY A N   1 
ATOM   823  C CA  . GLY A 1 116 ? -13.242 8.565   16.930  1.00 16.24 ? 116 GLY A CA  1 
ATOM   824  C C   . GLY A 1 116 ? -13.576 8.264   15.485  1.00 19.74 ? 116 GLY A C   1 
ATOM   825  O O   . GLY A 1 116 ? -14.641 7.689   15.232  1.00 15.64 ? 116 GLY A O   1 
ATOM   826  N N   . PHE A 1 117 ? -12.713 8.628   14.534  1.00 17.79 ? 117 PHE A N   1 
ATOM   827  C CA  . PHE A 1 117 ? -13.033 8.366   13.134  1.00 15.24 ? 117 PHE A CA  1 
ATOM   828  C C   . PHE A 1 117 ? -13.008 6.873   12.831  1.00 12.19 ? 117 PHE A C   1 
ATOM   829  O O   . PHE A 1 117 ? -13.993 6.315   12.333  1.00 15.68 ? 117 PHE A O   1 
ATOM   830  C CB  . PHE A 1 117 ? -12.072 9.100   12.199  1.00 15.18 ? 117 PHE A CB  1 
ATOM   831  C CG  . PHE A 1 117 ? -12.155 8.617   10.777  1.00 10.31 ? 117 PHE A CG  1 
ATOM   832  C CD1 . PHE A 1 117 ? -13.209 9.003   9.962   1.00 15.60 ? 117 PHE A CD1 1 
ATOM   833  C CD2 . PHE A 1 117 ? -11.205 7.746   10.267  1.00 13.09 ? 117 PHE A CD2 1 
ATOM   834  C CE1 . PHE A 1 117 ? -13.301 8.546   8.661   1.00 13.27 ? 117 PHE A CE1 1 
ATOM   835  C CE2 . PHE A 1 117 ? -11.295 7.284   8.967   1.00 10.40 ? 117 PHE A CE2 1 
ATOM   836  C CZ  . PHE A 1 117 ? -12.343 7.685   8.163   1.00 13.83 ? 117 PHE A CZ  1 
ATOM   837  N N   . GLY A 1 118 ? -11.883 6.215   13.097  1.00 14.96 ? 118 GLY A N   1 
ATOM   838  C CA  . GLY A 1 118 ? -11.745 4.808   12.777  1.00 14.96 ? 118 GLY A CA  1 
ATOM   839  C C   . GLY A 1 118 ? -10.653 4.118   13.565  1.00 14.96 ? 118 GLY A C   1 
ATOM   840  O O   . GLY A 1 118 ? -10.090 3.116   13.114  1.00 14.96 ? 118 GLY A O   1 
ATOM   841  N N   . GLY A 1 119 ? -10.353 4.644   14.748  1.00 7.16  ? 119 GLY A N   1 
ATOM   842  C CA  . GLY A 1 119 ? -9.323  4.062   15.582  1.00 7.29  ? 119 GLY A CA  1 
ATOM   843  C C   . GLY A 1 119 ? -7.968  4.100   14.901  1.00 16.63 ? 119 GLY A C   1 
ATOM   844  O O   . GLY A 1 119 ? -7.646  5.013   14.129  1.00 10.50 ? 119 GLY A O   1 
ATOM   845  N N   . LEU A 1 120 ? -7.162  3.079   15.186  1.00 8.14  ? 120 LEU A N   1 
ATOM   846  C CA  . LEU A 1 120 ? -5.844  2.967   14.575  1.00 15.23 ? 120 LEU A CA  1 
ATOM   847  C C   . LEU A 1 120 ? -5.968  2.659   13.089  1.00 14.32 ? 120 LEU A C   1 
ATOM   848  O O   . LEU A 1 120 ? -6.602  1.673   12.697  1.00 11.54 ? 120 LEU A O   1 
ATOM   849  C CB  . LEU A 1 120 ? -5.029  1.874   15.264  1.00 10.08 ? 120 LEU A CB  1 
ATOM   850  C CG  . LEU A 1 120 ? -4.293  2.180   16.569  1.00 27.13 ? 120 LEU A CG  1 
ATOM   851  C CD1 . LEU A 1 120 ? -3.369  1.022   16.920  1.00 24.14 ? 120 LEU A CD1 1 
ATOM   852  C CD2 . LEU A 1 120 ? -3.512  3.485   16.477  1.00 26.39 ? 120 LEU A CD2 1 
ATOM   853  N N   . ARG A 1 121 ? -5.354  3.500   12.262  1.00 8.82  ? 121 ARG A N   1 
ATOM   854  C CA  . ARG A 1 121 ? -5.279  3.283   10.826  1.00 5.94  ? 121 ARG A CA  1 
ATOM   855  C C   . ARG A 1 121 ? -3.824  3.406   10.395  1.00 7.04  ? 121 ARG A C   1 
ATOM   856  O O   . ARG A 1 121 ? -2.933  3.677   11.204  1.00 9.40  ? 121 ARG A O   1 
ATOM   857  C CB  . ARG A 1 121 ? -6.167  4.275   10.063  1.00 6.94  ? 121 ARG A CB  1 
ATOM   858  C CG  . ARG A 1 121 ? -7.643  4.177   10.412  1.00 12.06 ? 121 ARG A CG  1 
ATOM   859  C CD  . ARG A 1 121 ? -8.213  2.819   10.030  1.00 9.72  ? 121 ARG A CD  1 
ATOM   860  N NE  . ARG A 1 121 ? -9.643  2.727   10.299  1.00 7.20  ? 121 ARG A NE  1 
ATOM   861  C CZ  . ARG A 1 121 ? -10.586 2.859   9.373   1.00 6.40  ? 121 ARG A CZ  1 
ATOM   862  N NH1 . ARG A 1 121 ? -10.250 3.093   8.111   1.00 7.80  ? 121 ARG A NH1 1 
ATOM   863  N NH2 . ARG A 1 121 ? -11.866 2.760   9.706   1.00 11.12 ? 121 ARG A NH2 1 
ATOM   864  N N   . SER A 1 122 ? -3.575  3.192   9.111   1.00 7.85  ? 122 SER A N   1 
ATOM   865  C CA  . SER A 1 122 ? -2.241  3.380   8.567   1.00 8.49  ? 122 SER A CA  1 
ATOM   866  C C   . SER A 1 122 ? -2.044  4.830   8.153   1.00 5.09  ? 122 SER A C   1 
ATOM   867  O O   . SER A 1 122 ? -2.971  5.478   7.655   1.00 5.44  ? 122 SER A O   1 
ATOM   868  C CB  . SER A 1 122 ? -2.009  2.463   7.365   1.00 9.14  ? 122 SER A CB  1 
ATOM   869  O OG  . SER A 1 122 ? -0.707  2.654   6.842   1.00 8.08  ? 122 SER A OG  1 
ATOM   870  N N   . GLN A 1 123 ? -0.838  5.342   8.373   1.00 6.44  ? 123 GLN A N   1 
ATOM   871  C CA  . GLN A 1 123 ? -0.450  6.558   7.679   1.00 9.88  ? 123 GLN A CA  1 
ATOM   872  C C   . GLN A 1 123 ? -0.424  6.293   6.179   1.00 14.62 ? 123 GLN A C   1 
ATOM   873  O O   . GLN A 1 123 ? -0.275  5.153   5.723   1.00 8.23  ? 123 GLN A O   1 
ATOM   874  C CB  . GLN A 1 123 ? 0.923   7.047   8.138   1.00 10.69 ? 123 GLN A CB  1 
ATOM   875  C CG  . GLN A 1 123 ? 1.031   7.367   9.613   1.00 11.78 ? 123 GLN A CG  1 
ATOM   876  C CD  . GLN A 1 123 ? 2.437   7.773   9.996   1.00 16.40 ? 123 GLN A CD  1 
ATOM   877  O OE1 . GLN A 1 123 ? 3.090   8.534   9.281   1.00 18.44 ? 123 GLN A OE1 1 
ATOM   878  N NE2 . GLN A 1 123 ? 2.917   7.258   11.120  1.00 14.03 ? 123 GLN A NE2 1 
ATOM   879  N N   . ARG A 1 124 ? -0.584  7.359   5.404   1.00 9.70  ? 124 ARG A N   1 
ATOM   880  C CA  . ARG A 1 124 ? -0.494  7.248   3.958   1.00 7.22  ? 124 ARG A CA  1 
ATOM   881  C C   . ARG A 1 124 ? 0.973   7.219   3.546   1.00 7.66  ? 124 ARG A C   1 
ATOM   882  O O   . ARG A 1 124 ? 1.742   8.117   3.902   1.00 9.76  ? 124 ARG A O   1 
ATOM   883  C CB  . ARG A 1 124 ? -1.220  8.414   3.292   1.00 12.33 ? 124 ARG A CB  1 
ATOM   884  C CG  . ARG A 1 124 ? -1.376  8.273   1.792   1.00 17.39 ? 124 ARG A CG  1 
ATOM   885  C CD  . ARG A 1 124 ? -2.078  9.481   1.200   1.00 15.12 ? 124 ARG A CD  1 
ATOM   886  N NE  . ARG A 1 124 ? -3.303  9.809   1.922   1.00 14.49 ? 124 ARG A NE  1 
ATOM   887  C CZ  . ARG A 1 124 ? -4.474  9.215   1.718   1.00 13.68 ? 124 ARG A CZ  1 
ATOM   888  N NH1 . ARG A 1 124 ? -4.584  8.253   0.811   1.00 9.68  ? 124 ARG A NH1 1 
ATOM   889  N NH2 . ARG A 1 124 ? -5.538  9.580   2.424   1.00 13.79 ? 124 ARG A NH2 1 
ATOM   890  N N   . TYR A 1 125 ? 1.368   6.177   2.817   1.00 5.53  ? 125 TYR A N   1 
ATOM   891  C CA  . TYR A 1 125 ? 2.739   6.068   2.341   1.00 5.92  ? 125 TYR A CA  1 
ATOM   892  C C   . TYR A 1 125 ? 2.771   5.237   1.065   1.00 6.56  ? 125 TYR A C   1 
ATOM   893  O O   . TYR A 1 125 ? 1.771   4.644   0.653   1.00 6.65  ? 125 TYR A O   1 
ATOM   894  C CB  . TYR A 1 125 ? 3.672   5.461   3.405   1.00 9.96  ? 125 TYR A CB  1 
ATOM   895  C CG  . TYR A 1 125 ? 3.365   4.025   3.797   1.00 8.44  ? 125 TYR A CG  1 
ATOM   896  C CD1 . TYR A 1 125 ? 3.812   2.959   3.022   1.00 8.86  ? 125 TYR A CD1 1 
ATOM   897  C CD2 . TYR A 1 125 ? 2.650   3.736   4.954   1.00 7.03  ? 125 TYR A CD2 1 
ATOM   898  C CE1 . TYR A 1 125 ? 3.539   1.652   3.372   1.00 7.14  ? 125 TYR A CE1 1 
ATOM   899  C CE2 . TYR A 1 125 ? 2.378   2.427   5.318   1.00 6.55  ? 125 TYR A CE2 1 
ATOM   900  C CZ  . TYR A 1 125 ? 2.822   1.391   4.522   1.00 10.73 ? 125 TYR A CZ  1 
ATOM   901  O OH  . TYR A 1 125 ? 2.553   0.087   4.871   1.00 10.41 ? 125 TYR A OH  1 
ATOM   902  N N   . ALA A 1 126 ? 3.945   5.214   0.439   1.00 5.14  ? 126 ALA A N   1 
ATOM   903  C CA  . ALA A 1 126 ? 4.204   4.384   -0.725  1.00 7.65  ? 126 ALA A CA  1 
ATOM   904  C C   . ALA A 1 126 ? 5.645   3.905   -0.667  1.00 9.25  ? 126 ALA A C   1 
ATOM   905  O O   . ALA A 1 126 ? 6.547   4.676   -0.322  1.00 10.61 ? 126 ALA A O   1 
ATOM   906  C CB  . ALA A 1 126 ? 3.951   5.147   -2.035  1.00 7.15  ? 126 ALA A CB  1 
ATOM   907  N N   . MET A 1 127 ? 5.857   2.630   -0.983  1.00 6.36  ? 127 MET A N   1 
ATOM   908  C CA  . MET A 1 127 ? 7.194   2.057   -0.998  1.00 7.08  ? 127 MET A CA  1 
ATOM   909  C C   . MET A 1 127 ? 7.478   1.405   -2.339  1.00 8.58  ? 127 MET A C   1 
ATOM   910  O O   . MET A 1 127 ? 6.568   0.980   -3.054  1.00 7.35  ? 127 MET A O   1 
ATOM   911  C CB  . MET A 1 127 ? 7.412   0.989   0.084   1.00 14.87 ? 127 MET A CB  1 
ATOM   912  C CG  . MET A 1 127 ? 6.770   1.220   1.424   1.00 15.99 ? 127 MET A CG  1 
ATOM   913  S SD  . MET A 1 127 ? 7.024   -0.261  2.423   1.00 20.00 ? 127 MET A SD  1 
ATOM   914  C CE  . MET A 1 127 ? 6.874   0.414   4.075   1.00 10.84 ? 127 MET A CE  1 
ATOM   915  N N   . ILE A 1 128 ? 8.765   1.323   -2.660  1.00 7.83  ? 128 ILE A N   1 
ATOM   916  C CA  . ILE A 1 128 ? 9.279   0.430   -3.689  1.00 8.68  ? 128 ILE A CA  1 
ATOM   917  C C   . ILE A 1 128 ? 10.076  -0.647  -2.968  1.00 11.66 ? 128 ILE A C   1 
ATOM   918  O O   . ILE A 1 128 ? 11.024  -0.340  -2.233  1.00 11.34 ? 128 ILE A O   1 
ATOM   919  C CB  . ILE A 1 128 ? 10.141  1.174   -4.718  1.00 13.21 ? 128 ILE A CB  1 
ATOM   920  C CG1 . ILE A 1 128 ? 9.301   2.217   -5.457  1.00 11.47 ? 128 ILE A CG1 1 
ATOM   921  C CG2 . ILE A 1 128 ? 10.761  0.189   -5.697  1.00 18.61 ? 128 ILE A CG2 1 
ATOM   922  C CD1 . ILE A 1 128 ? 10.100  3.113   -6.377  1.00 12.70 ? 128 ILE A CD1 1 
ATOM   923  N N   . ILE A 1 129 ? 9.679   -1.900  -3.151  1.00 9.86  ? 129 ILE A N   1 
ATOM   924  C CA  . ILE A 1 129 ? 10.261  -3.026  -2.431  1.00 14.77 ? 129 ILE A CA  1 
ATOM   925  C C   . ILE A 1 129 ? 10.907  -3.950  -3.452  1.00 20.90 ? 129 ILE A C   1 
ATOM   926  O O   . ILE A 1 129 ? 10.223  -4.485  -4.333  1.00 13.82 ? 129 ILE A O   1 
ATOM   927  C CB  . ILE A 1 129 ? 9.208   -3.773  -1.596  1.00 15.90 ? 129 ILE A CB  1 
ATOM   928  C CG1 . ILE A 1 129 ? 8.368   -2.782  -0.788  1.00 11.16 ? 129 ILE A CG1 1 
ATOM   929  C CG2 . ILE A 1 129 ? 9.875   -4.763  -0.663  1.00 10.73 ? 129 ILE A CG2 1 
ATOM   930  C CD1 . ILE A 1 129 ? 7.139   -3.401  -0.153  1.00 14.32 ? 129 ILE A CD1 1 
ATOM   931  N N   . ASP A 1 130 ? 12.219  -4.130  -3.342  1.00 18.60 ? 130 ASP A N   1 
ATOM   932  C CA  . ASP A 1 130 ? 12.982  -4.989  -4.240  1.00 21.49 ? 130 ASP A CA  1 
ATOM   933  C C   . ASP A 1 130 ? 13.406  -6.234  -3.471  1.00 16.25 ? 130 ASP A C   1 
ATOM   934  O O   . ASP A 1 130 ? 14.271  -6.159  -2.593  1.00 23.13 ? 130 ASP A O   1 
ATOM   935  C CB  . ASP A 1 130 ? 14.193  -4.248  -4.802  1.00 22.28 ? 130 ASP A CB  1 
ATOM   936  C CG  . ASP A 1 130 ? 13.840  -3.367  -5.979  1.00 33.67 ? 130 ASP A CG  1 
ATOM   937  O OD1 . ASP A 1 130 ? 13.151  -3.859  -6.897  1.00 34.71 ? 130 ASP A OD1 1 
ATOM   938  O OD2 . ASP A 1 130 ? 14.248  -2.186  -5.989  1.00 42.34 ? 130 ASP A OD2 1 
ATOM   939  N N   . ASN A 1 131 ? 12.793  -7.371  -3.806  1.00 20.09 ? 131 ASN A N   1 
ATOM   940  C CA  . ASN A 1 131 ? 13.083  -8.654  -3.158  1.00 19.27 ? 131 ASN A CA  1 
ATOM   941  C C   . ASN A 1 131 ? 12.969  -8.541  -1.638  1.00 24.00 ? 131 ASN A C   1 
ATOM   942  O O   . ASN A 1 131 ? 13.823  -9.017  -0.885  1.00 28.28 ? 131 ASN A O   1 
ATOM   943  C CB  . ASN A 1 131 ? 14.459  -9.183  -3.573  1.00 23.08 ? 131 ASN A CB  1 
ATOM   944  C CG  . ASN A 1 131 ? 14.721  -10.596 -3.074  1.00 31.40 ? 131 ASN A CG  1 
ATOM   945  O OD1 . ASN A 1 131 ? 13.795  -11.395 -2.917  1.00 25.17 ? 131 ASN A OD1 1 
ATOM   946  N ND2 . ASN A 1 131 ? 15.987  -10.907 -2.815  1.00 33.87 ? 131 ASN A ND2 1 
ATOM   947  N N   . GLY A 1 132 ? 11.902  -7.889  -1.179  1.00 16.06 ? 132 GLY A N   1 
ATOM   948  C CA  . GLY A 1 132 ? 11.630  -7.768  0.234   1.00 15.81 ? 132 GLY A CA  1 
ATOM   949  C C   . GLY A 1 132 ? 12.321  -6.618  0.933   1.00 15.51 ? 132 GLY A C   1 
ATOM   950  O O   . GLY A 1 132 ? 11.998  -6.341  2.096   1.00 25.18 ? 132 GLY A O   1 
ATOM   951  N N   . VAL A 1 133 ? 13.250  -5.933  0.269   1.00 17.75 ? 133 VAL A N   1 
ATOM   952  C CA  . VAL A 1 133 ? 13.989  -4.825  0.863   1.00 22.54 ? 133 VAL A CA  1 
ATOM   953  C C   . VAL A 1 133 ? 13.334  -3.519  0.441   1.00 15.06 ? 133 VAL A C   1 
ATOM   954  O O   . VAL A 1 133 ? 13.060  -3.307  -0.747  1.00 14.36 ? 133 VAL A O   1 
ATOM   955  C CB  . VAL A 1 133 ? 15.471  -4.853  0.448   1.00 23.11 ? 133 VAL A CB  1 
ATOM   956  C CG1 . VAL A 1 133 ? 16.264  -3.843  1.262   1.00 21.55 ? 133 VAL A CG1 1 
ATOM   957  C CG2 . VAL A 1 133 ? 16.046  -6.250  0.614   1.00 19.95 ? 133 VAL A CG2 1 
ATOM   958  N N   . VAL A 1 134 ? 13.089  -2.640  1.411   1.00 13.38 ? 134 VAL A N   1 
ATOM   959  C CA  . VAL A 1 134 ? 12.493  -1.339  1.125   1.00 13.72 ? 134 VAL A CA  1 
ATOM   960  C C   . VAL A 1 134 ? 13.556  -0.466  0.464   1.00 17.78 ? 134 VAL A C   1 
ATOM   961  O O   . VAL A 1 134 ? 14.518  -0.043  1.111   1.00 20.88 ? 134 VAL A O   1 
ATOM   962  C CB  . VAL A 1 134 ? 11.939  -0.682  2.394   1.00 11.36 ? 134 VAL A CB  1 
ATOM   963  C CG1 . VAL A 1 134 ? 11.393  0.703   2.074   1.00 10.38 ? 134 VAL A CG1 1 
ATOM   964  C CG2 . VAL A 1 134 ? 10.855  -1.551  3.012   1.00 14.65 ? 134 VAL A CG2 1 
ATOM   965  N N   . THR A 1 135 ? 13.385  -0.200  -0.830  1.00 17.86 ? 135 THR A N   1 
ATOM   966  C CA  . THR A 1 135 ? 14.304  0.636   -1.593  1.00 17.04 ? 135 THR A CA  1 
ATOM   967  C C   . THR A 1 135 ? 13.943  2.113   -1.499  1.00 23.89 ? 135 THR A C   1 
ATOM   968  O O   . THR A 1 135 ? 14.826  2.961   -1.326  1.00 22.54 ? 135 THR A O   1 
ATOM   969  C CB  . THR A 1 135 ? 14.313  0.199   -3.061  1.00 17.84 ? 135 THR A CB  1 
ATOM   970  O OG1 . THR A 1 135 ? 14.748  -1.162  -3.154  1.00 32.44 ? 135 THR A OG1 1 
ATOM   971  C CG2 . THR A 1 135 ? 15.243  1.082   -3.881  1.00 33.24 ? 135 THR A CG2 1 
ATOM   972  N N   . THR A 1 136 ? 12.658  2.431   -1.610  1.00 13.69 ? 136 THR A N   1 
ATOM   973  C CA  . THR A 1 136 ? 12.153  3.792   -1.529  1.00 13.37 ? 136 THR A CA  1 
ATOM   974  C C   . THR A 1 136 ? 10.980  3.813   -0.564  1.00 15.21 ? 136 THR A C   1 
ATOM   975  O O   . THR A 1 136 ? 10.156  2.893   -0.566  1.00 10.69 ? 136 THR A O   1 
ATOM   976  C CB  . THR A 1 136 ? 11.719  4.301   -2.915  1.00 14.87 ? 136 THR A CB  1 
ATOM   977  O OG1 . THR A 1 136 ? 12.866  4.392   -3.773  1.00 22.38 ? 136 THR A OG1 1 
ATOM   978  C CG2 . THR A 1 136 ? 11.046  5.669   -2.817  1.00 24.84 ? 136 THR A CG2 1 
ATOM   979  N N   . LEU A 1 137 ? 10.917  4.849   0.273   1.00 7.71  ? 137 LEU A N   1 
ATOM   980  C CA  . LEU A 1 137 ? 9.844   5.005   1.252   1.00 10.96 ? 137 LEU A CA  1 
ATOM   981  C C   . LEU A 1 137 ? 9.385   6.457   1.236   1.00 16.09 ? 137 LEU A C   1 
ATOM   982  O O   . LEU A 1 137 ? 10.134  7.350   1.643   1.00 21.35 ? 137 LEU A O   1 
ATOM   983  C CB  . LEU A 1 137 ? 10.306  4.591   2.649   1.00 12.21 ? 137 LEU A CB  1 
ATOM   984  C CG  . LEU A 1 137 ? 9.304   4.715   3.799   1.00 18.30 ? 137 LEU A CG  1 
ATOM   985  C CD1 . LEU A 1 137 ? 7.985   4.034   3.458   1.00 17.08 ? 137 LEU A CD1 1 
ATOM   986  C CD2 . LEU A 1 137 ? 9.893   4.126   5.071   1.00 23.98 ? 137 LEU A CD2 1 
ATOM   987  N N   . ASN A 1 138 ? 8.161   6.691   0.768   1.00 16.02 ? 138 ASN A N   1 
ATOM   988  C CA  . ASN A 1 138 ? 7.568   8.023   0.703   1.00 16.08 ? 138 ASN A CA  1 
ATOM   989  C C   . ASN A 1 138 ? 6.397   8.073   1.675   1.00 11.16 ? 138 ASN A C   1 
ATOM   990  O O   . ASN A 1 138 ? 5.330   7.518   1.394   1.00 11.64 ? 138 ASN A O   1 
ATOM   991  C CB  . ASN A 1 138 ? 7.107   8.350   -0.714  1.00 15.23 ? 138 ASN A CB  1 
ATOM   992  C CG  . ASN A 1 138 ? 8.263   8.548   -1.675  1.00 22.41 ? 138 ASN A CG  1 
ATOM   993  O OD1 . ASN A 1 138 ? 9.411   8.253   -1.352  1.00 18.38 ? 138 ASN A OD1 1 
ATOM   994  N ND2 . ASN A 1 138 ? 7.962   9.054   -2.863  1.00 21.08 ? 138 ASN A ND2 1 
ATOM   995  N N   . VAL A 1 139 ? 6.591   8.745   2.807   1.00 11.48 ? 139 VAL A N   1 
ATOM   996  C CA  . VAL A 1 139 ? 5.570   8.870   3.843   1.00 11.64 ? 139 VAL A CA  1 
ATOM   997  C C   . VAL A 1 139 ? 5.012   10.287  3.800   1.00 15.42 ? 139 VAL A C   1 
ATOM   998  O O   . VAL A 1 139 ? 5.771   11.262  3.822   1.00 22.05 ? 139 VAL A O   1 
ATOM   999  C CB  . VAL A 1 139 ? 6.134   8.536   5.235   1.00 19.24 ? 139 VAL A CB  1 
ATOM   1000 C CG1 . VAL A 1 139 ? 5.039   8.630   6.289   1.00 18.05 ? 139 VAL A CG1 1 
ATOM   1001 C CG2 . VAL A 1 139 ? 6.770   7.151   5.227   1.00 16.33 ? 139 VAL A CG2 1 
ATOM   1002 N N   . GLU A 1 140 ? 3.689   10.398  3.746   1.00 11.89 ? 140 GLU A N   1 
ATOM   1003 C CA  . GLU A 1 140 ? 3.045   11.692  3.575   1.00 20.77 ? 140 GLU A CA  1 
ATOM   1004 C C   . GLU A 1 140 ? 3.149   12.541  4.835   1.00 23.64 ? 140 GLU A C   1 
ATOM   1005 O O   . GLU A 1 140 ? 3.305   12.032  5.948   1.00 23.45 ? 140 GLU A O   1 
ATOM   1006 C CB  . GLU A 1 140 ? 1.570   11.508  3.212   1.00 11.85 ? 140 GLU A CB  1 
ATOM   1007 C CG  . GLU A 1 140 ? 1.314   10.862  1.861   1.00 20.07 ? 140 GLU A CG  1 
ATOM   1008 C CD  . GLU A 1 140 ? 1.557   11.802  0.693   1.00 20.88 ? 140 GLU A CD  1 
ATOM   1009 O OE1 . GLU A 1 140 ? 2.093   12.908  0.907   1.00 20.23 ? 140 GLU A OE1 1 
ATOM   1010 O OE2 . GLU A 1 140 ? 1.197   11.435  -0.444  1.00 20.47 ? 140 GLU A OE2 1 
ATOM   1011 N N   . ALA A 1 141 ? 3.063   13.854  4.639   1.00 30.57 ? 141 ALA A N   1 
ATOM   1012 C CA  . ALA A 1 141 ? 2.852   14.757  5.752   1.00 37.81 ? 141 ALA A CA  1 
ATOM   1013 C C   . ALA A 1 141 ? 1.397   14.663  6.212   1.00 33.51 ? 141 ALA A C   1 
ATOM   1014 O O   . ALA A 1 141 ? 0.514   14.312  5.421   1.00 25.25 ? 141 ALA A O   1 
ATOM   1015 C CB  . ALA A 1 141 ? 3.185   16.191  5.356   1.00 27.27 ? 141 ALA A CB  1 
ATOM   1016 N N   . PRO A 1 142 ? 1.135   14.941  7.490   1.00 38.13 ? 142 PRO A N   1 
ATOM   1017 C CA  . PRO A 1 142 ? -0.235  14.826  8.015   1.00 28.96 ? 142 PRO A CA  1 
ATOM   1018 C C   . PRO A 1 142 ? -1.282  15.482  7.128   1.00 31.87 ? 142 PRO A C   1 
ATOM   1019 O O   . PRO A 1 142 ? -1.151  16.640  6.731   1.00 37.56 ? 142 PRO A O   1 
ATOM   1020 C CB  . PRO A 1 142 ? -0.133  15.518  9.376   1.00 39.33 ? 142 PRO A CB  1 
ATOM   1021 C CG  . PRO A 1 142 ? 1.266   15.221  9.814   1.00 33.60 ? 142 PRO A CG  1 
ATOM   1022 C CD  . PRO A 1 142 ? 2.114   15.197  8.566   1.00 30.18 ? 142 PRO A CD  1 
ATOM   1023 N N   . LYS A 1 143 ? -2.323  14.707  6.805   1.00 43.28 ? 143 LYS A N   1 
ATOM   1024 C CA  . LYS A 1 143 ? -3.446  15.135  5.966   1.00 46.18 ? 143 LYS A CA  1 
ATOM   1025 C C   . LYS A 1 143 ? -2.984  15.691  4.616   1.00 43.94 ? 143 LYS A C   1 
ATOM   1026 O O   . LYS A 1 143 ? -3.707  16.454  3.966   1.00 42.58 ? 143 LYS A O   1 
ATOM   1027 C CB  . LYS A 1 143 ? -4.327  16.155  6.701   1.00 51.07 ? 143 LYS A CB  1 
ATOM   1028 C CG  . LYS A 1 143 ? -5.756  16.261  6.163   1.00 51.48 ? 143 LYS A CG  1 
ATOM   1029 C CD  . LYS A 1 143 ? -6.613  17.180  7.017   1.00 54.55 ? 143 LYS A CD  1 
ATOM   1030 C CE  . LYS A 1 143 ? -5.856  18.439  7.398   1.00 49.34 ? 143 LYS A CE  1 
ATOM   1031 N NZ  . LYS A 1 143 ? -6.771  19.511  7.872   1.00 46.66 ? 143 LYS A NZ  1 
ATOM   1032 N N   . SER A 1 144 ? -1.793  15.309  4.163   1.00 42.67 ? 144 SER A N   1 
ATOM   1033 C CA  . SER A 1 144 ? -1.252  15.778  2.898   1.00 35.56 ? 144 SER A CA  1 
ATOM   1034 C C   . SER A 1 144 ? -1.104  14.616  1.923   1.00 36.05 ? 144 SER A C   1 
ATOM   1035 O O   . SER A 1 144 ? -0.865  13.473  2.323   1.00 31.85 ? 144 SER A O   1 
ATOM   1036 C CB  . SER A 1 144 ? 0.097   16.482  3.097   1.00 30.05 ? 144 SER A CB  1 
ATOM   1037 O OG  . SER A 1 144 ? -0.077  17.682  3.834   1.00 42.56 ? 144 SER A OG  1 
ATOM   1038 N N   . PHE A 1 145 ? -1.270  14.926  0.637   1.00 24.11 ? 145 PHE A N   1 
ATOM   1039 C CA  . PHE A 1 145 ? -1.189  13.961  -0.460  1.00 27.01 ? 145 PHE A CA  1 
ATOM   1040 C C   . PHE A 1 145 ? -0.243  14.572  -1.488  1.00 28.03 ? 145 PHE A C   1 
ATOM   1041 O O   . PHE A 1 145 ? -0.662  15.388  -2.313  1.00 28.52 ? 145 PHE A O   1 
ATOM   1042 C CB  . PHE A 1 145 ? -2.576  13.689  -1.041  1.00 22.06 ? 145 PHE A CB  1 
ATOM   1043 C CG  . PHE A 1 145 ? -2.592  12.715  -2.183  1.00 22.95 ? 145 PHE A CG  1 
ATOM   1044 C CD1 . PHE A 1 145 ? -2.762  11.361  -1.950  1.00 29.55 ? 145 PHE A CD1 1 
ATOM   1045 C CD2 . PHE A 1 145 ? -2.460  13.157  -3.489  1.00 33.10 ? 145 PHE A CD2 1 
ATOM   1046 C CE1 . PHE A 1 145 ? -2.792  10.463  -2.996  1.00 24.95 ? 145 PHE A CE1 1 
ATOM   1047 C CE2 . PHE A 1 145 ? -2.493  12.270  -4.544  1.00 33.68 ? 145 PHE A CE2 1 
ATOM   1048 C CZ  . PHE A 1 145 ? -2.659  10.920  -4.295  1.00 23.61 ? 145 PHE A CZ  1 
ATOM   1049 N N   . GLU A 1 146 ? 1.034   14.194  -1.431  1.00 24.61 ? 146 GLU A N   1 
ATOM   1050 C CA  . GLU A 1 146 ? 2.006   14.761  -2.358  1.00 26.59 ? 146 GLU A CA  1 
ATOM   1051 C C   . GLU A 1 146 ? 3.076   13.764  -2.792  1.00 31.45 ? 146 GLU A C   1 
ATOM   1052 O O   . GLU A 1 146 ? 3.484   13.769  -3.957  1.00 31.38 ? 146 GLU A O   1 
ATOM   1053 C CB  . GLU A 1 146 ? 2.671   15.998  -1.745  1.00 26.67 ? 146 GLU A CB  1 
ATOM   1054 C CG  . GLU A 1 146 ? 3.499   16.785  -2.749  1.00 38.67 ? 146 GLU A CG  1 
ATOM   1055 C CD  . GLU A 1 146 ? 3.978   18.121  -2.218  1.00 43.25 ? 146 GLU A CD  1 
ATOM   1056 O OE1 . GLU A 1 146 ? 3.714   18.431  -1.037  1.00 38.20 ? 146 GLU A OE1 1 
ATOM   1057 O OE2 . GLU A 1 146 ? 4.620   18.863  -2.991  1.00 48.87 ? 146 GLU A OE2 1 
ATOM   1058 N N   . VAL A 1 147 ? 3.543   12.909  -1.881  1.00 19.26 ? 147 VAL A N   1 
ATOM   1059 C CA  . VAL A 1 147 ? 4.700   12.061  -2.158  1.00 17.73 ? 147 VAL A CA  1 
ATOM   1060 C C   . VAL A 1 147 ? 4.348   10.593  -2.347  1.00 20.01 ? 147 VAL A C   1 
ATOM   1061 O O   . VAL A 1 147 ? 5.178   9.842   -2.888  1.00 14.98 ? 147 VAL A O   1 
ATOM   1062 C CB  . VAL A 1 147 ? 5.780   12.202  -1.064  1.00 18.43 ? 147 VAL A CB  1 
ATOM   1063 C CG1 . VAL A 1 147 ? 6.204   13.659  -0.915  1.00 23.09 ? 147 VAL A CG1 1 
ATOM   1064 C CG2 . VAL A 1 147 ? 5.280   11.645  0.254   1.00 19.47 ? 147 VAL A CG2 1 
ATOM   1065 N N   . SER A 1 148 ? 3.163   10.153  -1.934  1.00 13.74 ? 148 SER A N   1 
ATOM   1066 C CA  . SER A 1 148 ? 2.792   8.748   -2.040  1.00 11.29 ? 148 SER A CA  1 
ATOM   1067 C C   . SER A 1 148 ? 1.975   8.438   -3.286  1.00 14.22 ? 148 SER A C   1 
ATOM   1068 O O   . SER A 1 148 ? 1.587   7.282   -3.482  1.00 10.98 ? 148 SER A O   1 
ATOM   1069 C CB  . SER A 1 148 ? 2.018   8.312   -0.792  1.00 9.76  ? 148 SER A CB  1 
ATOM   1070 O OG  . SER A 1 148 ? 0.758   8.954   -0.726  1.00 11.62 ? 148 SER A OG  1 
ATOM   1071 N N   . ASN A 1 149 ? 1.715   9.429   -4.137  1.00 11.97 ? 149 ASN A N   1 
ATOM   1072 C CA  . ASN A 1 149 ? 0.899   9.202   -5.319  1.00 14.71 ? 149 ASN A CA  1 
ATOM   1073 C C   . ASN A 1 149 ? 1.694   8.484   -6.406  1.00 15.32 ? 149 ASN A C   1 
ATOM   1074 O O   . ASN A 1 149 ? 2.929   8.484   -6.418  1.00 14.49 ? 149 ASN A O   1 
ATOM   1075 C CB  . ASN A 1 149 ? 0.352   10.521  -5.860  1.00 20.50 ? 149 ASN A CB  1 
ATOM   1076 C CG  . ASN A 1 149 ? 1.446   11.491  -6.243  1.00 20.29 ? 149 ASN A CG  1 
ATOM   1077 O OD1 . ASN A 1 149 ? 2.363   11.749  -5.464  1.00 19.72 ? 149 ASN A OD1 1 
ATOM   1078 N ND2 . ASN A 1 149 ? 1.359   12.032  -7.451  1.00 22.79 ? 149 ASN A ND2 1 
ATOM   1079 N N   . ALA A 1 150 ? 0.956   7.878   -7.341  1.00 14.56 ? 150 ALA A N   1 
ATOM   1080 C CA  . ALA A 1 150 ? 1.577   7.077   -8.391  1.00 17.71 ? 150 ALA A CA  1 
ATOM   1081 C C   . ALA A 1 150 ? 2.582   7.888   -9.202  1.00 19.86 ? 150 ALA A C   1 
ATOM   1082 O O   . ALA A 1 150 ? 3.611   7.358   -9.636  1.00 18.57 ? 150 ALA A O   1 
ATOM   1083 C CB  . ALA A 1 150 ? 0.498   6.492   -9.304  1.00 16.01 ? 150 ALA A CB  1 
ATOM   1084 N N   . GLU A 1 151 ? 2.305   9.179   -9.406  1.00 21.40 ? 151 GLU A N   1 
ATOM   1085 C CA  . GLU A 1 151 ? 3.192   10.001  -10.224 1.00 21.48 ? 151 GLU A CA  1 
ATOM   1086 C C   . GLU A 1 151 ? 4.572   10.136  -9.589  1.00 21.52 ? 151 GLU A C   1 
ATOM   1087 O O   . GLU A 1 151 ? 5.591   10.045  -10.283 1.00 21.05 ? 151 GLU A O   1 
ATOM   1088 C CB  . GLU A 1 151 ? 2.572   11.380  -10.456 1.00 19.80 ? 151 GLU A CB  1 
ATOM   1089 C CG  . GLU A 1 151 ? 1.346   11.383  -11.366 1.00 27.35 ? 151 GLU A CG  1 
ATOM   1090 C CD  . GLU A 1 151 ? 0.089   10.884  -10.673 1.00 35.31 ? 151 GLU A CD  1 
ATOM   1091 O OE1 . GLU A 1 151 ? 0.104   10.738  -9.432  1.00 28.06 ? 151 GLU A OE1 1 
ATOM   1092 O OE2 . GLU A 1 151 ? -0.918  10.638  -11.373 1.00 36.09 ? 151 GLU A OE2 1 
ATOM   1093 N N   . THR A 1 152 ? 4.625   10.357  -8.273  1.00 19.99 ? 152 THR A N   1 
ATOM   1094 C CA  . THR A 1 152 ? 5.915   10.458  -7.598  1.00 15.88 ? 152 THR A CA  1 
ATOM   1095 C C   . THR A 1 152 ? 6.680   9.144   -7.676  1.00 17.91 ? 152 THR A C   1 
ATOM   1096 O O   . THR A 1 152 ? 7.889   9.136   -7.934  1.00 17.65 ? 152 THR A O   1 
ATOM   1097 C CB  . THR A 1 152 ? 5.717   10.875  -6.142  1.00 17.42 ? 152 THR A CB  1 
ATOM   1098 O OG1 . THR A 1 152 ? 5.062   12.148  -6.090  1.00 25.10 ? 152 THR A OG1 1 
ATOM   1099 C CG2 . THR A 1 152 ? 7.054   10.976  -5.434  1.00 17.95 ? 152 THR A CG2 1 
ATOM   1100 N N   . ILE A 1 153 ? 5.988   8.023   -7.465  1.00 15.64 ? 153 ILE A N   1 
ATOM   1101 C CA  . ILE A 1 153 ? 6.633   6.715   -7.553  1.00 10.90 ? 153 ILE A CA  1 
ATOM   1102 C C   . ILE A 1 153 ? 7.184   6.491   -8.956  1.00 18.77 ? 153 ILE A C   1 
ATOM   1103 O O   . ILE A 1 153 ? 8.307   6.005   -9.134  1.00 19.63 ? 153 ILE A O   1 
ATOM   1104 C CB  . ILE A 1 153 ? 5.646   5.606   -7.151  1.00 17.94 ? 153 ILE A CB  1 
ATOM   1105 C CG1 . ILE A 1 153 ? 5.285   5.733   -5.669  1.00 13.74 ? 153 ILE A CG1 1 
ATOM   1106 C CG2 . ILE A 1 153 ? 6.222   4.231   -7.460  1.00 16.47 ? 153 ILE A CG2 1 
ATOM   1107 C CD1 . ILE A 1 153 ? 6.479   5.656   -4.747  1.00 17.24 ? 153 ILE A CD1 1 
ATOM   1108 N N   . LEU A 1 154 ? 6.395   6.847   -9.971  1.00 18.68 ? 154 LEU A N   1 
ATOM   1109 C CA  . LEU A 1 154 ? 6.849   6.733   -11.353 1.00 23.70 ? 154 LEU A CA  1 
ATOM   1110 C C   . LEU A 1 154 ? 8.135   7.521   -11.572 1.00 22.44 ? 154 LEU A C   1 
ATOM   1111 O O   . LEU A 1 154 ? 9.076   7.038   -12.211 1.00 27.28 ? 154 LEU A O   1 
ATOM   1112 C CB  . LEU A 1 154 ? 5.745   7.217   -12.295 1.00 21.55 ? 154 LEU A CB  1 
ATOM   1113 C CG  . LEU A 1 154 ? 5.889   6.906   -13.784 1.00 31.70 ? 154 LEU A CG  1 
ATOM   1114 C CD1 . LEU A 1 154 ? 5.973   5.405   -14.021 1.00 24.96 ? 154 LEU A CD1 1 
ATOM   1115 C CD2 . LEU A 1 154 ? 4.729   7.512   -14.562 1.00 25.01 ? 154 LEU A CD2 1 
ATOM   1116 N N   . ALA A 1 155 ? 8.196   8.739   -11.026 1.00 24.23 ? 155 ALA A N   1 
ATOM   1117 C CA  . ALA A 1 155 ? 9.392   9.563   -11.151 1.00 22.89 ? 155 ALA A CA  1 
ATOM   1118 C C   . ALA A 1 155 ? 10.570  9.002   -10.365 1.00 34.70 ? 155 ALA A C   1 
ATOM   1119 O O   . ALA A 1 155 ? 11.721  9.299   -10.704 1.00 31.59 ? 155 ALA A O   1 
ATOM   1120 C CB  . ALA A 1 155 ? 9.094   10.992  -10.699 1.00 24.25 ? 155 ALA A CB  1 
ATOM   1121 N N   . ALA A 1 156 ? 10.314  8.213   -9.318  1.00 21.43 ? 156 ALA A N   1 
ATOM   1122 C CA  . ALA A 1 156 ? 11.409  7.553   -8.615  1.00 18.91 ? 156 ALA A CA  1 
ATOM   1123 C C   . ALA A 1 156 ? 11.989  6.425   -9.455  1.00 29.28 ? 156 ALA A C   1 
ATOM   1124 O O   . ALA A 1 156 ? 13.209  6.218   -9.476  1.00 26.50 ? 156 ALA A O   1 
ATOM   1125 C CB  . ALA A 1 156 ? 10.927  7.027   -7.264  1.00 23.87 ? 156 ALA A CB  1 
ATOM   1126 N N   . LEU A 1 157 ? 11.127  5.687   -10.158 1.00 20.89 ? 157 LEU A N   1 
ATOM   1127 C CA  . LEU A 1 157 ? 11.593  4.664   -11.083 1.00 31.28 ? 157 LEU A CA  1 
ATOM   1128 C C   . LEU A 1 157 ? 12.300  5.265   -12.288 1.00 32.80 ? 157 LEU A C   1 
ATOM   1129 O O   . LEU A 1 157 ? 12.949  4.532   -13.041 1.00 39.13 ? 157 LEU A O   1 
ATOM   1130 C CB  . LEU A 1 157 ? 10.412  3.808   -11.538 1.00 19.59 ? 157 LEU A CB  1 
ATOM   1131 C CG  . LEU A 1 157 ? 9.701   3.093   -10.389 1.00 26.77 ? 157 LEU A CG  1 
ATOM   1132 C CD1 . LEU A 1 157 ? 8.311   2.656   -10.806 1.00 23.94 ? 157 LEU A CD1 1 
ATOM   1133 C CD2 . LEU A 1 157 ? 10.519  1.904   -9.914  1.00 22.13 ? 157 LEU A CD2 1 
ATOM   1134 N N   . GLU A 1 158 ? 12.189  6.581   -12.482 1.00 32.98 ? 158 GLU A N   1 
ATOM   1135 C CA  . GLU A 1 158 ? 12.890  7.235   -13.581 1.00 44.11 ? 158 GLU A CA  1 
ATOM   1136 C C   . GLU A 1 158 ? 14.399  7.186   -13.381 1.00 41.22 ? 158 GLU A C   1 
ATOM   1137 O O   . GLU A 1 158 ? 15.150  6.938   -14.333 1.00 40.19 ? 158 GLU A O   1 
ATOM   1138 C CB  . GLU A 1 158 ? 12.410  8.680   -13.717 1.00 41.74 ? 158 GLU A CB  1 
ATOM   1139 C CG  . GLU A 1 158 ? 12.874  9.359   -14.986 1.00 54.83 ? 158 GLU A CG  1 
ATOM   1140 C CD  . GLU A 1 158 ? 12.173  8.832   -16.226 1.00 63.85 ? 158 GLU A CD  1 
ATOM   1141 O OE1 . GLU A 1 158 ? 11.306  7.940   -16.112 1.00 57.85 ? 158 GLU A OE1 1 
ATOM   1142 O OE2 . GLU A 1 158 ? 12.517  9.293   -17.328 1.00 61.50 ? 158 GLU A OE2 1 
ATOM   1143 N N   . HIS A 1 159 ? 14.863  7.426   -12.159 1.00 38.67 ? 159 HIS A N   1 
ATOM   1144 C CA  . HIS A 1 159 ? 16.283  7.312   -11.844 1.00 40.89 ? 159 HIS A CA  1 
ATOM   1145 C C   . HIS A 1 159 ? 16.746  5.862   -11.968 1.00 37.47 ? 159 HIS A C   1 
ATOM   1146 O O   . HIS A 1 159 ? 17.411  5.489   -12.935 1.00 39.83 ? 159 HIS A O   1 
ATOM   1147 C CB  . HIS A 1 159 ? 16.573  7.839   -10.436 1.00 43.73 ? 159 HIS A CB  1 
ATOM   1148 C CG  . HIS A 1 159 ? 16.298  9.300   -10.265 1.00 49.31 ? 159 HIS A CG  1 
ATOM   1149 N ND1 . HIS A 1 159 ? 17.202  10.276  -10.627 1.00 49.02 ? 159 HIS A ND1 1 
ATOM   1150 C CD2 . HIS A 1 159 ? 15.221  9.953   -9.765  1.00 45.41 ? 159 HIS A CD2 1 
ATOM   1151 C CE1 . HIS A 1 159 ? 16.694  11.465  -10.361 1.00 42.14 ? 159 HIS A CE1 1 
ATOM   1152 N NE2 . HIS A 1 159 ? 15.494  11.299  -9.838  1.00 45.12 ? 159 HIS A NE2 1 
HETATM 1153 O O   . HOH B 2 .   ? 14.529  -0.085  -6.879  1.00 28.67 ? 201 HOH A O   1 
HETATM 1154 O O   . HOH B 2 .   ? 6.342   -12.520 5.884   1.00 19.95 ? 202 HOH A O   1 
HETATM 1155 O O   . HOH B 2 .   ? 13.501  1.801   11.325  1.00 30.17 ? 203 HOH A O   1 
HETATM 1156 O O   . HOH B 2 .   ? -15.143 3.724   -3.636  1.00 32.49 ? 204 HOH A O   1 
HETATM 1157 O O   . HOH B 2 .   ? 11.993  -9.165  8.452   1.00 33.97 ? 205 HOH A O   1 
HETATM 1158 O O   . HOH B 2 .   ? -16.164 -4.476  8.339   1.00 12.00 ? 206 HOH A O   1 
HETATM 1159 O O   . HOH B 2 .   ? -10.039 -0.632  10.439  1.00 8.76  ? 207 HOH A O   1 
HETATM 1160 O O   . HOH B 2 .   ? 11.717  -5.771  -12.327 1.00 24.26 ? 208 HOH A O   1 
HETATM 1161 O O   . HOH B 2 .   ? -2.659  -10.317 13.632  1.00 25.31 ? 209 HOH A O   1 
HETATM 1162 O O   . HOH B 2 .   ? -2.267  -8.063  9.047   1.00 21.52 ? 210 HOH A O   1 
HETATM 1163 O O   . HOH B 2 .   ? 2.565   -5.619  15.038  1.00 22.64 ? 211 HOH A O   1 
HETATM 1164 O O   . HOH B 2 .   ? 16.891  -6.369  -2.646  1.00 22.07 ? 212 HOH A O   1 
HETATM 1165 O O   . HOH B 2 .   ? 4.163   0.599   16.166  1.00 22.21 ? 213 HOH A O   1 
HETATM 1166 O O   . HOH B 2 .   ? 6.074   11.503  -12.495 1.00 24.78 ? 214 HOH A O   1 
HETATM 1167 O O   . HOH B 2 .   ? 9.800   -7.118  -3.055  1.00 12.62 ? 215 HOH A O   1 
HETATM 1168 O O   . HOH B 2 .   ? -4.576  -8.321  17.149  1.00 31.13 ? 216 HOH A O   1 
HETATM 1169 O O   . HOH B 2 .   ? -2.522  1.153   -16.562 1.00 33.57 ? 217 HOH A O   1 
HETATM 1170 O O   . HOH B 2 .   ? -0.265  -5.584  -9.685  1.00 24.74 ? 218 HOH A O   1 
HETATM 1171 O O   . HOH B 2 .   ? 0.397   0.119   6.536   1.00 7.80  ? 219 HOH A O   1 
HETATM 1172 O O   . HOH B 2 .   ? 1.513   10.574  7.437   1.00 27.23 ? 220 HOH A O   1 
HETATM 1173 O O   . HOH B 2 .   ? -5.428  2.166   7.166   1.00 4.97  ? 221 HOH A O   1 
HETATM 1174 O O   . HOH B 2 .   ? -12.834 -2.611  7.579   1.00 11.00 ? 222 HOH A O   1 
HETATM 1175 O O   . HOH B 2 .   ? -10.355 -3.519  10.667  1.00 7.79  ? 223 HOH A O   1 
HETATM 1176 O O   . HOH B 2 .   ? -9.596  19.504  7.768   1.00 25.15 ? 224 HOH A O   1 
HETATM 1177 O O   . HOH B 2 .   ? -7.815  -7.750  0.977   1.00 24.06 ? 225 HOH A O   1 
HETATM 1178 O O   . HOH B 2 .   ? -9.818  -9.015  0.121   1.00 21.69 ? 226 HOH A O   1 
HETATM 1179 O O   . HOH B 2 .   ? -1.901  7.954   -6.625  1.00 20.23 ? 227 HOH A O   1 
HETATM 1180 O O   . HOH B 2 .   ? -16.468 7.434   11.398  1.00 13.39 ? 228 HOH A O   1 
HETATM 1181 O O   . HOH B 2 .   ? -16.782 -8.271  -0.174  1.00 31.02 ? 229 HOH A O   1 
HETATM 1182 O O   . HOH B 2 .   ? -8.373  9.380   3.414   1.00 27.08 ? 230 HOH A O   1 
HETATM 1183 O O   . HOH B 2 .   ? -9.297  0.227   12.710  1.00 10.30 ? 231 HOH A O   1 
HETATM 1184 O O   . HOH B 2 .   ? -0.721  10.203  6.465   1.00 21.61 ? 232 HOH A O   1 
HETATM 1185 O O   . HOH B 2 .   ? -7.268  -7.685  -4.848  1.00 21.07 ? 233 HOH A O   1 
HETATM 1186 O O   . HOH B 2 .   ? -8.761  -2.304  13.794  1.00 12.59 ? 234 HOH A O   1 
HETATM 1187 O O   . HOH B 2 .   ? -16.085 6.177   -2.170  1.00 31.00 ? 235 HOH A O   1 
HETATM 1188 O O   . HOH B 2 .   ? 13.105  11.056  -7.260  1.00 33.73 ? 236 HOH A O   1 
HETATM 1189 O O   . HOH B 2 .   ? -12.693 -0.965  9.674   0.50 8.48  ? 237 HOH A O   1 
# 
loop_
_pdbx_poly_seq_scheme.asym_id 
_pdbx_poly_seq_scheme.entity_id 
_pdbx_poly_seq_scheme.seq_id 
_pdbx_poly_seq_scheme.mon_id 
_pdbx_poly_seq_scheme.ndb_seq_num 
_pdbx_poly_seq_scheme.pdb_seq_num 
_pdbx_poly_seq_scheme.auth_seq_num 
_pdbx_poly_seq_scheme.pdb_mon_id 
_pdbx_poly_seq_scheme.auth_mon_id 
_pdbx_poly_seq_scheme.pdb_strand_id 
_pdbx_poly_seq_scheme.pdb_ins_code 
_pdbx_poly_seq_scheme.hetero 
A 1 1   MET 1   1   1   MET MET A . n 
A 1 2   ILE 2   2   2   ILE ILE A . n 
A 1 3   ALA 3   3   3   ALA ALA A . n 
A 1 4   GLN 4   4   4   GLN GLN A . n 
A 1 5   GLY 5   5   5   GLY GLY A . n 
A 1 6   GLN 6   6   6   GLN GLN A . n 
A 1 7   THR 7   7   7   THR THR A . n 
A 1 8   LEU 8   8   8   LEU LEU A . n 
A 1 9   PRO 9   9   9   PRO PRO A . n 
A 1 10  ASN 10  10  10  ASN ASN A . n 
A 1 11  ALA 11  11  11  ALA ALA A . n 
A 1 12  THR 12  12  12  THR THR A . n 
A 1 13  LEU 13  13  13  LEU LEU A . n 
A 1 14  SER 14  14  14  SER SER A . n 
A 1 15  GLN 15  15  15  GLN GLN A . n 
A 1 16  LEU 16  16  16  LEU LEU A . n 
A 1 17  THR 17  17  17  THR THR A . n 
A 1 18  LYS 18  18  ?   ?   ?   A . n 
A 1 19  GLU 19  19  ?   ?   ?   A . n 
A 1 20  GLY 20  20  ?   ?   ?   A . n 
A 1 21  MET 21  21  ?   ?   ?   A . n 
A 1 22  VAL 22  22  22  VAL VAL A . n 
A 1 23  HIS 23  23  23  HIS HIS A . n 
A 1 24  HIS 24  24  24  HIS HIS A . n 
A 1 25  PRO 25  25  25  PRO PRO A . n 
A 1 26  VAL 26  26  26  VAL VAL A . n 
A 1 27  LEU 27  27  27  LEU LEU A . n 
A 1 28  GLU 28  28  28  GLU GLU A . n 
A 1 29  LEU 29  29  29  LEU LEU A . n 
A 1 30  PHE 30  30  30  PHE PHE A . n 
A 1 31  ALA 31  31  31  ALA ALA A . n 
A 1 32  GLY 32  32  32  GLY GLY A . n 
A 1 33  LYS 33  33  33  LYS LYS A . n 
A 1 34  LYS 34  34  34  LYS LYS A . n 
A 1 35  VAL 35  35  35  VAL VAL A . n 
A 1 36  VAL 36  36  36  VAL VAL A . n 
A 1 37  LEU 37  37  37  LEU LEU A . n 
A 1 38  PHE 38  38  38  PHE PHE A . n 
A 1 39  ALA 39  39  39  ALA ALA A . n 
A 1 40  VAL 40  40  40  VAL VAL A . n 
A 1 41  PRO 41  41  41  PRO PRO A . n 
A 1 42  GLY 42  42  42  GLY GLY A . n 
A 1 43  ALA 43  43  43  ALA ALA A . n 
A 1 44  PHE 44  44  44  PHE PHE A . n 
A 1 45  THR 45  45  45  THR THR A . n 
A 1 46  PRO 46  46  46  PRO PRO A . n 
A 1 47  THR 47  47  47  THR THR A . n 
A 1 48  ASP 48  48  48  ASP ASP A . n 
A 1 49  SER 49  49  49  SER SER A . n 
A 1 50  GLU 50  50  50  GLU GLU A . n 
A 1 51  ALA 51  51  51  ALA ALA A . n 
A 1 52  HIS 52  52  52  HIS HIS A . n 
A 1 53  LEU 53  53  53  LEU LEU A . n 
A 1 54  PRO 54  54  54  PRO PRO A . n 
A 1 55  GLY 55  55  55  GLY GLY A . n 
A 1 56  TYR 56  56  56  TYR TYR A . n 
A 1 57  ILE 57  57  57  ILE ILE A . n 
A 1 58  VAL 58  58  58  VAL VAL A . n 
A 1 59  LEU 59  59  59  LEU LEU A . n 
A 1 60  ALA 60  60  60  ALA ALA A . n 
A 1 61  ASP 61  61  61  ASP ASP A . n 
A 1 62  GLN 62  62  62  GLN GLN A . n 
A 1 63  LEU 63  63  63  LEU LEU A . n 
A 1 64  LYS 64  64  64  LYS LYS A . n 
A 1 65  ALA 65  65  65  ALA ALA A . n 
A 1 66  LYS 66  66  66  LYS LYS A . n 
A 1 67  GLY 67  67  67  GLY GLY A . n 
A 1 68  VAL 68  68  68  VAL VAL A . n 
A 1 69  ASP 69  69  69  ASP ASP A . n 
A 1 70  LEU 70  70  70  LEU LEU A . n 
A 1 71  ILE 71  71  71  ILE ILE A . n 
A 1 72  ALA 72  72  72  ALA ALA A . n 
A 1 73  SER 73  73  73  SER SER A . n 
A 1 74  VAL 74  74  74  VAL VAL A . n 
A 1 75  SER 75  75  75  SER SER A . n 
A 1 76  VAL 76  76  76  VAL VAL A . n 
A 1 77  ASN 77  77  77  ASN ASN A . n 
A 1 78  ASP 78  78  78  ASP ASP A . n 
A 1 79  ALA 79  79  79  ALA ALA A . n 
A 1 80  PHE 80  80  80  PHE PHE A . n 
A 1 81  VAL 81  81  81  VAL VAL A . n 
A 1 82  MET 82  82  82  MET MET A . n 
A 1 83  LYS 83  83  83  LYS LYS A . n 
A 1 84  ALA 84  84  84  ALA ALA A . n 
A 1 85  TRP 85  85  85  TRP TRP A . n 
A 1 86  GLY 86  86  86  GLY GLY A . n 
A 1 87  GLU 87  87  87  GLU GLU A . n 
A 1 88  ALA 88  88  88  ALA ALA A . n 
A 1 89  GLN 89  89  89  GLN GLN A . n 
A 1 90  ASN 90  90  90  ASN ASN A . n 
A 1 91  ALA 91  91  91  ALA ALA A . n 
A 1 92  GLU 92  92  92  GLU GLU A . n 
A 1 93  GLU 93  93  93  GLU GLU A . n 
A 1 94  ILE 94  94  94  ILE ILE A . n 
A 1 95  LEU 95  95  95  LEU LEU A . n 
A 1 96  MET 96  96  96  MET MET A . n 
A 1 97  LEU 97  97  97  LEU LEU A . n 
A 1 98  ALA 98  98  98  ALA ALA A . n 
A 1 99  ASP 99  99  99  ASP ASP A . n 
A 1 100 GLY 100 100 100 GLY GLY A . n 
A 1 101 ASP 101 101 101 ASP ASP A . n 
A 1 102 ALA 102 102 102 ALA ALA A . n 
A 1 103 SER 103 103 103 SER SER A . n 
A 1 104 PHE 104 104 104 PHE PHE A . n 
A 1 105 THR 105 105 105 THR THR A . n 
A 1 106 LYS 106 106 106 LYS LYS A . n 
A 1 107 ALA 107 107 107 ALA ALA A . n 
A 1 108 LEU 108 108 108 LEU LEU A . n 
A 1 109 GLY 109 109 109 GLY GLY A . n 
A 1 110 LEU 110 110 110 LEU LEU A . n 
A 1 111 GLU 111 111 111 GLU GLU A . n 
A 1 112 MET 112 112 112 MET MET A . n 
A 1 113 ASP 113 113 113 ASP ASP A . n 
A 1 114 THR 114 114 114 THR THR A . n 
A 1 115 ALA 115 115 115 ALA ALA A . n 
A 1 116 GLY 116 116 116 GLY GLY A . n 
A 1 117 PHE 117 117 117 PHE PHE A . n 
A 1 118 GLY 118 118 118 GLY GLY A . n 
A 1 119 GLY 119 119 119 GLY GLY A . n 
A 1 120 LEU 120 120 120 LEU LEU A . n 
A 1 121 ARG 121 121 121 ARG ARG A . n 
A 1 122 SER 122 122 122 SER SER A . n 
A 1 123 GLN 123 123 123 GLN GLN A . n 
A 1 124 ARG 124 124 124 ARG ARG A . n 
A 1 125 TYR 125 125 125 TYR TYR A . n 
A 1 126 ALA 126 126 126 ALA ALA A . n 
A 1 127 MET 127 127 127 MET MET A . n 
A 1 128 ILE 128 128 128 ILE ILE A . n 
A 1 129 ILE 129 129 129 ILE ILE A . n 
A 1 130 ASP 130 130 130 ASP ASP A . n 
A 1 131 ASN 131 131 131 ASN ASN A . n 
A 1 132 GLY 132 132 132 GLY GLY A . n 
A 1 133 VAL 133 133 133 VAL VAL A . n 
A 1 134 VAL 134 134 134 VAL VAL A . n 
A 1 135 THR 135 135 135 THR THR A . n 
A 1 136 THR 136 136 136 THR THR A . n 
A 1 137 LEU 137 137 137 LEU LEU A . n 
A 1 138 ASN 138 138 138 ASN ASN A . n 
A 1 139 VAL 139 139 139 VAL VAL A . n 
A 1 140 GLU 140 140 140 GLU GLU A . n 
A 1 141 ALA 141 141 141 ALA ALA A . n 
A 1 142 PRO 142 142 142 PRO PRO A . n 
A 1 143 LYS 143 143 143 LYS LYS A . n 
A 1 144 SER 144 144 144 SER SER A . n 
A 1 145 PHE 145 145 145 PHE PHE A . n 
A 1 146 GLU 146 146 146 GLU GLU A . n 
A 1 147 VAL 147 147 147 VAL VAL A . n 
A 1 148 SER 148 148 148 SER SER A . n 
A 1 149 ASN 149 149 149 ASN ASN A . n 
A 1 150 ALA 150 150 150 ALA ALA A . n 
A 1 151 GLU 151 151 151 GLU GLU A . n 
A 1 152 THR 152 152 152 THR THR A . n 
A 1 153 ILE 153 153 153 ILE ILE A . n 
A 1 154 LEU 154 154 154 LEU LEU A . n 
A 1 155 ALA 155 155 155 ALA ALA A . n 
A 1 156 ALA 156 156 156 ALA ALA A . n 
A 1 157 LEU 157 157 157 LEU LEU A . n 
A 1 158 GLU 158 158 158 GLU GLU A . n 
A 1 159 HIS 159 159 159 HIS HIS A . n 
A 1 160 HIS 160 160 ?   ?   ?   A . n 
A 1 161 HIS 161 161 ?   ?   ?   A . n 
A 1 162 HIS 162 162 ?   ?   ?   A . n 
A 1 163 HIS 163 163 ?   ?   ?   A . n 
A 1 164 HIS 164 164 ?   ?   ?   A . n 
# 
loop_
_pdbx_nonpoly_scheme.asym_id 
_pdbx_nonpoly_scheme.entity_id 
_pdbx_nonpoly_scheme.mon_id 
_pdbx_nonpoly_scheme.ndb_seq_num 
_pdbx_nonpoly_scheme.pdb_seq_num 
_pdbx_nonpoly_scheme.auth_seq_num 
_pdbx_nonpoly_scheme.pdb_mon_id 
_pdbx_nonpoly_scheme.auth_mon_id 
_pdbx_nonpoly_scheme.pdb_strand_id 
_pdbx_nonpoly_scheme.pdb_ins_code 
B 2 HOH 1  201 188 HOH HOH A . 
B 2 HOH 2  202 171 HOH HOH A . 
B 2 HOH 3  203 189 HOH HOH A . 
B 2 HOH 4  204 193 HOH HOH A . 
B 2 HOH 5  205 196 HOH HOH A . 
B 2 HOH 6  206 167 HOH HOH A . 
B 2 HOH 7  207 164 HOH HOH A . 
B 2 HOH 8  208 181 HOH HOH A . 
B 2 HOH 9  209 185 HOH HOH A . 
B 2 HOH 10 210 174 HOH HOH A . 
B 2 HOH 11 211 179 HOH HOH A . 
B 2 HOH 12 212 177 HOH HOH A . 
B 2 HOH 13 213 178 HOH HOH A . 
B 2 HOH 14 214 183 HOH HOH A . 
B 2 HOH 15 215 169 HOH HOH A . 
B 2 HOH 16 216 192 HOH HOH A . 
B 2 HOH 17 217 194 HOH HOH A . 
B 2 HOH 18 218 182 HOH HOH A . 
B 2 HOH 19 219 162 HOH HOH A . 
B 2 HOH 20 220 187 HOH HOH A . 
B 2 HOH 21 221 160 HOH HOH A . 
B 2 HOH 22 222 166 HOH HOH A . 
B 2 HOH 23 223 161 HOH HOH A . 
B 2 HOH 24 224 184 HOH HOH A . 
B 2 HOH 25 225 180 HOH HOH A . 
B 2 HOH 26 226 176 HOH HOH A . 
B 2 HOH 27 227 172 HOH HOH A . 
B 2 HOH 28 228 170 HOH HOH A . 
B 2 HOH 29 229 191 HOH HOH A . 
B 2 HOH 30 230 186 HOH HOH A . 
B 2 HOH 31 231 165 HOH HOH A . 
B 2 HOH 32 232 175 HOH HOH A . 
B 2 HOH 33 233 173 HOH HOH A . 
B 2 HOH 34 234 168 HOH HOH A . 
B 2 HOH 35 235 190 HOH HOH A . 
B 2 HOH 36 236 195 HOH HOH A . 
B 2 HOH 37 237 163 HOH HOH A . 
# 
_pdbx_struct_assembly.id                   1 
_pdbx_struct_assembly.details              author_and_software_defined_assembly 
_pdbx_struct_assembly.method_details       PISA 
_pdbx_struct_assembly.oligomeric_details   dimeric 
_pdbx_struct_assembly.oligomeric_count     2 
# 
_pdbx_struct_assembly_gen.assembly_id       1 
_pdbx_struct_assembly_gen.oper_expression   1,2 
_pdbx_struct_assembly_gen.asym_id_list      A,B 
# 
loop_
_pdbx_struct_assembly_prop.biol_id 
_pdbx_struct_assembly_prop.type 
_pdbx_struct_assembly_prop.value 
_pdbx_struct_assembly_prop.details 
1 'ABSA (A^2)' 1340  ? 
1 MORE         -9    ? 
1 'SSA (A^2)'  13100 ? 
# 
loop_
_pdbx_struct_oper_list.id 
_pdbx_struct_oper_list.type 
_pdbx_struct_oper_list.name 
_pdbx_struct_oper_list.symmetry_operation 
_pdbx_struct_oper_list.matrix[1][1] 
_pdbx_struct_oper_list.matrix[1][2] 
_pdbx_struct_oper_list.matrix[1][3] 
_pdbx_struct_oper_list.vector[1] 
_pdbx_struct_oper_list.matrix[2][1] 
_pdbx_struct_oper_list.matrix[2][2] 
_pdbx_struct_oper_list.matrix[2][3] 
_pdbx_struct_oper_list.vector[2] 
_pdbx_struct_oper_list.matrix[3][1] 
_pdbx_struct_oper_list.matrix[3][2] 
_pdbx_struct_oper_list.matrix[3][3] 
_pdbx_struct_oper_list.vector[3] 
1 'identity operation'         1_555 x,y,z              1.0000000000  0.0000000000  0.0000000000 0.0000000000   0.0000000000  1.0000000000  0.0000000000  0.0000000000  0.0000000000 0.0000000000  1.0000000000 0.0000000000  
2 'crystal symmetry operation' 6_766 -x+2,-x+y+1,-z+5/3 -0.4971089252 -0.0032380267 0.8676821029 -27.4008409377 -0.0032380267 -0.9999791509 -0.0055868516 -1.9169379179 0.8676821029 -0.0055868516 0.4970880762 15.8738219981 
# 
_pdbx_struct_special_symmetry.id              1 
_pdbx_struct_special_symmetry.PDB_model_num   1 
_pdbx_struct_special_symmetry.auth_asym_id    A 
_pdbx_struct_special_symmetry.auth_comp_id    HOH 
_pdbx_struct_special_symmetry.auth_seq_id     237 
_pdbx_struct_special_symmetry.PDB_ins_code    ? 
_pdbx_struct_special_symmetry.label_asym_id   B 
_pdbx_struct_special_symmetry.label_comp_id   HOH 
_pdbx_struct_special_symmetry.label_seq_id    . 
# 
loop_
_pdbx_audit_revision_history.ordinal 
_pdbx_audit_revision_history.data_content_type 
_pdbx_audit_revision_history.major_revision 
_pdbx_audit_revision_history.minor_revision 
_pdbx_audit_revision_history.revision_date 
1 'Structure model' 1 0 2017-05-24 
2 'Structure model' 1 1 2019-03-13 
3 'Structure model' 1 2 2023-11-08 
# 
_pdbx_audit_revision_details.ordinal             1 
_pdbx_audit_revision_details.revision_ordinal    1 
_pdbx_audit_revision_details.data_content_type   'Structure model' 
_pdbx_audit_revision_details.provider            repository 
_pdbx_audit_revision_details.type                'Initial release' 
_pdbx_audit_revision_details.description         ? 
_pdbx_audit_revision_details.details             ? 
# 
loop_
_pdbx_audit_revision_group.ordinal 
_pdbx_audit_revision_group.revision_ordinal 
_pdbx_audit_revision_group.data_content_type 
_pdbx_audit_revision_group.group 
1 2 'Structure model' 'Data collection'        
2 2 'Structure model' 'Database references'    
3 3 'Structure model' 'Data collection'        
4 3 'Structure model' 'Database references'    
5 3 'Structure model' 'Refinement description' 
# 
loop_
_pdbx_audit_revision_category.ordinal 
_pdbx_audit_revision_category.revision_ordinal 
_pdbx_audit_revision_category.data_content_type 
_pdbx_audit_revision_category.category 
1 2 'Structure model' citation                      
2 2 'Structure model' citation_author               
3 3 'Structure model' chem_comp_atom                
4 3 'Structure model' chem_comp_bond                
5 3 'Structure model' database_2                    
6 3 'Structure model' pdbx_initial_refinement_model 
# 
loop_
_pdbx_audit_revision_item.ordinal 
_pdbx_audit_revision_item.revision_ordinal 
_pdbx_audit_revision_item.data_content_type 
_pdbx_audit_revision_item.item 
1  2 'Structure model' '_citation.country'                   
2  2 'Structure model' '_citation.journal_abbrev'            
3  2 'Structure model' '_citation.journal_id_CSD'            
4  2 'Structure model' '_citation.journal_id_ISSN'           
5  2 'Structure model' '_citation.journal_volume'            
6  2 'Structure model' '_citation.page_first'                
7  2 'Structure model' '_citation.page_last'                 
8  2 'Structure model' '_citation.pdbx_database_id_DOI'      
9  2 'Structure model' '_citation.pdbx_database_id_PubMed'   
10 2 'Structure model' '_citation.title'                     
11 2 'Structure model' '_citation.year'                      
12 3 'Structure model' '_database_2.pdbx_DOI'                
13 3 'Structure model' '_database_2.pdbx_database_accession' 
# 
loop_
_software.citation_id 
_software.classification 
_software.compiler_name 
_software.compiler_version 
_software.contact_author 
_software.contact_author_email 
_software.date 
_software.description 
_software.dependencies 
_software.hardware 
_software.language 
_software.location 
_software.mods 
_software.name 
_software.os 
_software.os_version 
_software.type 
_software.version 
_software.pdbx_ordinal 
? refinement       ? ? ? ? ? ? ? ? ? ? ? PHENIX   ? ? ? '(1.10.1_2155: ???)' 1 
? 'data reduction' ? ? ? ? ? ? ? ? ? ? ? DENZO    ? ? ? .                    2 
? 'data scaling'   ? ? ? ? ? ? ? ? ? ? ? HKL-2000 ? ? ? .                    3 
? phasing          ? ? ? ? ? ? ? ? ? ? ? MOLREP   ? ? ? .                    4 
# 
_pdbx_entry_details.entry_id                 5K1G 
_pdbx_entry_details.nonpolymer_details       ? 
_pdbx_entry_details.sequence_details         
;The reference database is GenBank ADV89163.
This protein is C48D/C73S mutant, and residues 158-164 are expression tag.
;
_pdbx_entry_details.compound_details         ? 
_pdbx_entry_details.source_details           ? 
_pdbx_entry_details.has_ligand_of_interest   ? 
# 
loop_
_pdbx_validate_torsion.id 
_pdbx_validate_torsion.PDB_model_num 
_pdbx_validate_torsion.auth_comp_id 
_pdbx_validate_torsion.auth_asym_id 
_pdbx_validate_torsion.auth_seq_id 
_pdbx_validate_torsion.PDB_ins_code 
_pdbx_validate_torsion.label_alt_id 
_pdbx_validate_torsion.phi 
_pdbx_validate_torsion.psi 
1 1 ALA A 51  ? ? -130.88 -56.45  
2 1 ALA A 91  ? ? -98.01  56.99   
3 1 ASP A 99  ? ? -116.90 67.43   
4 1 ALA A 115 ? ? 50.68   -130.83 
5 1 GLU A 146 ? ? -144.48 -38.41  
# 
loop_
_pdbx_unobs_or_zero_occ_residues.id 
_pdbx_unobs_or_zero_occ_residues.PDB_model_num 
_pdbx_unobs_or_zero_occ_residues.polymer_flag 
_pdbx_unobs_or_zero_occ_residues.occupancy_flag 
_pdbx_unobs_or_zero_occ_residues.auth_asym_id 
_pdbx_unobs_or_zero_occ_residues.auth_comp_id 
_pdbx_unobs_or_zero_occ_residues.auth_seq_id 
_pdbx_unobs_or_zero_occ_residues.PDB_ins_code 
_pdbx_unobs_or_zero_occ_residues.label_asym_id 
_pdbx_unobs_or_zero_occ_residues.label_comp_id 
_pdbx_unobs_or_zero_occ_residues.label_seq_id 
1 1 Y 1 A LYS 18  ? A LYS 18  
2 1 Y 1 A GLU 19  ? A GLU 19  
3 1 Y 1 A GLY 20  ? A GLY 20  
4 1 Y 1 A MET 21  ? A MET 21  
5 1 Y 1 A HIS 160 ? A HIS 160 
6 1 Y 1 A HIS 161 ? A HIS 161 
7 1 Y 1 A HIS 162 ? A HIS 162 
8 1 Y 1 A HIS 163 ? A HIS 163 
9 1 Y 1 A HIS 164 ? A HIS 164 
# 
loop_
_chem_comp_atom.comp_id 
_chem_comp_atom.atom_id 
_chem_comp_atom.type_symbol 
_chem_comp_atom.pdbx_aromatic_flag 
_chem_comp_atom.pdbx_stereo_config 
_chem_comp_atom.pdbx_ordinal 
ALA N    N N N 1   
ALA CA   C N S 2   
ALA C    C N N 3   
ALA O    O N N 4   
ALA CB   C N N 5   
ALA OXT  O N N 6   
ALA H    H N N 7   
ALA H2   H N N 8   
ALA HA   H N N 9   
ALA HB1  H N N 10  
ALA HB2  H N N 11  
ALA HB3  H N N 12  
ALA HXT  H N N 13  
ARG N    N N N 14  
ARG CA   C N S 15  
ARG C    C N N 16  
ARG O    O N N 17  
ARG CB   C N N 18  
ARG CG   C N N 19  
ARG CD   C N N 20  
ARG NE   N N N 21  
ARG CZ   C N N 22  
ARG NH1  N N N 23  
ARG NH2  N N N 24  
ARG OXT  O N N 25  
ARG H    H N N 26  
ARG H2   H N N 27  
ARG HA   H N N 28  
ARG HB2  H N N 29  
ARG HB3  H N N 30  
ARG HG2  H N N 31  
ARG HG3  H N N 32  
ARG HD2  H N N 33  
ARG HD3  H N N 34  
ARG HE   H N N 35  
ARG HH11 H N N 36  
ARG HH12 H N N 37  
ARG HH21 H N N 38  
ARG HH22 H N N 39  
ARG HXT  H N N 40  
ASN N    N N N 41  
ASN CA   C N S 42  
ASN C    C N N 43  
ASN O    O N N 44  
ASN CB   C N N 45  
ASN CG   C N N 46  
ASN OD1  O N N 47  
ASN ND2  N N N 48  
ASN OXT  O N N 49  
ASN H    H N N 50  
ASN H2   H N N 51  
ASN HA   H N N 52  
ASN HB2  H N N 53  
ASN HB3  H N N 54  
ASN HD21 H N N 55  
ASN HD22 H N N 56  
ASN HXT  H N N 57  
ASP N    N N N 58  
ASP CA   C N S 59  
ASP C    C N N 60  
ASP O    O N N 61  
ASP CB   C N N 62  
ASP CG   C N N 63  
ASP OD1  O N N 64  
ASP OD2  O N N 65  
ASP OXT  O N N 66  
ASP H    H N N 67  
ASP H2   H N N 68  
ASP HA   H N N 69  
ASP HB2  H N N 70  
ASP HB3  H N N 71  
ASP HD2  H N N 72  
ASP HXT  H N N 73  
GLN N    N N N 74  
GLN CA   C N S 75  
GLN C    C N N 76  
GLN O    O N N 77  
GLN CB   C N N 78  
GLN CG   C N N 79  
GLN CD   C N N 80  
GLN OE1  O N N 81  
GLN NE2  N N N 82  
GLN OXT  O N N 83  
GLN H    H N N 84  
GLN H2   H N N 85  
GLN HA   H N N 86  
GLN HB2  H N N 87  
GLN HB3  H N N 88  
GLN HG2  H N N 89  
GLN HG3  H N N 90  
GLN HE21 H N N 91  
GLN HE22 H N N 92  
GLN HXT  H N N 93  
GLU N    N N N 94  
GLU CA   C N S 95  
GLU C    C N N 96  
GLU O    O N N 97  
GLU CB   C N N 98  
GLU CG   C N N 99  
GLU CD   C N N 100 
GLU OE1  O N N 101 
GLU OE2  O N N 102 
GLU OXT  O N N 103 
GLU H    H N N 104 
GLU H2   H N N 105 
GLU HA   H N N 106 
GLU HB2  H N N 107 
GLU HB3  H N N 108 
GLU HG2  H N N 109 
GLU HG3  H N N 110 
GLU HE2  H N N 111 
GLU HXT  H N N 112 
GLY N    N N N 113 
GLY CA   C N N 114 
GLY C    C N N 115 
GLY O    O N N 116 
GLY OXT  O N N 117 
GLY H    H N N 118 
GLY H2   H N N 119 
GLY HA2  H N N 120 
GLY HA3  H N N 121 
GLY HXT  H N N 122 
HIS N    N N N 123 
HIS CA   C N S 124 
HIS C    C N N 125 
HIS O    O N N 126 
HIS CB   C N N 127 
HIS CG   C Y N 128 
HIS ND1  N Y N 129 
HIS CD2  C Y N 130 
HIS CE1  C Y N 131 
HIS NE2  N Y N 132 
HIS OXT  O N N 133 
HIS H    H N N 134 
HIS H2   H N N 135 
HIS HA   H N N 136 
HIS HB2  H N N 137 
HIS HB3  H N N 138 
HIS HD1  H N N 139 
HIS HD2  H N N 140 
HIS HE1  H N N 141 
HIS HE2  H N N 142 
HIS HXT  H N N 143 
HOH O    O N N 144 
HOH H1   H N N 145 
HOH H2   H N N 146 
ILE N    N N N 147 
ILE CA   C N S 148 
ILE C    C N N 149 
ILE O    O N N 150 
ILE CB   C N S 151 
ILE CG1  C N N 152 
ILE CG2  C N N 153 
ILE CD1  C N N 154 
ILE OXT  O N N 155 
ILE H    H N N 156 
ILE H2   H N N 157 
ILE HA   H N N 158 
ILE HB   H N N 159 
ILE HG12 H N N 160 
ILE HG13 H N N 161 
ILE HG21 H N N 162 
ILE HG22 H N N 163 
ILE HG23 H N N 164 
ILE HD11 H N N 165 
ILE HD12 H N N 166 
ILE HD13 H N N 167 
ILE HXT  H N N 168 
LEU N    N N N 169 
LEU CA   C N S 170 
LEU C    C N N 171 
LEU O    O N N 172 
LEU CB   C N N 173 
LEU CG   C N N 174 
LEU CD1  C N N 175 
LEU CD2  C N N 176 
LEU OXT  O N N 177 
LEU H    H N N 178 
LEU H2   H N N 179 
LEU HA   H N N 180 
LEU HB2  H N N 181 
LEU HB3  H N N 182 
LEU HG   H N N 183 
LEU HD11 H N N 184 
LEU HD12 H N N 185 
LEU HD13 H N N 186 
LEU HD21 H N N 187 
LEU HD22 H N N 188 
LEU HD23 H N N 189 
LEU HXT  H N N 190 
LYS N    N N N 191 
LYS CA   C N S 192 
LYS C    C N N 193 
LYS O    O N N 194 
LYS CB   C N N 195 
LYS CG   C N N 196 
LYS CD   C N N 197 
LYS CE   C N N 198 
LYS NZ   N N N 199 
LYS OXT  O N N 200 
LYS H    H N N 201 
LYS H2   H N N 202 
LYS HA   H N N 203 
LYS HB2  H N N 204 
LYS HB3  H N N 205 
LYS HG2  H N N 206 
LYS HG3  H N N 207 
LYS HD2  H N N 208 
LYS HD3  H N N 209 
LYS HE2  H N N 210 
LYS HE3  H N N 211 
LYS HZ1  H N N 212 
LYS HZ2  H N N 213 
LYS HZ3  H N N 214 
LYS HXT  H N N 215 
MET N    N N N 216 
MET CA   C N S 217 
MET C    C N N 218 
MET O    O N N 219 
MET CB   C N N 220 
MET CG   C N N 221 
MET SD   S N N 222 
MET CE   C N N 223 
MET OXT  O N N 224 
MET H    H N N 225 
MET H2   H N N 226 
MET HA   H N N 227 
MET HB2  H N N 228 
MET HB3  H N N 229 
MET HG2  H N N 230 
MET HG3  H N N 231 
MET HE1  H N N 232 
MET HE2  H N N 233 
MET HE3  H N N 234 
MET HXT  H N N 235 
PHE N    N N N 236 
PHE CA   C N S 237 
PHE C    C N N 238 
PHE O    O N N 239 
PHE CB   C N N 240 
PHE CG   C Y N 241 
PHE CD1  C Y N 242 
PHE CD2  C Y N 243 
PHE CE1  C Y N 244 
PHE CE2  C Y N 245 
PHE CZ   C Y N 246 
PHE OXT  O N N 247 
PHE H    H N N 248 
PHE H2   H N N 249 
PHE HA   H N N 250 
PHE HB2  H N N 251 
PHE HB3  H N N 252 
PHE HD1  H N N 253 
PHE HD2  H N N 254 
PHE HE1  H N N 255 
PHE HE2  H N N 256 
PHE HZ   H N N 257 
PHE HXT  H N N 258 
PRO N    N N N 259 
PRO CA   C N S 260 
PRO C    C N N 261 
PRO O    O N N 262 
PRO CB   C N N 263 
PRO CG   C N N 264 
PRO CD   C N N 265 
PRO OXT  O N N 266 
PRO H    H N N 267 
PRO HA   H N N 268 
PRO HB2  H N N 269 
PRO HB3  H N N 270 
PRO HG2  H N N 271 
PRO HG3  H N N 272 
PRO HD2  H N N 273 
PRO HD3  H N N 274 
PRO HXT  H N N 275 
SER N    N N N 276 
SER CA   C N S 277 
SER C    C N N 278 
SER O    O N N 279 
SER CB   C N N 280 
SER OG   O N N 281 
SER OXT  O N N 282 
SER H    H N N 283 
SER H2   H N N 284 
SER HA   H N N 285 
SER HB2  H N N 286 
SER HB3  H N N 287 
SER HG   H N N 288 
SER HXT  H N N 289 
THR N    N N N 290 
THR CA   C N S 291 
THR C    C N N 292 
THR O    O N N 293 
THR CB   C N R 294 
THR OG1  O N N 295 
THR CG2  C N N 296 
THR OXT  O N N 297 
THR H    H N N 298 
THR H2   H N N 299 
THR HA   H N N 300 
THR HB   H N N 301 
THR HG1  H N N 302 
THR HG21 H N N 303 
THR HG22 H N N 304 
THR HG23 H N N 305 
THR HXT  H N N 306 
TRP N    N N N 307 
TRP CA   C N S 308 
TRP C    C N N 309 
TRP O    O N N 310 
TRP CB   C N N 311 
TRP CG   C Y N 312 
TRP CD1  C Y N 313 
TRP CD2  C Y N 314 
TRP NE1  N Y N 315 
TRP CE2  C Y N 316 
TRP CE3  C Y N 317 
TRP CZ2  C Y N 318 
TRP CZ3  C Y N 319 
TRP CH2  C Y N 320 
TRP OXT  O N N 321 
TRP H    H N N 322 
TRP H2   H N N 323 
TRP HA   H N N 324 
TRP HB2  H N N 325 
TRP HB3  H N N 326 
TRP HD1  H N N 327 
TRP HE1  H N N 328 
TRP HE3  H N N 329 
TRP HZ2  H N N 330 
TRP HZ3  H N N 331 
TRP HH2  H N N 332 
TRP HXT  H N N 333 
TYR N    N N N 334 
TYR CA   C N S 335 
TYR C    C N N 336 
TYR O    O N N 337 
TYR CB   C N N 338 
TYR CG   C Y N 339 
TYR CD1  C Y N 340 
TYR CD2  C Y N 341 
TYR CE1  C Y N 342 
TYR CE2  C Y N 343 
TYR CZ   C Y N 344 
TYR OH   O N N 345 
TYR OXT  O N N 346 
TYR H    H N N 347 
TYR H2   H N N 348 
TYR HA   H N N 349 
TYR HB2  H N N 350 
TYR HB3  H N N 351 
TYR HD1  H N N 352 
TYR HD2  H N N 353 
TYR HE1  H N N 354 
TYR HE2  H N N 355 
TYR HH   H N N 356 
TYR HXT  H N N 357 
VAL N    N N N 358 
VAL CA   C N S 359 
VAL C    C N N 360 
VAL O    O N N 361 
VAL CB   C N N 362 
VAL CG1  C N N 363 
VAL CG2  C N N 364 
VAL OXT  O N N 365 
VAL H    H N N 366 
VAL H2   H N N 367 
VAL HA   H N N 368 
VAL HB   H N N 369 
VAL HG11 H N N 370 
VAL HG12 H N N 371 
VAL HG13 H N N 372 
VAL HG21 H N N 373 
VAL HG22 H N N 374 
VAL HG23 H N N 375 
VAL HXT  H N N 376 
# 
loop_
_chem_comp_bond.comp_id 
_chem_comp_bond.atom_id_1 
_chem_comp_bond.atom_id_2 
_chem_comp_bond.value_order 
_chem_comp_bond.pdbx_aromatic_flag 
_chem_comp_bond.pdbx_stereo_config 
_chem_comp_bond.pdbx_ordinal 
ALA N   CA   sing N N 1   
ALA N   H    sing N N 2   
ALA N   H2   sing N N 3   
ALA CA  C    sing N N 4   
ALA CA  CB   sing N N 5   
ALA CA  HA   sing N N 6   
ALA C   O    doub N N 7   
ALA C   OXT  sing N N 8   
ALA CB  HB1  sing N N 9   
ALA CB  HB2  sing N N 10  
ALA CB  HB3  sing N N 11  
ALA OXT HXT  sing N N 12  
ARG N   CA   sing N N 13  
ARG N   H    sing N N 14  
ARG N   H2   sing N N 15  
ARG CA  C    sing N N 16  
ARG CA  CB   sing N N 17  
ARG CA  HA   sing N N 18  
ARG C   O    doub N N 19  
ARG C   OXT  sing N N 20  
ARG CB  CG   sing N N 21  
ARG CB  HB2  sing N N 22  
ARG CB  HB3  sing N N 23  
ARG CG  CD   sing N N 24  
ARG CG  HG2  sing N N 25  
ARG CG  HG3  sing N N 26  
ARG CD  NE   sing N N 27  
ARG CD  HD2  sing N N 28  
ARG CD  HD3  sing N N 29  
ARG NE  CZ   sing N N 30  
ARG NE  HE   sing N N 31  
ARG CZ  NH1  sing N N 32  
ARG CZ  NH2  doub N N 33  
ARG NH1 HH11 sing N N 34  
ARG NH1 HH12 sing N N 35  
ARG NH2 HH21 sing N N 36  
ARG NH2 HH22 sing N N 37  
ARG OXT HXT  sing N N 38  
ASN N   CA   sing N N 39  
ASN N   H    sing N N 40  
ASN N   H2   sing N N 41  
ASN CA  C    sing N N 42  
ASN CA  CB   sing N N 43  
ASN CA  HA   sing N N 44  
ASN C   O    doub N N 45  
ASN C   OXT  sing N N 46  
ASN CB  CG   sing N N 47  
ASN CB  HB2  sing N N 48  
ASN CB  HB3  sing N N 49  
ASN CG  OD1  doub N N 50  
ASN CG  ND2  sing N N 51  
ASN ND2 HD21 sing N N 52  
ASN ND2 HD22 sing N N 53  
ASN OXT HXT  sing N N 54  
ASP N   CA   sing N N 55  
ASP N   H    sing N N 56  
ASP N   H2   sing N N 57  
ASP CA  C    sing N N 58  
ASP CA  CB   sing N N 59  
ASP CA  HA   sing N N 60  
ASP C   O    doub N N 61  
ASP C   OXT  sing N N 62  
ASP CB  CG   sing N N 63  
ASP CB  HB2  sing N N 64  
ASP CB  HB3  sing N N 65  
ASP CG  OD1  doub N N 66  
ASP CG  OD2  sing N N 67  
ASP OD2 HD2  sing N N 68  
ASP OXT HXT  sing N N 69  
GLN N   CA   sing N N 70  
GLN N   H    sing N N 71  
GLN N   H2   sing N N 72  
GLN CA  C    sing N N 73  
GLN CA  CB   sing N N 74  
GLN CA  HA   sing N N 75  
GLN C   O    doub N N 76  
GLN C   OXT  sing N N 77  
GLN CB  CG   sing N N 78  
GLN CB  HB2  sing N N 79  
GLN CB  HB3  sing N N 80  
GLN CG  CD   sing N N 81  
GLN CG  HG2  sing N N 82  
GLN CG  HG3  sing N N 83  
GLN CD  OE1  doub N N 84  
GLN CD  NE2  sing N N 85  
GLN NE2 HE21 sing N N 86  
GLN NE2 HE22 sing N N 87  
GLN OXT HXT  sing N N 88  
GLU N   CA   sing N N 89  
GLU N   H    sing N N 90  
GLU N   H2   sing N N 91  
GLU CA  C    sing N N 92  
GLU CA  CB   sing N N 93  
GLU CA  HA   sing N N 94  
GLU C   O    doub N N 95  
GLU C   OXT  sing N N 96  
GLU CB  CG   sing N N 97  
GLU CB  HB2  sing N N 98  
GLU CB  HB3  sing N N 99  
GLU CG  CD   sing N N 100 
GLU CG  HG2  sing N N 101 
GLU CG  HG3  sing N N 102 
GLU CD  OE1  doub N N 103 
GLU CD  OE2  sing N N 104 
GLU OE2 HE2  sing N N 105 
GLU OXT HXT  sing N N 106 
GLY N   CA   sing N N 107 
GLY N   H    sing N N 108 
GLY N   H2   sing N N 109 
GLY CA  C    sing N N 110 
GLY CA  HA2  sing N N 111 
GLY CA  HA3  sing N N 112 
GLY C   O    doub N N 113 
GLY C   OXT  sing N N 114 
GLY OXT HXT  sing N N 115 
HIS N   CA   sing N N 116 
HIS N   H    sing N N 117 
HIS N   H2   sing N N 118 
HIS CA  C    sing N N 119 
HIS CA  CB   sing N N 120 
HIS CA  HA   sing N N 121 
HIS C   O    doub N N 122 
HIS C   OXT  sing N N 123 
HIS CB  CG   sing N N 124 
HIS CB  HB2  sing N N 125 
HIS CB  HB3  sing N N 126 
HIS CG  ND1  sing Y N 127 
HIS CG  CD2  doub Y N 128 
HIS ND1 CE1  doub Y N 129 
HIS ND1 HD1  sing N N 130 
HIS CD2 NE2  sing Y N 131 
HIS CD2 HD2  sing N N 132 
HIS CE1 NE2  sing Y N 133 
HIS CE1 HE1  sing N N 134 
HIS NE2 HE2  sing N N 135 
HIS OXT HXT  sing N N 136 
HOH O   H1   sing N N 137 
HOH O   H2   sing N N 138 
ILE N   CA   sing N N 139 
ILE N   H    sing N N 140 
ILE N   H2   sing N N 141 
ILE CA  C    sing N N 142 
ILE CA  CB   sing N N 143 
ILE CA  HA   sing N N 144 
ILE C   O    doub N N 145 
ILE C   OXT  sing N N 146 
ILE CB  CG1  sing N N 147 
ILE CB  CG2  sing N N 148 
ILE CB  HB   sing N N 149 
ILE CG1 CD1  sing N N 150 
ILE CG1 HG12 sing N N 151 
ILE CG1 HG13 sing N N 152 
ILE CG2 HG21 sing N N 153 
ILE CG2 HG22 sing N N 154 
ILE CG2 HG23 sing N N 155 
ILE CD1 HD11 sing N N 156 
ILE CD1 HD12 sing N N 157 
ILE CD1 HD13 sing N N 158 
ILE OXT HXT  sing N N 159 
LEU N   CA   sing N N 160 
LEU N   H    sing N N 161 
LEU N   H2   sing N N 162 
LEU CA  C    sing N N 163 
LEU CA  CB   sing N N 164 
LEU CA  HA   sing N N 165 
LEU C   O    doub N N 166 
LEU C   OXT  sing N N 167 
LEU CB  CG   sing N N 168 
LEU CB  HB2  sing N N 169 
LEU CB  HB3  sing N N 170 
LEU CG  CD1  sing N N 171 
LEU CG  CD2  sing N N 172 
LEU CG  HG   sing N N 173 
LEU CD1 HD11 sing N N 174 
LEU CD1 HD12 sing N N 175 
LEU CD1 HD13 sing N N 176 
LEU CD2 HD21 sing N N 177 
LEU CD2 HD22 sing N N 178 
LEU CD2 HD23 sing N N 179 
LEU OXT HXT  sing N N 180 
LYS N   CA   sing N N 181 
LYS N   H    sing N N 182 
LYS N   H2   sing N N 183 
LYS CA  C    sing N N 184 
LYS CA  CB   sing N N 185 
LYS CA  HA   sing N N 186 
LYS C   O    doub N N 187 
LYS C   OXT  sing N N 188 
LYS CB  CG   sing N N 189 
LYS CB  HB2  sing N N 190 
LYS CB  HB3  sing N N 191 
LYS CG  CD   sing N N 192 
LYS CG  HG2  sing N N 193 
LYS CG  HG3  sing N N 194 
LYS CD  CE   sing N N 195 
LYS CD  HD2  sing N N 196 
LYS CD  HD3  sing N N 197 
LYS CE  NZ   sing N N 198 
LYS CE  HE2  sing N N 199 
LYS CE  HE3  sing N N 200 
LYS NZ  HZ1  sing N N 201 
LYS NZ  HZ2  sing N N 202 
LYS NZ  HZ3  sing N N 203 
LYS OXT HXT  sing N N 204 
MET N   CA   sing N N 205 
MET N   H    sing N N 206 
MET N   H2   sing N N 207 
MET CA  C    sing N N 208 
MET CA  CB   sing N N 209 
MET CA  HA   sing N N 210 
MET C   O    doub N N 211 
MET C   OXT  sing N N 212 
MET CB  CG   sing N N 213 
MET CB  HB2  sing N N 214 
MET CB  HB3  sing N N 215 
MET CG  SD   sing N N 216 
MET CG  HG2  sing N N 217 
MET CG  HG3  sing N N 218 
MET SD  CE   sing N N 219 
MET CE  HE1  sing N N 220 
MET CE  HE2  sing N N 221 
MET CE  HE3  sing N N 222 
MET OXT HXT  sing N N 223 
PHE N   CA   sing N N 224 
PHE N   H    sing N N 225 
PHE N   H2   sing N N 226 
PHE CA  C    sing N N 227 
PHE CA  CB   sing N N 228 
PHE CA  HA   sing N N 229 
PHE C   O    doub N N 230 
PHE C   OXT  sing N N 231 
PHE CB  CG   sing N N 232 
PHE CB  HB2  sing N N 233 
PHE CB  HB3  sing N N 234 
PHE CG  CD1  doub Y N 235 
PHE CG  CD2  sing Y N 236 
PHE CD1 CE1  sing Y N 237 
PHE CD1 HD1  sing N N 238 
PHE CD2 CE2  doub Y N 239 
PHE CD2 HD2  sing N N 240 
PHE CE1 CZ   doub Y N 241 
PHE CE1 HE1  sing N N 242 
PHE CE2 CZ   sing Y N 243 
PHE CE2 HE2  sing N N 244 
PHE CZ  HZ   sing N N 245 
PHE OXT HXT  sing N N 246 
PRO N   CA   sing N N 247 
PRO N   CD   sing N N 248 
PRO N   H    sing N N 249 
PRO CA  C    sing N N 250 
PRO CA  CB   sing N N 251 
PRO CA  HA   sing N N 252 
PRO C   O    doub N N 253 
PRO C   OXT  sing N N 254 
PRO CB  CG   sing N N 255 
PRO CB  HB2  sing N N 256 
PRO CB  HB3  sing N N 257 
PRO CG  CD   sing N N 258 
PRO CG  HG2  sing N N 259 
PRO CG  HG3  sing N N 260 
PRO CD  HD2  sing N N 261 
PRO CD  HD3  sing N N 262 
PRO OXT HXT  sing N N 263 
SER N   CA   sing N N 264 
SER N   H    sing N N 265 
SER N   H2   sing N N 266 
SER CA  C    sing N N 267 
SER CA  CB   sing N N 268 
SER CA  HA   sing N N 269 
SER C   O    doub N N 270 
SER C   OXT  sing N N 271 
SER CB  OG   sing N N 272 
SER CB  HB2  sing N N 273 
SER CB  HB3  sing N N 274 
SER OG  HG   sing N N 275 
SER OXT HXT  sing N N 276 
THR N   CA   sing N N 277 
THR N   H    sing N N 278 
THR N   H2   sing N N 279 
THR CA  C    sing N N 280 
THR CA  CB   sing N N 281 
THR CA  HA   sing N N 282 
THR C   O    doub N N 283 
THR C   OXT  sing N N 284 
THR CB  OG1  sing N N 285 
THR CB  CG2  sing N N 286 
THR CB  HB   sing N N 287 
THR OG1 HG1  sing N N 288 
THR CG2 HG21 sing N N 289 
THR CG2 HG22 sing N N 290 
THR CG2 HG23 sing N N 291 
THR OXT HXT  sing N N 292 
TRP N   CA   sing N N 293 
TRP N   H    sing N N 294 
TRP N   H2   sing N N 295 
TRP CA  C    sing N N 296 
TRP CA  CB   sing N N 297 
TRP CA  HA   sing N N 298 
TRP C   O    doub N N 299 
TRP C   OXT  sing N N 300 
TRP CB  CG   sing N N 301 
TRP CB  HB2  sing N N 302 
TRP CB  HB3  sing N N 303 
TRP CG  CD1  doub Y N 304 
TRP CG  CD2  sing Y N 305 
TRP CD1 NE1  sing Y N 306 
TRP CD1 HD1  sing N N 307 
TRP CD2 CE2  doub Y N 308 
TRP CD2 CE3  sing Y N 309 
TRP NE1 CE2  sing Y N 310 
TRP NE1 HE1  sing N N 311 
TRP CE2 CZ2  sing Y N 312 
TRP CE3 CZ3  doub Y N 313 
TRP CE3 HE3  sing N N 314 
TRP CZ2 CH2  doub Y N 315 
TRP CZ2 HZ2  sing N N 316 
TRP CZ3 CH2  sing Y N 317 
TRP CZ3 HZ3  sing N N 318 
TRP CH2 HH2  sing N N 319 
TRP OXT HXT  sing N N 320 
TYR N   CA   sing N N 321 
TYR N   H    sing N N 322 
TYR N   H2   sing N N 323 
TYR CA  C    sing N N 324 
TYR CA  CB   sing N N 325 
TYR CA  HA   sing N N 326 
TYR C   O    doub N N 327 
TYR C   OXT  sing N N 328 
TYR CB  CG   sing N N 329 
TYR CB  HB2  sing N N 330 
TYR CB  HB3  sing N N 331 
TYR CG  CD1  doub Y N 332 
TYR CG  CD2  sing Y N 333 
TYR CD1 CE1  sing Y N 334 
TYR CD1 HD1  sing N N 335 
TYR CD2 CE2  doub Y N 336 
TYR CD2 HD2  sing N N 337 
TYR CE1 CZ   doub Y N 338 
TYR CE1 HE1  sing N N 339 
TYR CE2 CZ   sing Y N 340 
TYR CE2 HE2  sing N N 341 
TYR CZ  OH   sing N N 342 
TYR OH  HH   sing N N 343 
TYR OXT HXT  sing N N 344 
VAL N   CA   sing N N 345 
VAL N   H    sing N N 346 
VAL N   H2   sing N N 347 
VAL CA  C    sing N N 348 
VAL CA  CB   sing N N 349 
VAL CA  HA   sing N N 350 
VAL C   O    doub N N 351 
VAL C   OXT  sing N N 352 
VAL CB  CG1  sing N N 353 
VAL CB  CG2  sing N N 354 
VAL CB  HB   sing N N 355 
VAL CG1 HG11 sing N N 356 
VAL CG1 HG12 sing N N 357 
VAL CG1 HG13 sing N N 358 
VAL CG2 HG21 sing N N 359 
VAL CG2 HG22 sing N N 360 
VAL CG2 HG23 sing N N 361 
VAL OXT HXT  sing N N 362 
# 
_pdbx_audit_support.funding_organization   'Ministry for Food, Agriculture, Forestry and Fisheries' 
_pdbx_audit_support.country                'Korea, Republic Of' 
_pdbx_audit_support.grant_number           ? 
_pdbx_audit_support.ordinal                1 
# 
_pdbx_entity_nonpoly.entity_id   2 
_pdbx_entity_nonpoly.name        water 
_pdbx_entity_nonpoly.comp_id     HOH 
# 
_pdbx_initial_refinement_model.id               1 
_pdbx_initial_refinement_model.entity_id_list   ? 
_pdbx_initial_refinement_model.type             'experimental model' 
_pdbx_initial_refinement_model.source_name      PDB 
_pdbx_initial_refinement_model.accession_code   4F82 
_pdbx_initial_refinement_model.details          ? 
# 
